data_3MMP
#
_entry.id   3MMP
#
_cell.length_a   254.710
_cell.length_b   139.400
_cell.length_c   101.870
_cell.angle_alpha   90.00
_cell.angle_beta   92.06
_cell.angle_gamma   90.00
#
_symmetry.space_group_name_H-M   'C 1 2 1'
#
loop_
_entity.id
_entity.type
_entity.pdbx_description
1 polymer 'Elongation factor Tu 2, Elongation factor Ts'
2 polymer 'RNA-directed RNA polymerase beta chain'
3 non-polymer (2S)-1-[3-{[(2R)-2-hydroxypropyl]oxy}-2,2-bis({[(2R)-2-hydroxypropyl]oxy}methyl)propoxy]propan-2-ol
4 water water
#
loop_
_entity_poly.entity_id
_entity_poly.type
_entity_poly.pdbx_seq_one_letter_code
_entity_poly.pdbx_strand_id
1 'polypeptide(L)'
;MAEITASLVKELRERTGAGMMDCKKALTEANGDIELAIENMRKSGAIKAAKKAGNVAADGVIKTKIDGNYGIILEVNCQT
DFVAKDAGFQAFADKVLDAAVAGKITDVEVLKAQFEEERVALVAKIGENINIRRVAALEGDVLGSYQHGARIGVLVAAKG
ADEELVKHIAMHVAASKPEFIKPEDVSAEVVEKEYQVQLDIAMQSGKPKEIAEKMVEGRMKKFTGEVSLTGQPFVMEPSK
TVGQLLKEHNAEVTGFIRFEVGEGIEKVETDFAAEVAAMSKQSHMSKEKFERTKPHVNVGTIGHVDHGKTTLTAAITTVL
AKTYGGAARAFDQIDNAPEEKARGITINTSHVEYDTPTRHYAHVDCPGHADYVKNMITGAAQMDGAILVVAATDGPMPQT
REHILLGRQVGVPYIIVFLNKCDMVDDEELLELVEMEVRELLSQYDFPGDDTPIVRGSALKALEGDAEWEAKILELAGFL
DSYIPEPERAIDKPFLLPIEDVFSISGRGTVVTGRVERGIIKVGEEVEIVGIKETQKSTCTGVEMFRKLLDEGRAGENVG
VLLRGIKREEIERGQVLAKPGTIKPHTKFESEVYILSKDEGGRHTPFFKGYRPQFYFRTTDVTGTIELPEGVEMVMPGDN
IKMVVTLIHPIAMDDGLRFAIREGGRTVGAGVVAKVLS
;
A,C
2 'polypeptide(L)'
;MSKTASSRNSLSAQLRRAANTRIEVEGNLALSIANDLLLAYGQSPFNSEAECISFSPRFDGTPDDFRINYLKAEIMSKYD
DFSLGIDTEAVAWEKFLAAEAECALTNARLYRPDYSEDFNFSLGESCIHMARRKIAKLIGDVPSVEGMLRHCRFSGGATT
TNNRSYGHPSFKFALPQACTPRALKYVLALRASTHFDTRISDISPFNKAVTVPKNSKTDRCIAIEPGWNMFFQLGIGGIL
RDRLRCWGIDLNDQTINQRRAHEGSVTNNLATVDLSAASDSISLALCELLLPPGWFEVLMDLRSPKGRLPDGSVVTYEKI
SSMGNGYTFELESLIFASLARSVCEILDLDSSEVTVYGDDIILPSCAVPALREVFKYVGFTTNTKKTFSEGPFRESCGKH
YYSGVDVTPFYIRHRIVSPADLILVLNNLYRWATIDGVWDPRAHSVYLKYRKLLPKQLQRNTIPDGYGDGALVGSVLINP
FAKNRGWIRYVPVITDHTRDRERAELGSYLYDLFSRCLSESNDGLPLRGPSGCDSADLFAIDQLICRSNPTKISRSTGKF
DIQYIACSSRVLAPYGVFQGTKVASLHEA
;
G,F
#
loop_
_chem_comp.id
_chem_comp.type
_chem_comp.name
_chem_comp.formula
PXN non-polymer (2S)-1-[3-{[(2R)-2-hydroxypropyl]oxy}-2,2-bis({[(2R)-2-hydroxypropyl]oxy}methyl)propoxy]propan-2-ol 'C17 H36 O8'
#
# COMPACT_ATOMS: atom_id res chain seq x y z
N ILE A 4 24.92 -49.01 -30.44
CA ILE A 4 23.66 -48.74 -29.75
C ILE A 4 22.77 -47.78 -30.55
N THR A 5 21.96 -48.36 -31.42
CA THR A 5 21.08 -47.59 -32.28
C THR A 5 19.75 -47.31 -31.57
N ALA A 6 19.02 -46.31 -32.04
CA ALA A 6 17.72 -46.00 -31.48
C ALA A 6 16.76 -47.15 -31.76
N SER A 7 16.96 -47.81 -32.90
CA SER A 7 16.11 -48.92 -33.32
C SER A 7 16.16 -50.04 -32.29
N LEU A 8 17.36 -50.31 -31.81
CA LEU A 8 17.58 -51.38 -30.85
C LEU A 8 16.95 -51.05 -29.49
N VAL A 9 17.18 -49.82 -29.03
CA VAL A 9 16.58 -49.36 -27.78
C VAL A 9 15.07 -49.55 -27.83
N LYS A 10 14.47 -49.20 -28.98
CA LYS A 10 13.03 -49.38 -29.17
C LYS A 10 12.64 -50.83 -28.96
N GLU A 11 13.44 -51.73 -29.52
CA GLU A 11 13.22 -53.17 -29.40
C GLU A 11 13.17 -53.58 -27.93
N LEU A 12 14.19 -53.20 -27.18
CA LEU A 12 14.26 -53.51 -25.76
C LEU A 12 13.14 -52.82 -24.99
N ARG A 13 12.65 -51.73 -25.53
CA ARG A 13 11.58 -50.99 -24.87
C ARG A 13 10.29 -51.80 -24.82
N GLU A 14 9.81 -52.21 -25.99
CA GLU A 14 8.51 -52.88 -26.06
C GLU A 14 8.57 -54.32 -25.58
N ARG A 15 9.77 -54.79 -25.28
CA ARG A 15 9.94 -56.12 -24.72
C ARG A 15 9.99 -56.01 -23.20
N THR A 16 10.24 -54.80 -22.71
CA THR A 16 10.56 -54.57 -21.31
C THR A 16 9.55 -53.70 -20.58
N GLY A 17 9.11 -52.62 -21.23
CA GLY A 17 8.22 -51.66 -20.60
C GLY A 17 8.97 -50.68 -19.73
N ALA A 18 10.30 -50.79 -19.73
CA ALA A 18 11.15 -49.91 -18.93
C ALA A 18 11.40 -48.59 -19.65
N GLY A 19 11.73 -47.55 -18.87
CA GLY A 19 11.99 -46.23 -19.40
C GLY A 19 12.97 -46.20 -20.54
N MET A 20 12.87 -45.16 -21.37
CA MET A 20 13.67 -45.04 -22.57
C MET A 20 15.17 -45.08 -22.27
N MET A 21 15.61 -44.25 -21.33
CA MET A 21 17.03 -44.18 -21.00
C MET A 21 17.53 -45.41 -20.24
N ASP A 22 16.65 -46.01 -19.43
CA ASP A 22 16.98 -47.26 -18.75
C ASP A 22 17.39 -48.33 -19.76
N CYS A 23 16.75 -48.30 -20.93
CA CYS A 23 17.07 -49.25 -21.99
C CYS A 23 18.39 -48.88 -22.69
N LYS A 24 18.54 -47.61 -23.02
CA LYS A 24 19.79 -47.10 -23.58
C LYS A 24 20.97 -47.49 -22.69
N LYS A 25 20.84 -47.22 -21.40
CA LYS A 25 21.88 -47.54 -20.43
C LYS A 25 22.17 -49.04 -20.33
N ALA A 26 21.13 -49.84 -20.14
CA ALA A 26 21.30 -51.28 -19.97
C ALA A 26 21.78 -51.96 -21.24
N LEU A 27 21.46 -51.35 -22.38
CA LEU A 27 21.97 -51.82 -23.66
C LEU A 27 23.43 -51.41 -23.84
N THR A 28 23.88 -50.52 -22.97
CA THR A 28 25.27 -50.07 -23.00
C THR A 28 26.19 -51.01 -22.21
N GLU A 29 25.94 -51.17 -20.92
CA GLU A 29 26.80 -52.01 -20.09
C GLU A 29 26.54 -53.50 -20.30
N ALA A 30 25.77 -53.83 -21.32
CA ALA A 30 25.56 -55.23 -21.71
C ALA A 30 25.94 -55.43 -23.17
N ASN A 31 26.58 -54.42 -23.75
CA ASN A 31 26.77 -54.36 -25.19
C ASN A 31 25.43 -54.51 -25.90
N GLY A 32 25.45 -54.71 -27.22
CA GLY A 32 24.23 -54.78 -27.99
C GLY A 32 23.41 -56.04 -27.73
N ASP A 33 23.74 -56.72 -26.63
CA ASP A 33 23.08 -57.96 -26.26
C ASP A 33 21.75 -57.69 -25.54
N ILE A 34 20.65 -57.79 -26.28
CA ILE A 34 19.32 -57.56 -25.72
C ILE A 34 19.03 -58.47 -24.54
N GLU A 35 19.40 -59.74 -24.66
CA GLU A 35 19.06 -60.72 -23.63
C GLU A 35 19.69 -60.43 -22.27
N LEU A 36 20.98 -60.10 -22.25
CA LEU A 36 21.65 -59.74 -21.01
C LEU A 36 21.02 -58.49 -20.43
N ALA A 37 20.67 -57.57 -21.32
CA ALA A 37 20.00 -56.33 -20.93
C ALA A 37 18.71 -56.62 -20.16
N ILE A 38 17.87 -57.51 -20.70
CA ILE A 38 16.66 -57.95 -20.01
C ILE A 38 17.00 -58.33 -18.58
N GLU A 39 18.05 -59.15 -18.42
CA GLU A 39 18.43 -59.69 -17.13
C GLU A 39 18.99 -58.62 -16.19
N ASN A 40 19.89 -57.80 -16.71
CA ASN A 40 20.44 -56.69 -15.94
C ASN A 40 19.35 -55.79 -15.35
N MET A 41 18.40 -55.40 -16.20
CA MET A 41 17.28 -54.56 -15.77
C MET A 41 16.38 -55.30 -14.77
N ARG A 42 16.01 -56.53 -15.12
CA ARG A 42 15.23 -57.36 -14.22
C ARG A 42 15.92 -57.49 -12.85
N LYS A 43 17.25 -57.56 -12.85
CA LYS A 43 18.01 -57.62 -11.61
C LYS A 43 18.04 -56.29 -10.88
N SER A 44 18.12 -55.20 -11.65
CA SER A 44 18.20 -53.86 -11.09
C SER A 44 16.83 -53.35 -10.63
N GLY A 45 15.80 -54.16 -10.87
CA GLY A 45 14.45 -53.80 -10.50
C GLY A 45 14.31 -53.65 -8.99
N ALA A 46 14.95 -54.56 -8.27
CA ALA A 46 14.83 -54.62 -6.82
C ALA A 46 15.14 -53.28 -6.14
N ILE A 47 16.17 -52.60 -6.64
CA ILE A 47 16.59 -51.34 -6.07
C ILE A 47 15.66 -50.21 -6.49
N LYS A 48 15.19 -50.27 -7.73
CA LYS A 48 14.21 -49.29 -8.21
C LYS A 48 12.96 -49.31 -7.35
N ALA A 49 12.48 -50.51 -7.04
CA ALA A 49 11.32 -50.67 -6.16
C ALA A 49 11.66 -50.18 -4.75
N ALA A 50 12.90 -50.42 -4.34
CA ALA A 50 13.38 -50.02 -3.02
C ALA A 50 13.42 -48.50 -2.88
N LYS A 51 13.68 -47.83 -3.99
CA LYS A 51 13.79 -46.37 -4.00
C LYS A 51 12.41 -45.71 -3.92
N LYS A 52 11.43 -46.33 -4.58
CA LYS A 52 10.05 -45.83 -4.52
C LYS A 52 9.41 -46.13 -3.17
N ALA A 53 9.99 -47.10 -2.45
CA ALA A 53 9.40 -47.62 -1.21
C ALA A 53 9.15 -46.59 -0.12
N GLY A 54 9.83 -45.45 -0.20
CA GLY A 54 9.63 -44.38 0.77
C GLY A 54 8.41 -43.52 0.47
N ASN A 55 7.86 -43.68 -0.73
CA ASN A 55 6.70 -42.90 -1.14
C ASN A 55 5.40 -43.34 -0.47
N VAL A 56 4.71 -42.38 0.14
CA VAL A 56 3.36 -42.60 0.64
C VAL A 56 2.43 -43.07 -0.47
N ALA A 57 1.74 -44.18 -0.23
CA ALA A 57 0.80 -44.74 -1.20
C ALA A 57 -0.53 -45.03 -0.52
N ALA A 58 -1.48 -44.11 -0.64
CA ALA A 58 -2.75 -44.25 0.05
C ALA A 58 -3.94 -44.52 -0.88
N ASP A 59 -3.67 -44.66 -2.18
CA ASP A 59 -4.71 -45.07 -3.11
C ASP A 59 -4.62 -46.57 -3.36
N GLY A 60 -5.38 -47.06 -4.34
CA GLY A 60 -5.38 -48.48 -4.67
C GLY A 60 -6.77 -49.10 -4.78
N VAL A 61 -6.89 -50.37 -4.40
CA VAL A 61 -8.15 -51.07 -4.59
C VAL A 61 -8.48 -52.05 -3.45
N ILE A 62 -9.77 -52.23 -3.22
CA ILE A 62 -10.23 -53.35 -2.43
C ILE A 62 -10.76 -54.43 -3.36
N LYS A 63 -10.47 -55.69 -3.03
CA LYS A 63 -10.93 -56.81 -3.83
C LYS A 63 -11.58 -57.88 -2.96
N THR A 64 -12.67 -58.46 -3.47
CA THR A 64 -13.34 -59.53 -2.76
C THR A 64 -13.60 -60.68 -3.71
N LYS A 65 -13.58 -61.89 -3.19
CA LYS A 65 -13.91 -63.04 -3.99
C LYS A 65 -14.48 -64.11 -3.09
N ILE A 66 -15.60 -64.69 -3.52
CA ILE A 66 -16.18 -65.77 -2.74
C ILE A 66 -16.23 -67.08 -3.50
N ASP A 67 -15.83 -68.14 -2.81
CA ASP A 67 -15.93 -69.50 -3.34
C ASP A 67 -16.61 -70.37 -2.29
N GLY A 68 -17.93 -70.50 -2.40
CA GLY A 68 -18.70 -71.27 -1.45
C GLY A 68 -18.87 -70.54 -0.13
N ASN A 69 -18.32 -71.12 0.93
CA ASN A 69 -18.47 -70.56 2.27
C ASN A 69 -17.21 -69.85 2.71
N TYR A 70 -16.20 -69.86 1.84
CA TYR A 70 -14.94 -69.17 2.12
C TYR A 70 -14.82 -67.90 1.27
N GLY A 71 -14.49 -66.79 1.91
CA GLY A 71 -14.33 -65.54 1.20
C GLY A 71 -13.05 -64.83 1.58
N ILE A 72 -12.47 -64.11 0.63
CA ILE A 72 -11.30 -63.28 0.88
C ILE A 72 -11.59 -61.82 0.57
N ILE A 73 -11.03 -60.93 1.39
CA ILE A 73 -11.05 -59.52 1.08
C ILE A 73 -9.62 -58.99 1.14
N LEU A 74 -9.23 -58.20 0.14
CA LEU A 74 -7.83 -57.84 -0.03
C LEU A 74 -7.66 -56.36 -0.35
N GLU A 75 -6.59 -55.76 0.18
CA GLU A 75 -6.24 -54.39 -0.17
C GLU A 75 -4.86 -54.31 -0.79
N VAL A 76 -4.76 -53.63 -1.94
CA VAL A 76 -3.50 -53.40 -2.63
C VAL A 76 -3.36 -51.91 -2.91
N ASN A 77 -2.24 -51.32 -2.50
CA ASN A 77 -2.08 -49.87 -2.58
C ASN A 77 -1.21 -49.40 -3.74
N CYS A 78 -1.39 -48.12 -4.08
CA CYS A 78 -0.53 -47.41 -5.02
C CYS A 78 -0.62 -45.93 -4.70
N GLN A 79 -0.11 -45.07 -5.56
CA GLN A 79 -0.04 -43.65 -5.22
C GLN A 79 -1.20 -42.83 -5.79
N THR A 80 -1.64 -43.16 -7.00
CA THR A 80 -2.73 -42.41 -7.62
C THR A 80 -3.84 -43.32 -8.10
N ASP A 81 -5.06 -42.80 -8.16
CA ASP A 81 -6.17 -43.59 -8.69
C ASP A 81 -6.05 -43.85 -10.20
N PHE A 82 -5.22 -43.07 -10.88
CA PHE A 82 -4.90 -43.39 -12.28
C PHE A 82 -4.27 -44.78 -12.37
N VAL A 83 -3.33 -45.08 -11.47
CA VAL A 83 -2.66 -46.37 -11.50
C VAL A 83 -3.60 -47.47 -10.99
N ALA A 84 -4.43 -47.12 -10.01
CA ALA A 84 -5.45 -48.05 -9.53
C ALA A 84 -6.36 -48.55 -10.67
N LYS A 85 -6.62 -47.68 -11.65
CA LYS A 85 -7.46 -48.03 -12.80
C LYS A 85 -6.73 -48.82 -13.89
N ASP A 86 -5.40 -48.78 -13.85
CA ASP A 86 -4.59 -49.38 -14.91
C ASP A 86 -4.75 -50.90 -15.00
N ALA A 87 -4.72 -51.43 -16.21
CA ALA A 87 -4.95 -52.85 -16.44
C ALA A 87 -3.87 -53.73 -15.80
N GLY A 88 -2.63 -53.24 -15.80
CA GLY A 88 -1.53 -54.00 -15.27
C GLY A 88 -1.60 -54.13 -13.77
N PHE A 89 -1.95 -53.02 -13.12
CA PHE A 89 -2.16 -53.02 -11.68
C PHE A 89 -3.32 -53.93 -11.32
N GLN A 90 -4.41 -53.80 -12.06
CA GLN A 90 -5.59 -54.64 -11.86
C GLN A 90 -5.27 -56.13 -11.99
N ALA A 91 -4.46 -56.46 -12.99
CA ALA A 91 -4.05 -57.84 -13.20
C ALA A 91 -3.26 -58.38 -12.01
N PHE A 92 -2.37 -57.56 -11.48
CA PHE A 92 -1.58 -57.92 -10.31
C PHE A 92 -2.52 -58.25 -9.15
N ALA A 93 -3.38 -57.30 -8.82
CA ALA A 93 -4.28 -57.45 -7.68
C ALA A 93 -5.22 -58.65 -7.84
N ASP A 94 -5.71 -58.89 -9.05
CA ASP A 94 -6.59 -60.03 -9.28
C ASP A 94 -5.83 -61.34 -9.10
N LYS A 95 -4.58 -61.35 -9.55
CA LYS A 95 -3.71 -62.49 -9.37
C LYS A 95 -3.45 -62.76 -7.89
N VAL A 96 -3.14 -61.70 -7.15
CA VAL A 96 -2.94 -61.83 -5.71
C VAL A 96 -4.21 -62.37 -5.06
N LEU A 97 -5.34 -61.74 -5.34
CA LEU A 97 -6.64 -62.13 -4.82
C LEU A 97 -6.94 -63.62 -5.10
N ASP A 98 -6.73 -64.04 -6.35
CA ASP A 98 -6.99 -65.42 -6.74
C ASP A 98 -6.11 -66.39 -5.95
N ALA A 99 -4.86 -66.00 -5.73
CA ALA A 99 -3.92 -66.82 -4.98
C ALA A 99 -4.34 -66.93 -3.52
N ALA A 100 -4.84 -65.84 -2.95
CA ALA A 100 -5.29 -65.85 -1.56
C ALA A 100 -6.45 -66.81 -1.37
N VAL A 101 -7.36 -66.85 -2.34
CA VAL A 101 -8.54 -67.70 -2.23
C VAL A 101 -8.16 -69.17 -2.39
N ALA A 102 -7.44 -69.47 -3.47
CA ALA A 102 -7.07 -70.83 -3.79
C ALA A 102 -6.31 -71.52 -2.66
N GLY A 103 -5.27 -70.86 -2.17
CA GLY A 103 -4.46 -71.39 -1.09
C GLY A 103 -4.85 -70.89 0.29
N LYS A 104 -6.11 -70.47 0.43
CA LYS A 104 -6.63 -69.96 1.69
C LYS A 104 -5.57 -69.20 2.51
N ILE A 105 -4.83 -68.33 1.85
CA ILE A 105 -3.75 -67.58 2.49
C ILE A 105 -4.25 -66.32 3.18
N THR A 106 -4.13 -66.26 4.52
CA THR A 106 -4.57 -65.12 5.30
C THR A 106 -3.40 -64.40 5.99
N ASP A 107 -2.22 -64.98 5.89
CA ASP A 107 -1.01 -64.33 6.39
C ASP A 107 -0.48 -63.39 5.32
N VAL A 108 -0.56 -62.09 5.58
CA VAL A 108 -0.19 -61.10 4.58
C VAL A 108 1.29 -61.24 4.17
N GLU A 109 2.12 -61.76 5.06
CA GLU A 109 3.54 -61.91 4.78
C GLU A 109 3.82 -63.03 3.78
N VAL A 110 3.09 -64.13 3.87
CA VAL A 110 3.21 -65.19 2.88
C VAL A 110 2.79 -64.67 1.51
N LEU A 111 1.71 -63.90 1.51
CA LEU A 111 1.18 -63.34 0.27
C LEU A 111 2.21 -62.40 -0.35
N LYS A 112 2.66 -61.42 0.42
CA LYS A 112 3.73 -60.51 0.00
C LYS A 112 4.91 -61.28 -0.59
N ALA A 113 5.50 -62.16 0.21
CA ALA A 113 6.69 -62.89 -0.19
C ALA A 113 6.51 -63.68 -1.48
N GLN A 114 5.29 -64.16 -1.71
CA GLN A 114 5.01 -64.98 -2.89
C GLN A 114 4.89 -64.15 -4.18
N PHE A 115 4.63 -62.85 -4.04
CA PHE A 115 4.44 -61.98 -5.19
C PHE A 115 5.50 -60.89 -5.28
N GLU A 116 6.46 -60.92 -4.38
CA GLU A 116 7.45 -59.85 -4.29
C GLU A 116 8.19 -59.59 -5.60
N GLU A 117 8.41 -60.65 -6.37
CA GLU A 117 9.13 -60.53 -7.63
C GLU A 117 8.29 -59.77 -8.64
N GLU A 118 7.01 -60.13 -8.74
CA GLU A 118 6.10 -59.45 -9.64
C GLU A 118 5.87 -58.01 -9.21
N ARG A 119 5.74 -57.79 -7.90
CA ARG A 119 5.57 -56.45 -7.35
C ARG A 119 6.72 -55.55 -7.82
N VAL A 120 7.93 -56.03 -7.58
CA VAL A 120 9.14 -55.30 -7.97
C VAL A 120 9.16 -55.02 -9.48
N ALA A 121 8.71 -56.01 -10.25
CA ALA A 121 8.68 -55.86 -11.70
C ALA A 121 7.55 -54.92 -12.11
N LEU A 122 6.51 -54.86 -11.30
CA LEU A 122 5.38 -53.98 -11.59
C LEU A 122 5.73 -52.54 -11.22
N VAL A 123 6.41 -52.37 -10.09
CA VAL A 123 6.85 -51.05 -9.67
C VAL A 123 7.88 -50.54 -10.65
N ALA A 124 8.64 -51.47 -11.23
CA ALA A 124 9.66 -51.12 -12.19
C ALA A 124 9.05 -50.37 -13.37
N LYS A 125 8.00 -50.91 -13.96
CA LYS A 125 7.46 -50.28 -15.15
C LYS A 125 6.31 -49.31 -14.92
N ILE A 126 5.69 -49.33 -13.74
CA ILE A 126 4.63 -48.37 -13.44
C ILE A 126 5.17 -47.14 -12.72
N GLY A 127 6.23 -47.33 -11.94
CA GLY A 127 6.92 -46.20 -11.33
C GLY A 127 6.26 -45.60 -10.10
N GLU A 128 5.30 -46.32 -9.52
CA GLU A 128 4.70 -45.92 -8.26
C GLU A 128 4.97 -46.98 -7.21
N ASN A 129 4.99 -46.57 -5.94
CA ASN A 129 5.14 -47.50 -4.84
C ASN A 129 3.89 -48.35 -4.69
N ILE A 130 3.98 -49.60 -5.11
CA ILE A 130 2.85 -50.51 -5.04
C ILE A 130 3.09 -51.53 -3.95
N ASN A 131 2.09 -51.80 -3.13
CA ASN A 131 2.25 -52.78 -2.06
C ASN A 131 0.95 -53.49 -1.71
N ILE A 132 1.06 -54.80 -1.44
CA ILE A 132 -0.03 -55.53 -0.83
C ILE A 132 -0.05 -55.15 0.64
N ARG A 133 -1.21 -54.71 1.12
CA ARG A 133 -1.29 -54.15 2.45
C ARG A 133 -1.78 -55.16 3.49
N ARG A 134 -3.02 -55.58 3.35
CA ARG A 134 -3.65 -56.50 4.28
C ARG A 134 -4.53 -57.47 3.52
N VAL A 135 -4.77 -58.63 4.13
CA VAL A 135 -5.64 -59.63 3.56
C VAL A 135 -6.36 -60.32 4.72
N ALA A 136 -7.64 -60.64 4.52
CA ALA A 136 -8.42 -61.30 5.55
C ALA A 136 -9.44 -62.24 4.93
N ALA A 137 -9.95 -63.16 5.74
CA ALA A 137 -10.89 -64.18 5.30
C ALA A 137 -12.08 -64.27 6.24
N LEU A 138 -13.21 -64.71 5.70
CA LEU A 138 -14.43 -64.86 6.47
C LEU A 138 -15.16 -66.11 6.00
N GLU A 139 -15.73 -66.86 6.95
CA GLU A 139 -16.51 -68.05 6.64
C GLU A 139 -17.89 -67.97 7.27
N GLY A 140 -18.85 -68.68 6.71
CA GLY A 140 -20.19 -68.76 7.29
C GLY A 140 -21.14 -69.61 6.47
N ASP A 141 -22.32 -69.87 7.04
CA ASP A 141 -23.35 -70.63 6.35
C ASP A 141 -23.63 -70.07 4.96
N VAL A 142 -23.81 -68.74 4.92
CA VAL A 142 -24.07 -68.05 3.67
C VAL A 142 -23.11 -66.87 3.56
N LEU A 143 -22.36 -66.79 2.48
CA LEU A 143 -21.46 -65.67 2.28
C LEU A 143 -21.96 -64.71 1.21
N GLY A 144 -21.81 -63.42 1.48
CA GLY A 144 -22.18 -62.38 0.53
C GLY A 144 -21.11 -61.31 0.43
N SER A 145 -21.10 -60.60 -0.67
CA SER A 145 -20.12 -59.54 -0.86
C SER A 145 -20.71 -58.32 -1.57
N TYR A 146 -20.10 -57.17 -1.32
CA TYR A 146 -20.44 -55.97 -2.04
C TYR A 146 -19.19 -55.17 -2.31
N GLN A 147 -19.01 -54.77 -3.57
CA GLN A 147 -17.99 -53.78 -3.93
C GLN A 147 -18.68 -52.47 -4.29
N HIS A 148 -18.27 -51.41 -3.60
CA HIS A 148 -18.72 -50.08 -3.98
C HIS A 148 -17.58 -49.43 -4.72
N GLY A 149 -17.50 -49.72 -6.01
CA GLY A 149 -16.33 -49.30 -6.79
C GLY A 149 -15.08 -49.98 -6.26
N ALA A 150 -13.95 -49.32 -6.42
CA ALA A 150 -12.67 -49.90 -6.03
C ALA A 150 -12.32 -49.61 -4.58
N ARG A 151 -13.06 -48.67 -4.00
CA ARG A 151 -12.66 -48.05 -2.74
C ARG A 151 -13.13 -48.79 -1.50
N ILE A 152 -14.28 -49.46 -1.61
CA ILE A 152 -14.88 -50.10 -0.44
C ILE A 152 -15.28 -51.54 -0.75
N GLY A 153 -14.81 -52.47 0.09
CA GLY A 153 -15.15 -53.88 -0.05
C GLY A 153 -15.77 -54.44 1.23
N VAL A 154 -16.77 -55.30 1.06
CA VAL A 154 -17.44 -55.89 2.22
C VAL A 154 -17.66 -57.39 2.07
N LEU A 155 -17.34 -58.13 3.13
CA LEU A 155 -17.75 -59.54 3.26
C LEU A 155 -18.77 -59.66 4.37
N VAL A 156 -19.81 -60.43 4.15
CA VAL A 156 -20.76 -60.74 5.21
C VAL A 156 -21.08 -62.24 5.30
N ALA A 157 -21.00 -62.77 6.51
CA ALA A 157 -21.35 -64.16 6.77
C ALA A 157 -22.61 -64.19 7.63
N ALA A 158 -23.58 -65.02 7.26
CA ALA A 158 -24.85 -65.06 7.95
C ALA A 158 -25.40 -66.48 8.08
N LYS A 159 -26.62 -66.57 8.62
CA LYS A 159 -27.27 -67.85 8.89
C LYS A 159 -28.77 -67.69 8.73
N GLY A 160 -29.42 -68.63 8.04
CA GLY A 160 -30.85 -68.56 7.83
C GLY A 160 -31.26 -67.37 6.97
N ALA A 161 -30.32 -66.94 6.12
CA ALA A 161 -30.54 -65.79 5.25
C ALA A 161 -30.25 -66.15 3.80
N ASP A 162 -31.05 -65.62 2.88
CA ASP A 162 -30.84 -65.88 1.46
C ASP A 162 -29.81 -64.94 0.84
N GLU A 163 -29.36 -65.26 -0.36
CA GLU A 163 -28.28 -64.52 -1.02
C GLU A 163 -28.50 -63.00 -1.09
N GLU A 164 -29.73 -62.59 -1.38
CA GLU A 164 -30.01 -61.18 -1.56
C GLU A 164 -30.10 -60.44 -0.22
N LEU A 165 -30.53 -61.14 0.82
CA LEU A 165 -30.57 -60.58 2.15
C LEU A 165 -29.15 -60.22 2.56
N VAL A 166 -28.25 -61.16 2.37
CA VAL A 166 -26.84 -60.96 2.70
C VAL A 166 -26.24 -59.81 1.90
N LYS A 167 -26.57 -59.74 0.61
CA LYS A 167 -26.07 -58.67 -0.25
C LYS A 167 -26.49 -57.30 0.29
N HIS A 168 -27.76 -57.16 0.65
CA HIS A 168 -28.27 -55.92 1.24
C HIS A 168 -27.58 -55.56 2.55
N ILE A 169 -27.31 -56.55 3.40
CA ILE A 169 -26.59 -56.31 4.63
C ILE A 169 -25.17 -55.81 4.33
N ALA A 170 -24.52 -56.44 3.35
CA ALA A 170 -23.19 -56.03 2.93
C ALA A 170 -23.20 -54.58 2.43
N MET A 171 -24.21 -54.21 1.65
CA MET A 171 -24.36 -52.86 1.15
C MET A 171 -24.51 -51.90 2.33
N HIS A 172 -25.27 -52.32 3.33
CA HIS A 172 -25.44 -51.53 4.54
C HIS A 172 -24.11 -51.32 5.24
N VAL A 173 -23.39 -52.41 5.47
CA VAL A 173 -22.13 -52.35 6.19
C VAL A 173 -21.20 -51.36 5.48
N ALA A 174 -21.24 -51.37 4.16
CA ALA A 174 -20.40 -50.51 3.35
C ALA A 174 -20.71 -49.03 3.59
N ALA A 175 -21.99 -48.73 3.81
CA ALA A 175 -22.43 -47.35 3.98
C ALA A 175 -22.37 -46.86 5.43
N SER A 176 -22.69 -47.75 6.38
CA SER A 176 -22.83 -47.33 7.78
C SER A 176 -21.65 -47.74 8.70
N LYS A 177 -20.72 -48.52 8.16
CA LYS A 177 -19.49 -48.87 8.88
C LYS A 177 -19.69 -49.33 10.32
N PRO A 178 -20.57 -50.32 10.57
CA PRO A 178 -20.63 -50.77 11.96
C PRO A 178 -19.25 -51.30 12.40
N GLU A 179 -18.90 -51.13 13.66
CA GLU A 179 -17.66 -51.70 14.20
C GLU A 179 -17.93 -53.10 14.73
N PHE A 180 -19.10 -53.28 15.33
CA PHE A 180 -19.48 -54.54 15.95
C PHE A 180 -20.77 -55.06 15.34
N ILE A 181 -21.10 -56.30 15.66
CA ILE A 181 -22.37 -56.90 15.22
C ILE A 181 -23.49 -56.39 16.11
N LYS A 182 -23.33 -56.60 17.41
CA LYS A 182 -24.35 -56.26 18.40
C LYS A 182 -23.76 -55.40 19.50
N PRO A 183 -24.62 -54.57 20.12
CA PRO A 183 -24.20 -53.68 21.21
C PRO A 183 -23.40 -54.42 22.27
N GLU A 184 -23.87 -55.60 22.68
CA GLU A 184 -23.22 -56.39 23.72
C GLU A 184 -21.79 -56.76 23.35
N ASP A 185 -21.54 -56.94 22.07
CA ASP A 185 -20.23 -57.34 21.58
C ASP A 185 -19.16 -56.29 21.81
N VAL A 186 -19.57 -55.03 22.01
CA VAL A 186 -18.62 -53.95 22.21
C VAL A 186 -17.68 -54.29 23.36
N SER A 187 -16.38 -54.29 23.09
CA SER A 187 -15.39 -54.62 24.12
C SER A 187 -15.77 -53.91 25.42
N ALA A 188 -16.48 -54.66 26.27
CA ALA A 188 -17.13 -54.09 27.45
C ALA A 188 -16.14 -53.37 28.37
N GLU A 189 -14.86 -53.63 28.19
CA GLU A 189 -13.84 -53.01 29.02
C GLU A 189 -13.29 -51.74 28.38
N VAL A 190 -13.66 -51.50 27.12
CA VAL A 190 -13.19 -50.34 26.40
C VAL A 190 -14.19 -49.19 26.50
N VAL A 191 -15.35 -49.49 27.08
CA VAL A 191 -16.38 -48.46 27.25
C VAL A 191 -16.56 -48.08 28.70
N GLU A 192 -16.03 -48.90 29.61
CA GLU A 192 -16.13 -48.58 31.03
C GLU A 192 -15.07 -47.57 31.45
N LYS A 193 -14.07 -47.39 30.60
CA LYS A 193 -13.10 -46.32 30.80
C LYS A 193 -13.68 -45.04 30.21
N GLU A 194 -14.43 -45.19 29.13
CA GLU A 194 -15.07 -44.05 28.48
C GLU A 194 -16.33 -43.60 29.23
N TYR A 195 -16.84 -44.49 30.08
CA TYR A 195 -17.94 -44.17 31.00
C TYR A 195 -17.41 -43.51 32.26
N GLN A 196 -16.16 -43.82 32.62
CA GLN A 196 -15.51 -43.20 33.77
C GLN A 196 -14.84 -41.92 33.33
N VAL A 197 -14.69 -41.77 32.01
CA VAL A 197 -14.21 -40.54 31.41
C VAL A 197 -15.36 -39.56 31.17
N GLN A 198 -16.52 -40.11 30.81
CA GLN A 198 -17.72 -39.34 30.47
C GLN A 198 -18.41 -38.72 31.67
N LEU A 199 -18.41 -39.44 32.80
CA LEU A 199 -19.11 -39.02 34.00
C LEU A 199 -18.32 -38.00 34.79
N ASP A 200 -17.03 -37.89 34.50
CA ASP A 200 -16.25 -36.76 35.00
C ASP A 200 -16.69 -35.50 34.27
N ILE A 201 -16.73 -35.57 32.94
CA ILE A 201 -17.21 -34.48 32.11
C ILE A 201 -18.55 -33.96 32.62
N ALA A 202 -19.46 -34.89 32.87
CA ALA A 202 -20.81 -34.52 33.30
C ALA A 202 -20.83 -33.95 34.72
N MET A 203 -20.10 -34.61 35.62
CA MET A 203 -20.26 -34.32 37.05
C MET A 203 -19.51 -33.09 37.55
N GLN A 204 -19.15 -32.20 36.63
CA GLN A 204 -18.48 -30.97 37.02
C GLN A 204 -19.45 -29.82 37.25
N SER A 205 -20.59 -29.86 36.57
CA SER A 205 -21.61 -28.82 36.73
C SER A 205 -22.04 -28.72 38.19
N GLY A 206 -21.63 -29.70 38.99
CA GLY A 206 -22.11 -29.83 40.36
C GLY A 206 -23.42 -30.59 40.33
N LYS A 207 -23.77 -31.11 39.16
CA LYS A 207 -25.00 -31.86 38.96
C LYS A 207 -24.92 -33.17 39.71
N PRO A 208 -25.97 -33.48 40.47
CA PRO A 208 -26.05 -34.64 41.37
C PRO A 208 -25.36 -35.88 40.80
N LYS A 209 -24.83 -36.70 41.69
CA LYS A 209 -24.17 -37.93 41.31
C LYS A 209 -25.08 -38.69 40.36
N GLU A 210 -26.25 -39.03 40.85
CA GLU A 210 -27.25 -39.79 40.09
C GLU A 210 -27.53 -39.23 38.69
N ILE A 211 -27.60 -37.90 38.57
CA ILE A 211 -27.97 -37.27 37.30
C ILE A 211 -26.96 -37.55 36.20
N ALA A 212 -25.70 -37.23 36.46
CA ALA A 212 -24.66 -37.41 35.45
C ALA A 212 -24.52 -38.88 35.05
N GLU A 213 -24.51 -39.76 36.05
CA GLU A 213 -24.36 -41.19 35.80
C GLU A 213 -25.47 -41.65 34.89
N LYS A 214 -26.69 -41.30 35.28
CA LYS A 214 -27.88 -41.67 34.55
C LYS A 214 -27.82 -41.12 33.11
N MET A 215 -27.36 -39.88 32.95
CA MET A 215 -27.28 -39.30 31.60
C MET A 215 -26.18 -39.94 30.76
N VAL A 216 -25.02 -40.16 31.38
CA VAL A 216 -23.91 -40.85 30.72
C VAL A 216 -24.33 -42.26 30.30
N GLU A 217 -25.01 -42.96 31.20
CA GLU A 217 -25.48 -44.30 30.91
C GLU A 217 -26.36 -44.31 29.65
N GLY A 218 -27.35 -43.42 29.62
CA GLY A 218 -28.22 -43.28 28.45
C GLY A 218 -27.49 -42.90 27.16
N ARG A 219 -26.55 -41.97 27.27
CA ARG A 219 -25.64 -41.64 26.17
C ARG A 219 -24.87 -42.86 25.67
N MET A 220 -24.21 -43.57 26.59
CA MET A 220 -23.43 -44.75 26.23
C MET A 220 -24.29 -45.82 25.54
N LYS A 221 -25.57 -45.86 25.85
CA LYS A 221 -26.42 -46.90 25.30
C LYS A 221 -26.66 -46.69 23.81
N LYS A 222 -27.00 -45.46 23.42
CA LYS A 222 -27.24 -45.15 22.01
C LYS A 222 -25.95 -45.03 21.20
N PHE A 223 -24.86 -44.65 21.87
CA PHE A 223 -23.54 -44.65 21.25
C PHE A 223 -23.16 -46.06 20.83
N THR A 224 -23.51 -47.02 21.67
CA THR A 224 -23.22 -48.42 21.42
C THR A 224 -24.16 -49.00 20.36
N GLY A 225 -25.37 -48.47 20.30
CA GLY A 225 -26.33 -48.87 19.28
C GLY A 225 -25.87 -48.51 17.87
N GLU A 226 -25.42 -47.28 17.69
CA GLU A 226 -25.06 -46.75 16.38
C GLU A 226 -23.77 -47.36 15.80
N VAL A 227 -22.94 -47.90 16.69
CA VAL A 227 -21.69 -48.51 16.30
C VAL A 227 -21.85 -50.01 16.00
N SER A 228 -23.01 -50.56 16.31
CA SER A 228 -23.27 -51.98 16.06
C SER A 228 -24.29 -52.16 14.94
N LEU A 229 -24.07 -53.16 14.10
CA LEU A 229 -25.01 -53.50 13.02
C LEU A 229 -26.45 -53.48 13.51
N THR A 230 -26.73 -54.40 14.42
CA THR A 230 -28.03 -54.54 15.06
C THR A 230 -28.71 -53.23 15.40
N GLY A 231 -27.94 -52.27 15.91
CA GLY A 231 -28.51 -51.02 16.38
C GLY A 231 -28.70 -49.97 15.31
N GLN A 232 -28.17 -50.20 14.10
CA GLN A 232 -28.21 -49.20 13.04
C GLN A 232 -29.50 -49.26 12.23
N PRO A 233 -30.04 -48.09 11.87
CA PRO A 233 -31.13 -47.99 10.91
C PRO A 233 -30.73 -48.65 9.60
N PHE A 234 -31.53 -49.58 9.11
CA PHE A 234 -31.23 -50.27 7.85
C PHE A 234 -31.23 -49.22 6.74
N VAL A 235 -30.17 -49.20 5.92
CA VAL A 235 -30.08 -48.12 4.92
C VAL A 235 -31.19 -48.18 3.88
N MET A 236 -31.73 -49.37 3.61
CA MET A 236 -32.80 -49.47 2.62
C MET A 236 -34.19 -49.31 3.26
N GLU A 237 -34.21 -49.10 4.59
CA GLU A 237 -35.44 -48.78 5.30
C GLU A 237 -35.17 -48.27 6.72
N PRO A 238 -34.68 -47.04 6.83
CA PRO A 238 -34.18 -46.47 8.09
C PRO A 238 -35.14 -46.49 9.27
N SER A 239 -36.44 -46.63 9.01
CA SER A 239 -37.40 -46.67 10.11
C SER A 239 -37.28 -47.98 10.89
N LYS A 240 -36.48 -48.91 10.38
CA LYS A 240 -36.21 -50.14 11.12
C LYS A 240 -34.72 -50.45 11.18
N THR A 241 -34.29 -50.98 12.31
CA THR A 241 -32.87 -51.31 12.48
C THR A 241 -32.56 -52.63 11.81
N VAL A 242 -31.28 -52.85 11.52
CA VAL A 242 -30.80 -54.10 10.95
C VAL A 242 -31.16 -55.27 11.86
N GLY A 243 -31.20 -55.01 13.16
CA GLY A 243 -31.60 -56.02 14.12
C GLY A 243 -33.03 -56.50 13.91
N GLN A 244 -33.94 -55.54 13.73
CA GLN A 244 -35.35 -55.84 13.44
C GLN A 244 -35.50 -56.56 12.09
N LEU A 245 -34.74 -56.09 11.09
CA LEU A 245 -34.72 -56.75 9.80
C LEU A 245 -34.39 -58.22 9.96
N LEU A 246 -33.33 -58.49 10.69
CA LEU A 246 -32.84 -59.84 10.91
C LEU A 246 -33.88 -60.75 11.58
N LYS A 247 -34.53 -60.25 12.64
CA LYS A 247 -35.57 -61.04 13.30
C LYS A 247 -36.67 -61.44 12.33
N GLU A 248 -37.17 -60.49 11.56
CA GLU A 248 -38.19 -60.76 10.55
C GLU A 248 -37.84 -61.95 9.65
N HIS A 249 -36.55 -62.15 9.38
CA HIS A 249 -36.11 -63.23 8.50
C HIS A 249 -35.56 -64.43 9.27
N ASN A 250 -35.72 -64.42 10.59
CA ASN A 250 -35.16 -65.46 11.44
C ASN A 250 -33.74 -65.79 11.04
N ALA A 251 -32.96 -64.74 10.79
CA ALA A 251 -31.58 -64.88 10.36
C ALA A 251 -30.62 -64.25 11.37
N GLU A 252 -29.32 -64.49 11.18
CA GLU A 252 -28.31 -64.03 12.13
C GLU A 252 -27.03 -63.69 11.39
N VAL A 253 -26.41 -62.57 11.77
CA VAL A 253 -25.12 -62.22 11.17
C VAL A 253 -23.96 -62.82 11.94
N THR A 254 -23.19 -63.63 11.25
CA THR A 254 -22.08 -64.40 11.80
C THR A 254 -20.82 -63.58 11.99
N GLY A 255 -20.51 -62.74 10.99
CA GLY A 255 -19.33 -61.90 11.01
C GLY A 255 -19.39 -60.97 9.81
N PHE A 256 -18.54 -59.95 9.80
CA PHE A 256 -18.41 -59.10 8.63
C PHE A 256 -17.06 -58.44 8.58
N ILE A 257 -16.62 -58.13 7.36
CA ILE A 257 -15.36 -57.41 7.17
C ILE A 257 -15.56 -56.26 6.19
N ARG A 258 -15.19 -55.05 6.62
CA ARG A 258 -15.24 -53.90 5.73
C ARG A 258 -13.84 -53.33 5.57
N PHE A 259 -13.35 -53.32 4.33
CA PHE A 259 -12.11 -52.63 3.98
C PHE A 259 -12.40 -51.36 3.18
N GLU A 260 -11.74 -50.26 3.53
CA GLU A 260 -11.75 -49.07 2.70
C GLU A 260 -10.32 -48.64 2.37
N VAL A 261 -10.05 -48.39 1.10
CA VAL A 261 -8.71 -48.04 0.66
C VAL A 261 -8.14 -46.87 1.45
N GLY A 262 -6.98 -47.09 2.06
CA GLY A 262 -6.25 -46.02 2.72
C GLY A 262 -6.66 -45.75 4.15
N GLU A 263 -7.73 -46.42 4.61
CA GLU A 263 -8.13 -46.39 6.01
C GLU A 263 -6.89 -46.38 6.91
N GLY A 264 -6.78 -45.37 7.77
CA GLY A 264 -5.72 -45.35 8.77
C GLY A 264 -4.34 -45.02 8.25
N ILE A 265 -4.24 -44.60 7.00
CA ILE A 265 -2.98 -44.12 6.46
C ILE A 265 -2.97 -42.59 6.38
N GLU A 266 -2.28 -41.96 7.33
CA GLU A 266 -2.09 -40.51 7.39
C GLU A 266 -3.15 -39.62 6.71
N LYS A 267 -3.05 -39.49 5.38
CA LYS A 267 -3.88 -38.60 4.57
C LYS A 267 -3.25 -37.21 4.48
N VAL A 268 -1.98 -37.17 4.11
CA VAL A 268 -1.23 -35.91 4.07
C VAL A 268 -1.55 -35.07 2.82
N GLU A 269 -2.50 -34.15 2.94
CA GLU A 269 -2.92 -33.34 1.81
C GLU A 269 -1.80 -32.47 1.24
N THR A 270 -1.95 -32.06 -0.02
CA THR A 270 -0.94 -31.27 -0.69
C THR A 270 -1.47 -29.90 -1.06
N ASP A 271 -0.62 -28.89 -0.92
CA ASP A 271 -0.92 -27.52 -1.34
C ASP A 271 -0.16 -27.20 -2.63
N PHE A 272 -0.78 -27.50 -3.76
CA PHE A 272 -0.13 -27.33 -5.06
C PHE A 272 0.46 -25.94 -5.24
N ALA A 273 -0.36 -24.92 -5.00
CA ALA A 273 0.05 -23.53 -5.21
C ALA A 273 1.30 -23.16 -4.41
N ALA A 274 1.35 -23.60 -3.16
CA ALA A 274 2.48 -23.28 -2.27
C ALA A 274 3.76 -24.01 -2.66
N GLU A 275 3.62 -25.28 -3.04
CA GLU A 275 4.76 -26.07 -3.48
C GLU A 275 5.38 -25.43 -4.70
N VAL A 276 4.53 -24.90 -5.57
CA VAL A 276 4.99 -24.18 -6.74
C VAL A 276 5.77 -22.93 -6.33
N ALA A 277 5.19 -22.13 -5.45
CA ALA A 277 5.82 -20.90 -4.99
C ALA A 277 7.13 -21.18 -4.25
N ALA A 278 7.14 -22.23 -3.46
CA ALA A 278 8.33 -22.63 -2.73
C ALA A 278 9.45 -22.91 -3.72
N MET A 279 9.17 -23.83 -4.63
CA MET A 279 10.12 -24.24 -5.65
C MET A 279 10.60 -23.06 -6.46
N SER A 280 9.68 -22.10 -6.67
CA SER A 280 9.96 -20.93 -7.48
C SER A 280 11.00 -20.01 -6.79
N LYS A 281 10.89 -19.87 -5.48
CA LYS A 281 11.77 -18.96 -4.73
C LYS A 281 13.24 -19.40 -4.72
N GLN A 282 13.50 -20.57 -4.14
CA GLN A 282 14.86 -21.07 -4.02
C GLN A 282 15.62 -20.92 -5.34
N SER A 283 14.90 -21.11 -6.44
CA SER A 283 15.47 -20.98 -7.77
C SER A 283 15.35 -19.55 -8.26
N LYS A 294 -8.69 -8.64 -20.49
CA LYS A 294 -8.13 -9.68 -21.38
C LYS A 294 -8.75 -11.05 -21.09
N PRO A 295 -8.68 -11.95 -22.08
CA PRO A 295 -9.33 -13.26 -21.97
C PRO A 295 -8.77 -14.08 -20.81
N HIS A 296 -9.65 -14.81 -20.14
CA HIS A 296 -9.24 -15.67 -19.06
C HIS A 296 -9.32 -17.15 -19.46
N VAL A 297 -8.19 -17.84 -19.39
CA VAL A 297 -8.12 -19.22 -19.86
C VAL A 297 -7.69 -20.17 -18.74
N ASN A 298 -8.45 -21.25 -18.59
CA ASN A 298 -8.20 -22.28 -17.57
C ASN A 298 -7.43 -23.48 -18.12
N VAL A 299 -6.32 -23.81 -17.46
CA VAL A 299 -5.52 -24.95 -17.89
C VAL A 299 -5.18 -25.81 -16.69
N GLY A 300 -4.69 -27.01 -16.97
CA GLY A 300 -4.30 -27.93 -15.92
C GLY A 300 -3.19 -28.86 -16.38
N THR A 301 -2.39 -29.33 -15.43
CA THR A 301 -1.36 -30.31 -15.75
C THR A 301 -1.82 -31.68 -15.35
N ILE A 302 -1.47 -32.65 -16.17
CA ILE A 302 -1.80 -34.04 -15.88
C ILE A 302 -0.61 -34.89 -16.29
N GLY A 303 -0.37 -35.96 -15.55
CA GLY A 303 0.78 -36.82 -15.83
C GLY A 303 1.34 -37.52 -14.60
N HIS A 304 2.40 -38.31 -14.80
CA HIS A 304 3.02 -39.09 -13.74
C HIS A 304 3.58 -38.26 -12.57
N VAL A 305 3.44 -38.79 -11.36
CA VAL A 305 3.88 -38.11 -10.13
C VAL A 305 5.36 -37.68 -10.11
N ASP A 306 6.20 -38.42 -10.82
CA ASP A 306 7.64 -38.13 -10.83
C ASP A 306 8.11 -37.35 -12.06
N HIS A 307 7.21 -36.96 -12.95
CA HIS A 307 7.65 -36.38 -14.22
C HIS A 307 7.77 -34.86 -14.23
N GLY A 308 7.55 -34.24 -13.08
CA GLY A 308 7.84 -32.81 -12.90
C GLY A 308 6.73 -31.83 -13.24
N LYS A 309 5.49 -32.18 -12.93
CA LYS A 309 4.37 -31.27 -13.20
C LYS A 309 4.53 -30.01 -12.35
N THR A 310 4.86 -30.21 -11.08
CA THR A 310 5.04 -29.10 -10.14
C THR A 310 6.25 -28.26 -10.53
N THR A 311 7.33 -28.93 -10.90
CA THR A 311 8.53 -28.24 -11.35
C THR A 311 8.25 -27.42 -12.60
N LEU A 312 7.48 -27.99 -13.53
CA LEU A 312 7.12 -27.30 -14.76
C LEU A 312 6.30 -26.05 -14.45
N THR A 313 5.38 -26.18 -13.51
CA THR A 313 4.48 -25.08 -13.20
C THR A 313 5.27 -23.92 -12.59
N ALA A 314 6.20 -24.25 -11.69
CA ALA A 314 7.06 -23.24 -11.09
C ALA A 314 7.93 -22.55 -12.15
N ALA A 315 8.47 -23.35 -13.07
CA ALA A 315 9.19 -22.80 -14.21
C ALA A 315 8.34 -21.88 -15.09
N ILE A 316 7.06 -22.23 -15.28
CA ILE A 316 6.17 -21.39 -16.08
C ILE A 316 5.94 -20.06 -15.40
N THR A 317 5.55 -20.10 -14.13
CA THR A 317 5.32 -18.86 -13.38
C THR A 317 6.57 -18.00 -13.35
N THR A 318 7.72 -18.65 -13.18
CA THR A 318 9.00 -17.93 -13.06
C THR A 318 9.37 -17.24 -14.35
N VAL A 319 9.46 -18.02 -15.42
CA VAL A 319 9.81 -17.49 -16.73
C VAL A 319 8.83 -16.43 -17.28
N LEU A 320 7.53 -16.67 -17.15
CA LEU A 320 6.57 -15.68 -17.64
C LEU A 320 6.62 -14.37 -16.86
N ALA A 321 6.79 -14.46 -15.54
CA ALA A 321 6.91 -13.27 -14.73
C ALA A 321 8.15 -12.50 -15.16
N LYS A 322 9.26 -13.22 -15.26
CA LYS A 322 10.54 -12.66 -15.68
C LYS A 322 10.43 -11.98 -17.05
N THR A 323 9.54 -12.49 -17.89
CA THR A 323 9.45 -12.05 -19.28
C THR A 323 8.30 -11.10 -19.56
N TYR A 324 7.18 -11.29 -18.87
CA TYR A 324 5.96 -10.53 -19.16
C TYR A 324 5.40 -9.80 -17.94
N GLY A 325 6.06 -9.95 -16.80
CA GLY A 325 5.62 -9.34 -15.56
C GLY A 325 4.27 -9.86 -15.11
N GLY A 326 4.28 -10.74 -14.11
CA GLY A 326 3.06 -11.34 -13.61
C GLY A 326 2.51 -12.41 -14.54
N THR A 349 -9.89 -24.98 -4.44
CA THR A 349 -9.28 -24.57 -5.70
C THR A 349 -7.86 -24.04 -5.48
N SER A 350 -6.94 -24.93 -5.15
CA SER A 350 -5.53 -24.55 -5.02
C SER A 350 -4.93 -24.38 -6.41
N HIS A 351 -4.79 -23.12 -6.84
CA HIS A 351 -4.36 -22.86 -8.20
C HIS A 351 -3.26 -21.81 -8.31
N VAL A 352 -2.71 -21.74 -9.51
CA VAL A 352 -1.61 -20.85 -9.79
C VAL A 352 -2.05 -19.92 -10.90
N GLU A 353 -1.46 -18.72 -10.96
CA GLU A 353 -1.78 -17.79 -12.03
C GLU A 353 -0.57 -17.26 -12.73
N TYR A 354 -0.72 -17.00 -14.03
CA TYR A 354 0.34 -16.37 -14.81
C TYR A 354 -0.19 -15.73 -16.10
N ASP A 355 0.53 -14.75 -16.62
CA ASP A 355 0.06 -14.01 -17.79
C ASP A 355 1.05 -14.04 -18.94
N THR A 356 0.50 -14.03 -20.15
CA THR A 356 1.24 -13.72 -21.37
C THR A 356 0.78 -12.34 -21.82
N PRO A 357 1.39 -11.80 -22.87
CA PRO A 357 0.92 -10.47 -23.31
C PRO A 357 -0.59 -10.44 -23.54
N THR A 358 -1.16 -11.51 -24.09
CA THR A 358 -2.57 -11.48 -24.50
C THR A 358 -3.56 -12.24 -23.61
N ARG A 359 -3.07 -13.02 -22.65
CA ARG A 359 -3.98 -13.82 -21.86
C ARG A 359 -3.63 -13.94 -20.38
N HIS A 360 -4.68 -14.06 -19.58
CA HIS A 360 -4.55 -14.41 -18.17
C HIS A 360 -4.92 -15.88 -17.98
N TYR A 361 -4.03 -16.64 -17.33
CA TYR A 361 -4.22 -18.07 -17.13
C TYR A 361 -4.43 -18.43 -15.67
N ALA A 362 -5.36 -19.33 -15.43
CA ALA A 362 -5.47 -20.01 -14.13
C ALA A 362 -5.11 -21.48 -14.33
N HIS A 363 -4.27 -21.99 -13.44
CA HIS A 363 -3.63 -23.29 -13.65
C HIS A 363 -3.81 -24.19 -12.44
N VAL A 364 -4.42 -25.36 -12.63
CA VAL A 364 -4.57 -26.35 -11.56
C VAL A 364 -3.85 -27.65 -11.89
N ASP A 365 -3.58 -28.46 -10.87
CA ASP A 365 -3.03 -29.79 -11.08
C ASP A 365 -4.14 -30.85 -11.04
N CYS A 366 -3.96 -31.94 -11.78
CA CYS A 366 -4.98 -32.99 -11.83
C CYS A 366 -4.42 -34.34 -11.39
N PRO A 367 -4.01 -34.43 -10.11
CA PRO A 367 -3.38 -35.61 -9.55
C PRO A 367 -4.32 -36.81 -9.43
N GLY A 368 -5.62 -36.56 -9.43
CA GLY A 368 -6.60 -37.62 -9.21
C GLY A 368 -7.79 -37.54 -10.16
N HIS A 369 -8.16 -38.69 -10.69
CA HIS A 369 -9.24 -38.82 -11.64
C HIS A 369 -10.58 -38.43 -11.00
N ALA A 370 -10.97 -39.14 -9.96
CA ALA A 370 -12.26 -38.88 -9.33
C ALA A 370 -12.35 -37.45 -8.81
N ASP A 371 -11.23 -36.94 -8.30
CA ASP A 371 -11.20 -35.59 -7.76
C ASP A 371 -11.42 -34.56 -8.85
N TYR A 372 -10.77 -34.72 -9.98
CA TYR A 372 -10.98 -33.79 -11.07
C TYR A 372 -12.41 -33.85 -11.62
N VAL A 373 -12.95 -35.06 -11.79
CA VAL A 373 -14.32 -35.23 -12.27
C VAL A 373 -15.31 -34.51 -11.37
N LYS A 374 -15.11 -34.63 -10.05
CA LYS A 374 -15.96 -33.95 -9.09
C LYS A 374 -15.83 -32.42 -9.17
N ASN A 375 -14.61 -31.91 -9.27
CA ASN A 375 -14.40 -30.48 -9.38
C ASN A 375 -15.05 -29.93 -10.64
N MET A 376 -14.93 -30.69 -11.72
CA MET A 376 -15.53 -30.34 -13.00
C MET A 376 -17.06 -30.29 -12.85
N ILE A 377 -17.65 -31.29 -12.22
CA ILE A 377 -19.11 -31.34 -12.11
C ILE A 377 -19.65 -30.16 -11.33
N THR A 378 -19.01 -29.86 -10.19
CA THR A 378 -19.47 -28.81 -9.29
C THR A 378 -19.14 -27.41 -9.83
N GLY A 379 -18.30 -27.34 -10.85
CA GLY A 379 -17.86 -26.06 -11.37
C GLY A 379 -16.72 -25.42 -10.60
N ALA A 380 -16.18 -26.14 -9.62
CA ALA A 380 -15.02 -25.65 -8.89
C ALA A 380 -13.80 -25.56 -9.80
N ALA A 381 -13.80 -26.34 -10.88
CA ALA A 381 -12.69 -26.37 -11.84
C ALA A 381 -13.21 -26.68 -13.23
N GLN A 382 -12.51 -26.21 -14.25
CA GLN A 382 -12.92 -26.47 -15.63
C GLN A 382 -11.88 -26.07 -16.67
N MET A 383 -11.14 -27.06 -17.14
CA MET A 383 -10.09 -26.83 -18.12
C MET A 383 -10.61 -26.46 -19.51
N ASP A 384 -9.99 -25.44 -20.08
CA ASP A 384 -10.12 -25.13 -21.50
C ASP A 384 -9.07 -25.91 -22.28
N GLY A 385 -7.98 -26.26 -21.60
CA GLY A 385 -6.92 -27.05 -22.19
C GLY A 385 -6.11 -27.78 -21.12
N ALA A 386 -5.48 -28.87 -21.51
CA ALA A 386 -4.64 -29.61 -20.58
C ALA A 386 -3.22 -29.72 -21.08
N ILE A 387 -2.27 -29.66 -20.16
CA ILE A 387 -0.87 -29.86 -20.47
C ILE A 387 -0.50 -31.23 -19.93
N LEU A 388 -0.25 -32.17 -20.83
CA LEU A 388 0.16 -33.51 -20.45
C LEU A 388 1.67 -33.54 -20.31
N VAL A 389 2.13 -33.84 -19.11
CA VAL A 389 3.56 -33.80 -18.84
C VAL A 389 4.16 -35.21 -18.85
N VAL A 390 5.05 -35.47 -19.80
CA VAL A 390 5.75 -36.74 -19.89
C VAL A 390 7.26 -36.50 -19.85
N ALA A 391 7.95 -37.22 -18.97
CA ALA A 391 9.41 -37.13 -18.90
C ALA A 391 10.02 -37.93 -20.04
N ALA A 392 10.81 -37.26 -20.88
CA ALA A 392 11.39 -37.92 -22.05
C ALA A 392 12.41 -39.00 -21.66
N THR A 393 12.89 -38.95 -20.42
CA THR A 393 13.79 -39.98 -19.91
C THR A 393 13.11 -41.35 -19.84
N ASP A 394 11.79 -41.35 -19.64
CA ASP A 394 11.03 -42.59 -19.63
C ASP A 394 10.20 -42.75 -20.89
N GLY A 395 9.47 -41.69 -21.25
CA GLY A 395 8.39 -41.79 -22.23
C GLY A 395 7.12 -42.18 -21.50
N PRO A 396 6.03 -42.37 -22.25
CA PRO A 396 4.74 -42.73 -21.64
C PRO A 396 4.83 -43.89 -20.64
N MET A 397 4.15 -43.74 -19.50
CA MET A 397 3.98 -44.85 -18.57
C MET A 397 2.73 -45.62 -18.96
N PRO A 398 2.48 -46.76 -18.31
CA PRO A 398 1.25 -47.50 -18.64
C PRO A 398 0.01 -46.68 -18.30
N GLN A 399 0.05 -45.97 -17.18
CA GLN A 399 -1.09 -45.16 -16.75
C GLN A 399 -1.27 -43.89 -17.60
N THR A 400 -0.34 -43.63 -18.51
CA THR A 400 -0.43 -42.45 -19.34
C THR A 400 -1.74 -42.45 -20.15
N ARG A 401 -2.21 -43.64 -20.54
CA ARG A 401 -3.50 -43.73 -21.22
C ARG A 401 -4.64 -43.32 -20.30
N GLU A 402 -4.54 -43.66 -19.02
CA GLU A 402 -5.54 -43.21 -18.05
C GLU A 402 -5.54 -41.68 -17.95
N HIS A 403 -4.36 -41.08 -17.88
CA HIS A 403 -4.27 -39.62 -17.92
C HIS A 403 -4.99 -39.07 -19.14
N ILE A 404 -4.72 -39.63 -20.32
CA ILE A 404 -5.35 -39.16 -21.55
C ILE A 404 -6.85 -39.47 -21.54
N LEU A 405 -7.21 -40.63 -21.05
CA LEU A 405 -8.61 -41.04 -21.05
C LEU A 405 -9.45 -40.09 -20.19
N LEU A 406 -8.86 -39.56 -19.12
CA LEU A 406 -9.57 -38.57 -18.31
C LEU A 406 -9.96 -37.38 -19.17
N GLY A 407 -9.02 -36.87 -19.96
CA GLY A 407 -9.28 -35.78 -20.87
C GLY A 407 -10.49 -36.08 -21.74
N ARG A 408 -10.50 -37.28 -22.32
CA ARG A 408 -11.60 -37.68 -23.18
C ARG A 408 -12.91 -37.64 -22.40
N GLN A 409 -12.88 -38.20 -21.20
CA GLN A 409 -14.09 -38.36 -20.39
C GLN A 409 -14.74 -37.06 -19.97
N VAL A 410 -13.94 -36.08 -19.54
CA VAL A 410 -14.48 -34.76 -19.22
C VAL A 410 -14.57 -33.85 -20.45
N GLY A 411 -14.31 -34.41 -21.63
CA GLY A 411 -14.32 -33.63 -22.86
C GLY A 411 -13.47 -32.37 -22.87
N VAL A 412 -12.19 -32.52 -22.51
CA VAL A 412 -11.22 -31.45 -22.69
C VAL A 412 -10.99 -31.32 -24.18
N PRO A 413 -11.21 -30.11 -24.71
CA PRO A 413 -11.10 -29.88 -26.16
C PRO A 413 -9.67 -30.04 -26.67
N TYR A 414 -8.68 -29.60 -25.89
CA TYR A 414 -7.31 -29.56 -26.38
C TYR A 414 -6.29 -30.07 -25.37
N ILE A 415 -5.34 -30.86 -25.86
CA ILE A 415 -4.18 -31.27 -25.07
C ILE A 415 -2.87 -30.83 -25.73
N ILE A 416 -2.01 -30.21 -24.93
CA ILE A 416 -0.66 -29.89 -25.35
C ILE A 416 0.30 -30.76 -24.53
N VAL A 417 1.37 -31.22 -25.16
CA VAL A 417 2.35 -32.04 -24.47
C VAL A 417 3.63 -31.27 -24.13
N PHE A 418 4.05 -31.35 -22.87
CA PHE A 418 5.39 -30.93 -22.50
C PHE A 418 6.26 -32.15 -22.19
N LEU A 419 7.23 -32.41 -23.06
CA LEU A 419 8.24 -33.43 -22.81
C LEU A 419 9.30 -32.85 -21.89
N ASN A 420 9.32 -33.31 -20.64
CA ASN A 420 10.23 -32.80 -19.64
C ASN A 420 11.57 -33.55 -19.59
N LYS A 421 12.53 -33.01 -18.83
CA LYS A 421 13.81 -33.67 -18.61
C LYS A 421 14.54 -33.99 -19.91
N CYS A 422 14.38 -33.14 -20.91
CA CYS A 422 15.03 -33.35 -22.19
C CYS A 422 16.55 -33.14 -22.15
N ASP A 423 17.02 -32.43 -21.13
CA ASP A 423 18.46 -32.22 -20.96
C ASP A 423 19.16 -33.51 -20.51
N MET A 424 18.42 -34.43 -19.90
CA MET A 424 18.96 -35.71 -19.47
C MET A 424 18.91 -36.77 -20.56
N VAL A 425 18.60 -36.35 -21.78
CA VAL A 425 18.53 -37.27 -22.91
C VAL A 425 19.58 -36.91 -23.95
N ASP A 426 20.44 -37.87 -24.28
CA ASP A 426 21.52 -37.63 -25.24
C ASP A 426 21.05 -37.69 -26.70
N ASP A 427 20.66 -38.88 -27.14
CA ASP A 427 20.23 -39.10 -28.52
C ASP A 427 18.91 -38.40 -28.84
N GLU A 428 18.94 -37.50 -29.83
CA GLU A 428 17.75 -36.76 -30.22
C GLU A 428 16.70 -37.68 -30.85
N GLU A 429 17.16 -38.76 -31.47
CA GLU A 429 16.28 -39.71 -32.12
C GLU A 429 15.45 -40.51 -31.09
N LEU A 430 15.94 -40.60 -29.87
CA LEU A 430 15.17 -41.17 -28.78
C LEU A 430 14.05 -40.23 -28.37
N LEU A 431 14.31 -38.93 -28.45
CA LEU A 431 13.27 -37.94 -28.18
C LEU A 431 12.16 -38.11 -29.21
N GLU A 432 12.55 -38.38 -30.45
CA GLU A 432 11.58 -38.60 -31.51
C GLU A 432 10.79 -39.89 -31.26
N LEU A 433 11.44 -40.86 -30.64
CA LEU A 433 10.80 -42.11 -30.28
C LEU A 433 9.68 -41.88 -29.26
N VAL A 434 9.98 -41.09 -28.22
CA VAL A 434 9.00 -40.73 -27.22
C VAL A 434 7.88 -39.90 -27.84
N GLU A 435 8.24 -38.90 -28.64
CA GLU A 435 7.24 -38.04 -29.29
C GLU A 435 6.19 -38.89 -29.98
N MET A 436 6.63 -39.87 -30.76
CA MET A 436 5.75 -40.69 -31.57
C MET A 436 4.85 -41.60 -30.72
N GLU A 437 5.41 -42.14 -29.64
CA GLU A 437 4.63 -42.93 -28.71
C GLU A 437 3.47 -42.11 -28.14
N VAL A 438 3.77 -40.87 -27.76
CA VAL A 438 2.74 -39.98 -27.24
C VAL A 438 1.68 -39.65 -28.30
N ARG A 439 2.10 -39.31 -29.51
CA ARG A 439 1.16 -38.94 -30.57
C ARG A 439 0.18 -40.06 -30.84
N GLU A 440 0.68 -41.30 -30.90
CA GLU A 440 -0.17 -42.46 -31.17
C GLU A 440 -1.15 -42.77 -30.04
N LEU A 441 -0.69 -42.69 -28.80
CA LEU A 441 -1.58 -42.73 -27.63
C LEU A 441 -2.70 -41.70 -27.70
N LEU A 442 -2.38 -40.47 -28.11
CA LEU A 442 -3.39 -39.43 -28.20
C LEU A 442 -4.41 -39.79 -29.29
N SER A 443 -3.93 -40.30 -30.41
CA SER A 443 -4.82 -40.64 -31.52
C SER A 443 -5.69 -41.82 -31.16
N GLN A 444 -5.16 -42.72 -30.35
CA GLN A 444 -5.94 -43.86 -29.90
C GLN A 444 -7.17 -43.40 -29.16
N TYR A 445 -7.11 -42.26 -28.49
CA TYR A 445 -8.27 -41.77 -27.77
C TYR A 445 -8.94 -40.57 -28.44
N ASP A 446 -8.69 -40.45 -29.74
CA ASP A 446 -9.36 -39.46 -30.58
C ASP A 446 -8.90 -38.01 -30.39
N PHE A 447 -7.69 -37.83 -29.90
CA PHE A 447 -7.07 -36.52 -29.94
C PHE A 447 -6.24 -36.44 -31.20
N PRO A 448 -6.08 -35.24 -31.76
CA PRO A 448 -5.28 -35.02 -32.97
C PRO A 448 -3.79 -35.22 -32.69
N GLY A 449 -3.40 -36.46 -32.40
CA GLY A 449 -2.01 -36.79 -32.13
C GLY A 449 -1.00 -36.19 -33.09
N ASP A 450 -1.27 -36.27 -34.39
CA ASP A 450 -0.35 -35.80 -35.44
C ASP A 450 -0.21 -34.26 -35.46
N ASP A 451 -1.24 -33.57 -34.95
CA ASP A 451 -1.25 -32.11 -34.96
C ASP A 451 -1.11 -31.51 -33.55
N THR A 452 -0.83 -32.36 -32.56
CA THR A 452 -0.63 -31.91 -31.19
C THR A 452 0.71 -31.19 -31.02
N PRO A 453 0.69 -29.97 -30.46
CA PRO A 453 1.97 -29.30 -30.19
C PRO A 453 2.70 -30.06 -29.11
N ILE A 454 3.96 -30.36 -29.35
CA ILE A 454 4.78 -31.04 -28.36
C ILE A 454 6.07 -30.28 -28.16
N VAL A 455 6.23 -29.70 -26.98
CA VAL A 455 7.42 -28.95 -26.62
C VAL A 455 8.47 -29.86 -25.99
N ARG A 456 9.73 -29.72 -26.39
CA ARG A 456 10.82 -30.47 -25.78
C ARG A 456 11.62 -29.59 -24.84
N GLY A 457 11.35 -29.70 -23.55
CA GLY A 457 11.94 -28.79 -22.59
C GLY A 457 12.58 -29.42 -21.38
N SER A 458 12.88 -28.58 -20.40
CA SER A 458 13.47 -28.99 -19.15
C SER A 458 13.01 -28.00 -18.11
N ALA A 459 12.16 -28.46 -17.20
CA ALA A 459 11.66 -27.60 -16.15
C ALA A 459 12.81 -27.18 -15.23
N LEU A 460 13.66 -28.14 -14.87
CA LEU A 460 14.83 -27.86 -14.03
C LEU A 460 15.78 -26.83 -14.64
N LYS A 461 16.19 -27.06 -15.89
CA LYS A 461 17.15 -26.19 -16.53
C LYS A 461 16.61 -24.77 -16.72
N ALA A 462 15.31 -24.65 -16.94
CA ALA A 462 14.68 -23.34 -17.09
C ALA A 462 14.58 -22.64 -15.74
N LEU A 463 14.30 -23.42 -14.72
CA LEU A 463 14.17 -22.91 -13.36
C LEU A 463 15.54 -22.49 -12.78
N GLU A 464 16.61 -23.04 -13.34
CA GLU A 464 17.97 -22.67 -12.95
C GLU A 464 18.33 -21.35 -13.60
N GLY A 465 17.87 -21.15 -14.84
CA GLY A 465 18.06 -19.89 -15.53
C GLY A 465 18.76 -19.99 -16.87
N ASP A 466 19.02 -21.22 -17.31
CA ASP A 466 19.61 -21.43 -18.62
C ASP A 466 18.61 -20.94 -19.68
N ALA A 467 19.05 -19.97 -20.48
CA ALA A 467 18.16 -19.30 -21.43
C ALA A 467 17.66 -20.22 -22.53
N GLU A 468 18.51 -21.15 -22.96
CA GLU A 468 18.14 -22.04 -24.04
C GLU A 468 16.89 -22.81 -23.65
N TRP A 469 16.78 -23.12 -22.36
CA TRP A 469 15.64 -23.88 -21.86
C TRP A 469 14.46 -23.00 -21.47
N GLU A 470 14.75 -21.82 -20.96
CA GLU A 470 13.70 -20.84 -20.71
C GLU A 470 12.92 -20.62 -22.01
N ALA A 471 13.62 -20.68 -23.14
CA ALA A 471 13.02 -20.49 -24.45
C ALA A 471 11.92 -21.52 -24.72
N LYS A 472 12.10 -22.71 -24.18
CA LYS A 472 11.10 -23.76 -24.30
C LYS A 472 9.84 -23.43 -23.51
N ILE A 473 10.03 -22.87 -22.33
CA ILE A 473 8.90 -22.47 -21.50
C ILE A 473 8.07 -21.44 -22.28
N LEU A 474 8.74 -20.44 -22.83
CA LEU A 474 8.05 -19.41 -23.59
C LEU A 474 7.36 -20.02 -24.81
N GLU A 475 8.00 -21.03 -25.39
CA GLU A 475 7.41 -21.73 -26.52
C GLU A 475 6.12 -22.45 -26.11
N LEU A 476 6.14 -23.07 -24.94
CA LEU A 476 4.95 -23.71 -24.41
C LEU A 476 3.82 -22.70 -24.19
N ALA A 477 4.15 -21.54 -23.66
CA ALA A 477 3.16 -20.50 -23.41
C ALA A 477 2.64 -19.94 -24.74
N GLY A 478 3.49 -19.96 -25.76
CA GLY A 478 3.06 -19.59 -27.10
C GLY A 478 1.97 -20.52 -27.58
N PHE A 479 2.13 -21.81 -27.32
CA PHE A 479 1.12 -22.79 -27.71
C PHE A 479 -0.18 -22.64 -26.91
N LEU A 480 -0.09 -22.33 -25.63
CA LEU A 480 -1.32 -22.08 -24.87
C LEU A 480 -2.08 -20.95 -25.53
N ASP A 481 -1.34 -19.90 -25.89
CA ASP A 481 -1.87 -18.73 -26.57
C ASP A 481 -2.50 -19.10 -27.90
N SER A 482 -1.81 -19.93 -28.70
CA SER A 482 -2.22 -20.12 -30.09
C SER A 482 -3.09 -21.36 -30.31
N TYR A 483 -2.89 -22.40 -29.51
CA TYR A 483 -3.54 -23.68 -29.78
C TYR A 483 -4.86 -23.82 -29.06
N ILE A 484 -4.96 -23.21 -27.88
CA ILE A 484 -6.22 -23.19 -27.15
C ILE A 484 -7.04 -21.95 -27.49
N PRO A 485 -8.21 -22.15 -28.13
CA PRO A 485 -9.00 -20.99 -28.55
C PRO A 485 -9.56 -20.26 -27.33
N GLU A 486 -9.68 -18.95 -27.43
CA GLU A 486 -10.30 -18.18 -26.36
C GLU A 486 -11.75 -18.62 -26.21
N PRO A 487 -12.14 -19.00 -24.99
CA PRO A 487 -13.51 -19.48 -24.75
C PRO A 487 -14.55 -18.43 -25.14
N GLU A 488 -15.73 -18.87 -25.56
CA GLU A 488 -16.75 -17.96 -26.07
C GLU A 488 -17.30 -17.03 -24.99
N ARG A 489 -17.30 -15.73 -25.26
CA ARG A 489 -17.86 -14.76 -24.33
C ARG A 489 -19.39 -14.70 -24.36
N ALA A 490 -20.00 -14.63 -23.17
CA ALA A 490 -21.44 -14.58 -23.03
C ALA A 490 -22.11 -13.58 -23.97
N ILE A 491 -21.52 -12.40 -24.10
CA ILE A 491 -22.10 -11.35 -24.92
C ILE A 491 -22.19 -11.78 -26.38
N ASP A 492 -21.37 -12.75 -26.76
CA ASP A 492 -21.29 -13.22 -28.15
C ASP A 492 -22.21 -14.40 -28.43
N LYS A 493 -22.88 -14.89 -27.39
CA LYS A 493 -23.82 -16.00 -27.55
C LYS A 493 -25.20 -15.47 -27.89
N PRO A 494 -26.09 -16.34 -28.40
CA PRO A 494 -27.44 -15.83 -28.68
C PRO A 494 -28.17 -15.47 -27.39
N PHE A 495 -28.99 -14.43 -27.45
CA PHE A 495 -29.71 -13.91 -26.28
C PHE A 495 -30.47 -14.94 -25.44
N LEU A 496 -30.32 -14.82 -24.13
CA LEU A 496 -31.03 -15.67 -23.19
C LEU A 496 -31.19 -14.97 -21.84
N LEU A 497 -32.42 -14.93 -21.35
CA LEU A 497 -32.72 -14.38 -20.04
C LEU A 497 -33.56 -15.36 -19.21
N PRO A 498 -33.01 -15.85 -18.10
CA PRO A 498 -33.85 -16.72 -17.27
C PRO A 498 -34.94 -15.89 -16.59
N ILE A 499 -36.20 -16.29 -16.75
CA ILE A 499 -37.32 -15.53 -16.21
C ILE A 499 -37.51 -15.79 -14.71
N GLU A 500 -37.38 -14.73 -13.90
CA GLU A 500 -37.56 -14.87 -12.45
C GLU A 500 -38.97 -14.53 -11.99
N ASP A 501 -39.62 -13.57 -12.65
CA ASP A 501 -40.99 -13.20 -12.31
C ASP A 501 -41.65 -12.55 -13.53
N VAL A 502 -42.98 -12.44 -13.48
CA VAL A 502 -43.77 -11.90 -14.59
C VAL A 502 -44.79 -10.95 -14.00
N PHE A 503 -45.01 -9.82 -14.65
CA PHE A 503 -45.93 -8.82 -14.12
C PHE A 503 -46.87 -8.28 -15.20
N SER A 504 -48.06 -7.83 -14.78
CA SER A 504 -48.99 -7.14 -15.70
C SER A 504 -49.11 -5.68 -15.31
N ILE A 505 -48.53 -4.80 -16.13
CA ILE A 505 -48.55 -3.39 -15.82
C ILE A 505 -49.73 -2.74 -16.54
N SER A 506 -50.71 -2.31 -15.76
CA SER A 506 -51.90 -1.71 -16.32
C SER A 506 -51.51 -0.53 -17.20
N GLY A 507 -51.91 -0.58 -18.46
CA GLY A 507 -51.66 0.51 -19.38
C GLY A 507 -50.39 0.34 -20.18
N ARG A 508 -49.68 -0.77 -19.95
CA ARG A 508 -48.40 -1.00 -20.60
C ARG A 508 -48.28 -2.42 -21.14
N GLY A 509 -48.62 -3.40 -20.31
CA GLY A 509 -48.57 -4.79 -20.72
C GLY A 509 -47.71 -5.67 -19.84
N THR A 510 -47.30 -6.81 -20.38
CA THR A 510 -46.55 -7.80 -19.65
C THR A 510 -45.06 -7.52 -19.59
N VAL A 511 -44.46 -7.71 -18.41
CA VAL A 511 -43.03 -7.53 -18.22
C VAL A 511 -42.47 -8.73 -17.49
N VAL A 512 -41.37 -9.28 -17.99
CA VAL A 512 -40.64 -10.30 -17.25
C VAL A 512 -39.36 -9.68 -16.69
N THR A 513 -38.92 -10.16 -15.52
CA THR A 513 -37.65 -9.70 -14.94
C THR A 513 -36.63 -10.82 -14.83
N GLY A 514 -35.35 -10.45 -14.91
CA GLY A 514 -34.24 -11.39 -14.78
C GLY A 514 -32.91 -10.73 -15.07
N ARG A 515 -31.86 -11.54 -15.09
CA ARG A 515 -30.53 -11.06 -15.47
C ARG A 515 -30.22 -11.64 -16.83
N VAL A 516 -29.85 -10.80 -17.80
CA VAL A 516 -29.50 -11.32 -19.12
C VAL A 516 -28.32 -12.28 -18.93
N GLU A 517 -28.51 -13.55 -19.27
CA GLU A 517 -27.45 -14.52 -19.09
C GLU A 517 -26.43 -14.42 -20.20
N ARG A 518 -26.92 -14.21 -21.42
CA ARG A 518 -26.02 -14.01 -22.55
C ARG A 518 -26.66 -13.25 -23.70
N GLY A 519 -25.83 -12.72 -24.59
CA GLY A 519 -26.31 -12.04 -25.76
C GLY A 519 -26.90 -10.68 -25.47
N ILE A 520 -27.67 -10.18 -26.43
CA ILE A 520 -28.24 -8.84 -26.35
C ILE A 520 -29.67 -8.83 -26.85
N ILE A 521 -30.56 -8.24 -26.07
CA ILE A 521 -31.94 -8.09 -26.49
C ILE A 521 -32.24 -6.63 -26.84
N LYS A 522 -32.78 -6.40 -28.03
CA LYS A 522 -33.06 -5.06 -28.52
C LYS A 522 -34.55 -4.87 -28.76
N VAL A 523 -35.06 -3.69 -28.41
CA VAL A 523 -36.44 -3.34 -28.70
C VAL A 523 -36.79 -3.59 -30.18
N GLY A 524 -37.88 -4.30 -30.42
CA GLY A 524 -38.29 -4.61 -31.78
C GLY A 524 -37.97 -6.03 -32.21
N GLU A 525 -37.07 -6.69 -31.48
CA GLU A 525 -36.67 -8.05 -31.82
C GLU A 525 -37.69 -9.05 -31.36
N GLU A 526 -37.80 -10.16 -32.10
CA GLU A 526 -38.61 -11.29 -31.65
C GLU A 526 -37.92 -12.16 -30.61
N VAL A 527 -38.72 -12.75 -29.72
CA VAL A 527 -38.19 -13.66 -28.72
C VAL A 527 -39.10 -14.87 -28.61
N GLU A 528 -38.54 -15.96 -28.09
CA GLU A 528 -39.32 -17.13 -27.72
C GLU A 528 -39.33 -17.29 -26.20
N ILE A 529 -40.45 -17.79 -25.69
CA ILE A 529 -40.58 -18.14 -24.28
C ILE A 529 -40.47 -19.67 -24.26
N VAL A 530 -39.35 -20.18 -23.77
CA VAL A 530 -39.09 -21.61 -23.85
C VAL A 530 -39.09 -22.33 -22.50
N GLY A 531 -39.76 -23.48 -22.46
CA GLY A 531 -39.74 -24.34 -21.29
C GLY A 531 -41.09 -24.47 -20.61
N ILE A 532 -41.27 -25.57 -19.89
CA ILE A 532 -42.45 -25.84 -19.09
C ILE A 532 -43.75 -25.96 -19.90
N LYS A 533 -44.08 -24.91 -20.63
CA LYS A 533 -45.26 -24.94 -21.49
C LYS A 533 -44.79 -25.08 -22.94
N GLU A 534 -45.76 -25.18 -23.83
CA GLU A 534 -45.49 -25.10 -25.25
C GLU A 534 -44.82 -23.78 -25.53
N THR A 535 -43.81 -23.79 -26.39
CA THR A 535 -43.09 -22.57 -26.76
C THR A 535 -44.00 -21.50 -27.40
N GLN A 536 -43.88 -20.28 -26.90
CA GLN A 536 -44.63 -19.15 -27.46
C GLN A 536 -43.68 -18.10 -28.01
N LYS A 537 -44.18 -17.24 -28.88
CA LYS A 537 -43.36 -16.22 -29.50
C LYS A 537 -43.89 -14.86 -29.10
N SER A 538 -43.02 -13.86 -29.10
CA SER A 538 -43.42 -12.51 -28.75
C SER A 538 -42.43 -11.49 -29.28
N THR A 539 -42.65 -10.23 -28.94
CA THR A 539 -41.76 -9.16 -29.41
C THR A 539 -41.37 -8.27 -28.24
N CYS A 540 -40.08 -8.03 -28.08
CA CYS A 540 -39.61 -7.08 -27.09
C CYS A 540 -40.08 -5.66 -27.45
N THR A 541 -40.90 -5.08 -26.61
CA THR A 541 -41.38 -3.72 -26.84
C THR A 541 -40.66 -2.72 -25.94
N GLY A 542 -39.72 -3.19 -25.14
CA GLY A 542 -39.00 -2.30 -24.27
C GLY A 542 -38.05 -3.04 -23.36
N VAL A 543 -37.00 -2.36 -22.95
CA VAL A 543 -36.08 -2.86 -21.93
C VAL A 543 -35.89 -1.78 -20.87
N GLU A 544 -35.85 -2.19 -19.61
CA GLU A 544 -36.01 -1.23 -18.53
C GLU A 544 -35.16 -1.54 -17.30
N MET A 545 -34.58 -0.51 -16.70
CA MET A 545 -33.99 -0.63 -15.37
C MET A 545 -34.72 0.34 -14.46
N PHE A 546 -34.50 0.22 -13.16
CA PHE A 546 -35.19 1.10 -12.23
C PHE A 546 -35.04 2.59 -12.54
N ARG A 547 -33.90 3.01 -13.08
CA ARG A 547 -33.62 4.43 -13.26
C ARG A 547 -33.79 4.91 -14.69
N LYS A 548 -33.76 4.00 -15.66
CA LYS A 548 -33.76 4.41 -17.06
C LYS A 548 -34.46 3.40 -17.97
N LEU A 549 -35.13 3.91 -18.98
CA LEU A 549 -35.58 3.07 -20.09
C LEU A 549 -34.44 2.89 -21.08
N LEU A 550 -34.33 1.68 -21.65
CA LEU A 550 -33.21 1.34 -22.52
C LEU A 550 -33.71 0.86 -23.87
N ASP A 551 -32.79 0.81 -24.84
CA ASP A 551 -33.09 0.30 -26.17
C ASP A 551 -32.72 -1.17 -26.24
N GLU A 552 -31.81 -1.57 -25.35
CA GLU A 552 -31.29 -2.94 -25.35
C GLU A 552 -30.89 -3.40 -23.94
N GLY A 553 -30.86 -4.72 -23.77
CA GLY A 553 -30.31 -5.35 -22.58
C GLY A 553 -29.19 -6.30 -22.97
N ARG A 554 -28.11 -6.29 -22.20
CA ARG A 554 -26.89 -7.01 -22.54
C ARG A 554 -26.49 -7.95 -21.42
N ALA A 555 -25.82 -9.05 -21.78
CA ALA A 555 -25.38 -10.05 -20.81
C ALA A 555 -24.85 -9.41 -19.53
N GLY A 556 -25.28 -9.93 -18.41
CA GLY A 556 -24.82 -9.44 -17.12
C GLY A 556 -25.78 -8.44 -16.50
N GLU A 557 -26.61 -7.82 -17.32
CA GLU A 557 -27.46 -6.74 -16.83
C GLU A 557 -28.79 -7.22 -16.26
N ASN A 558 -29.17 -6.66 -15.13
CA ASN A 558 -30.47 -6.89 -14.54
C ASN A 558 -31.55 -5.96 -15.09
N VAL A 559 -32.61 -6.54 -15.65
CA VAL A 559 -33.57 -5.72 -16.38
C VAL A 559 -34.99 -6.21 -16.33
N GLY A 560 -35.90 -5.32 -16.73
CA GLY A 560 -37.25 -5.70 -17.10
C GLY A 560 -37.36 -5.74 -18.61
N VAL A 561 -37.88 -6.82 -19.15
CA VAL A 561 -38.12 -6.87 -20.58
C VAL A 561 -39.62 -6.86 -20.86
N LEU A 562 -40.08 -5.81 -21.54
CA LEU A 562 -41.50 -5.68 -21.90
C LEU A 562 -41.81 -6.49 -23.17
N LEU A 563 -42.94 -7.19 -23.14
CA LEU A 563 -43.34 -8.07 -24.24
C LEU A 563 -44.68 -7.68 -24.84
N ARG A 564 -44.80 -7.79 -26.16
CA ARG A 564 -46.05 -7.48 -26.86
C ARG A 564 -47.05 -8.63 -26.84
N GLY A 565 -48.31 -8.32 -26.54
CA GLY A 565 -49.39 -9.28 -26.71
C GLY A 565 -49.60 -10.30 -25.61
N ILE A 566 -48.60 -11.12 -25.38
CA ILE A 566 -48.66 -12.20 -24.39
C ILE A 566 -49.14 -11.75 -23.00
N LYS A 567 -49.94 -12.60 -22.35
CA LYS A 567 -50.54 -12.29 -21.05
C LYS A 567 -49.69 -12.86 -19.93
N ARG A 568 -49.76 -12.22 -18.76
CA ARG A 568 -49.01 -12.67 -17.58
C ARG A 568 -49.20 -14.16 -17.22
N GLU A 569 -50.44 -14.64 -17.28
CA GLU A 569 -50.74 -16.02 -16.91
C GLU A 569 -50.25 -17.04 -17.94
N GLU A 570 -49.67 -16.54 -19.02
CA GLU A 570 -49.14 -17.41 -20.06
C GLU A 570 -47.64 -17.63 -19.87
N ILE A 571 -47.07 -16.96 -18.87
CA ILE A 571 -45.64 -17.06 -18.59
C ILE A 571 -45.40 -17.43 -17.11
N GLU A 572 -44.30 -18.11 -16.82
CA GLU A 572 -43.94 -18.39 -15.43
C GLU A 572 -42.45 -18.53 -15.18
N ARG A 573 -42.05 -18.32 -13.93
CA ARG A 573 -40.67 -18.50 -13.50
C ARG A 573 -40.21 -19.89 -13.91
N GLY A 574 -38.99 -19.97 -14.43
CA GLY A 574 -38.44 -21.25 -14.83
C GLY A 574 -38.33 -21.34 -16.33
N GLN A 575 -39.14 -20.54 -17.02
CA GLN A 575 -39.02 -20.44 -18.46
C GLN A 575 -37.89 -19.46 -18.79
N VAL A 576 -37.40 -19.50 -20.03
CA VAL A 576 -36.45 -18.50 -20.48
C VAL A 576 -36.95 -17.67 -21.65
N LEU A 577 -36.41 -16.47 -21.79
CA LEU A 577 -36.53 -15.66 -22.99
C LEU A 577 -35.31 -15.95 -23.85
N ALA A 578 -35.50 -16.24 -25.13
CA ALA A 578 -34.36 -16.57 -25.97
C ALA A 578 -34.54 -16.04 -27.40
N LYS A 579 -33.44 -15.87 -28.12
CA LYS A 579 -33.52 -15.63 -29.54
C LYS A 579 -34.14 -16.87 -30.14
N PRO A 580 -35.12 -16.69 -31.03
CA PRO A 580 -35.91 -17.81 -31.58
C PRO A 580 -35.02 -18.87 -32.24
N GLY A 581 -35.26 -20.14 -31.89
CA GLY A 581 -34.53 -21.25 -32.48
C GLY A 581 -33.21 -21.57 -31.83
N THR A 582 -32.73 -20.69 -30.95
CA THR A 582 -31.42 -20.86 -30.34
C THR A 582 -31.38 -21.77 -29.12
N ILE A 583 -32.53 -22.06 -28.53
CA ILE A 583 -32.54 -23.06 -27.45
C ILE A 583 -33.82 -23.87 -27.46
N LYS A 584 -33.73 -25.14 -27.07
CA LYS A 584 -34.85 -26.05 -27.13
C LYS A 584 -35.17 -26.62 -25.76
N PRO A 585 -36.43 -26.99 -25.54
CA PRO A 585 -36.85 -27.60 -24.29
C PRO A 585 -36.68 -29.13 -24.35
N HIS A 586 -36.26 -29.72 -23.25
CA HIS A 586 -36.09 -31.16 -23.19
C HIS A 586 -36.55 -31.69 -21.85
N THR A 587 -36.89 -32.98 -21.82
CA THR A 587 -37.42 -33.63 -20.62
C THR A 587 -36.42 -34.64 -20.09
N LYS A 588 -35.61 -35.17 -21.00
CA LYS A 588 -34.79 -36.34 -20.71
C LYS A 588 -33.36 -36.13 -21.15
N PHE A 589 -32.41 -36.35 -20.25
CA PHE A 589 -31.02 -36.09 -20.56
C PHE A 589 -30.09 -37.00 -19.77
N GLU A 590 -28.89 -37.21 -20.32
CA GLU A 590 -27.83 -37.90 -19.59
C GLU A 590 -27.04 -36.86 -18.83
N SER A 591 -26.62 -37.19 -17.62
CA SER A 591 -25.90 -36.21 -16.81
C SER A 591 -24.72 -36.84 -16.08
N GLU A 592 -23.75 -36.01 -15.71
CA GLU A 592 -22.67 -36.39 -14.80
C GLU A 592 -22.96 -35.70 -13.48
N VAL A 593 -23.12 -36.47 -12.41
CA VAL A 593 -23.63 -35.94 -11.15
C VAL A 593 -22.68 -36.18 -9.98
N TYR A 594 -22.49 -35.15 -9.14
CA TYR A 594 -21.78 -35.30 -7.90
C TYR A 594 -22.76 -35.17 -6.74
N ILE A 595 -22.71 -36.15 -5.84
CA ILE A 595 -23.59 -36.16 -4.68
C ILE A 595 -22.80 -35.68 -3.47
N LEU A 596 -23.24 -34.61 -2.84
CA LEU A 596 -22.52 -34.08 -1.68
C LEU A 596 -22.35 -35.13 -0.58
N SER A 597 -21.24 -35.02 0.14
CA SER A 597 -21.00 -35.81 1.33
C SER A 597 -21.72 -35.19 2.53
N LYS A 598 -21.86 -35.95 3.60
CA LYS A 598 -22.49 -35.45 4.81
C LYS A 598 -21.85 -34.14 5.26
N ASP A 599 -20.52 -34.14 5.34
CA ASP A 599 -19.77 -32.97 5.81
C ASP A 599 -19.91 -31.77 4.89
N GLU A 600 -20.16 -32.02 3.62
CA GLU A 600 -20.45 -30.94 2.68
C GLU A 600 -21.88 -30.44 2.85
N GLY A 601 -22.56 -30.91 3.88
CA GLY A 601 -23.92 -30.48 4.12
C GLY A 601 -25.00 -31.18 3.30
N GLY A 602 -24.68 -32.35 2.75
CA GLY A 602 -25.65 -33.12 1.99
C GLY A 602 -26.25 -34.27 2.78
N ARG A 603 -26.68 -35.31 2.08
CA ARG A 603 -27.29 -36.50 2.70
C ARG A 603 -26.32 -37.21 3.62
N HIS A 604 -26.84 -38.01 4.54
CA HIS A 604 -25.99 -38.91 5.30
C HIS A 604 -26.28 -40.39 5.01
N THR A 605 -27.43 -40.69 4.41
CA THR A 605 -27.75 -42.06 3.96
C THR A 605 -27.72 -42.16 2.44
N PRO A 606 -27.50 -43.38 1.91
CA PRO A 606 -27.52 -43.61 0.47
C PRO A 606 -28.93 -43.59 -0.11
N PHE A 607 -29.02 -43.56 -1.43
CA PHE A 607 -30.30 -43.73 -2.09
C PHE A 607 -30.15 -44.84 -3.13
N PHE A 608 -31.26 -45.22 -3.75
CA PHE A 608 -31.27 -46.36 -4.67
C PHE A 608 -32.13 -46.05 -5.90
N LYS A 609 -32.58 -47.10 -6.59
CA LYS A 609 -33.12 -46.93 -7.93
C LYS A 609 -34.18 -45.84 -8.10
N GLY A 610 -35.17 -45.78 -7.22
CA GLY A 610 -36.26 -44.85 -7.48
C GLY A 610 -36.14 -43.47 -6.84
N TYR A 611 -34.92 -42.94 -6.75
CA TYR A 611 -34.67 -41.67 -6.08
C TYR A 611 -35.39 -40.54 -6.81
N ARG A 612 -36.14 -39.71 -6.09
CA ARG A 612 -36.86 -38.64 -6.76
C ARG A 612 -36.76 -37.26 -6.08
N PRO A 613 -35.67 -36.56 -6.35
CA PRO A 613 -35.42 -35.25 -5.76
C PRO A 613 -35.91 -34.14 -6.68
N GLN A 614 -35.61 -32.89 -6.33
CA GLN A 614 -35.85 -31.75 -7.21
C GLN A 614 -34.58 -31.42 -8.00
N PHE A 615 -34.73 -31.11 -9.28
CA PHE A 615 -33.61 -30.64 -10.09
C PHE A 615 -33.74 -29.14 -10.38
N TYR A 616 -32.76 -28.36 -9.91
CA TYR A 616 -32.85 -26.89 -10.02
C TYR A 616 -32.17 -26.37 -11.27
N PHE A 617 -32.96 -25.83 -12.19
CA PHE A 617 -32.43 -25.26 -13.44
C PHE A 617 -32.63 -23.76 -13.50
N ARG A 618 -31.56 -23.01 -13.24
CA ARG A 618 -31.54 -21.54 -13.35
C ARG A 618 -32.36 -20.78 -12.30
N THR A 619 -33.68 -21.00 -12.27
CA THR A 619 -34.56 -20.22 -11.38
C THR A 619 -35.61 -21.06 -10.64
N THR A 620 -35.68 -22.36 -10.92
CA THR A 620 -36.78 -23.14 -10.36
C THR A 620 -36.46 -24.64 -10.19
N ASP A 621 -37.07 -25.25 -9.17
CA ASP A 621 -37.01 -26.70 -8.97
C ASP A 621 -37.94 -27.42 -9.93
N VAL A 622 -37.44 -28.49 -10.53
CA VAL A 622 -38.28 -29.37 -11.34
C VAL A 622 -38.16 -30.82 -10.89
N THR A 623 -39.30 -31.48 -10.76
CA THR A 623 -39.28 -32.85 -10.25
C THR A 623 -38.85 -33.81 -11.34
N GLY A 624 -38.06 -34.81 -10.98
CA GLY A 624 -37.59 -35.78 -11.96
C GLY A 624 -37.35 -37.16 -11.38
N THR A 625 -37.29 -38.14 -12.26
CA THR A 625 -36.89 -39.50 -11.89
C THR A 625 -35.56 -39.81 -12.56
N ILE A 626 -34.77 -40.69 -11.94
CA ILE A 626 -33.44 -41.05 -12.46
C ILE A 626 -33.40 -42.53 -12.86
N GLU A 627 -32.55 -42.83 -13.85
CA GLU A 627 -32.18 -44.21 -14.13
C GLU A 627 -30.69 -44.34 -13.82
N LEU A 628 -30.33 -45.32 -13.00
CA LEU A 628 -28.94 -45.54 -12.66
C LEU A 628 -28.26 -46.37 -13.74
N PRO A 629 -26.94 -46.20 -13.89
CA PRO A 629 -26.17 -46.99 -14.86
C PRO A 629 -26.27 -48.49 -14.58
N GLU A 630 -26.10 -49.30 -15.62
CA GLU A 630 -26.13 -50.75 -15.47
C GLU A 630 -25.16 -51.20 -14.38
N GLY A 631 -25.69 -51.95 -13.42
CA GLY A 631 -24.85 -52.54 -12.39
C GLY A 631 -24.72 -51.69 -11.14
N VAL A 632 -25.13 -50.42 -11.21
CA VAL A 632 -25.12 -49.59 -10.01
C VAL A 632 -26.47 -49.71 -9.31
N GLU A 633 -26.42 -49.94 -7.99
CA GLU A 633 -27.63 -50.20 -7.24
C GLU A 633 -27.75 -49.28 -6.03
N MET A 634 -26.62 -48.79 -5.55
CA MET A 634 -26.61 -47.86 -4.44
C MET A 634 -25.74 -46.64 -4.72
N VAL A 635 -26.20 -45.47 -4.28
CA VAL A 635 -25.38 -44.25 -4.37
C VAL A 635 -25.15 -43.68 -2.98
N MET A 636 -23.89 -43.49 -2.63
CA MET A 636 -23.55 -42.94 -1.32
C MET A 636 -23.22 -41.46 -1.38
N PRO A 637 -23.36 -40.76 -0.25
CA PRO A 637 -22.94 -39.35 -0.26
C PRO A 637 -21.46 -39.28 -0.63
N GLY A 638 -21.09 -38.29 -1.46
CA GLY A 638 -19.71 -38.15 -1.91
C GLY A 638 -19.38 -38.86 -3.22
N ASP A 639 -20.37 -39.54 -3.81
CA ASP A 639 -20.14 -40.28 -5.05
C ASP A 639 -20.22 -39.41 -6.31
N ASN A 640 -19.40 -39.76 -7.29
CA ASN A 640 -19.58 -39.34 -8.67
C ASN A 640 -20.41 -40.39 -9.36
N ILE A 641 -21.41 -39.97 -10.13
CA ILE A 641 -22.23 -40.95 -10.84
C ILE A 641 -22.93 -40.35 -12.05
N LYS A 642 -23.13 -41.16 -13.07
CA LYS A 642 -23.88 -40.72 -14.24
C LYS A 642 -25.32 -41.11 -14.05
N MET A 643 -26.24 -40.19 -14.33
CA MET A 643 -27.63 -40.58 -14.32
C MET A 643 -28.37 -40.07 -15.53
N VAL A 644 -29.36 -40.86 -15.97
CA VAL A 644 -30.28 -40.42 -16.99
C VAL A 644 -31.52 -39.90 -16.29
N VAL A 645 -31.78 -38.61 -16.46
CA VAL A 645 -32.86 -37.94 -15.76
C VAL A 645 -34.06 -37.74 -16.67
N THR A 646 -35.25 -37.88 -16.11
CA THR A 646 -36.49 -37.58 -16.83
C THR A 646 -37.36 -36.63 -15.99
N LEU A 647 -37.61 -35.43 -16.55
CA LEU A 647 -38.28 -34.37 -15.81
C LEU A 647 -39.79 -34.40 -16.01
N ILE A 648 -40.53 -33.94 -14.99
CA ILE A 648 -42.00 -33.94 -15.08
C ILE A 648 -42.49 -33.04 -16.20
N HIS A 649 -41.76 -31.95 -16.48
CA HIS A 649 -42.05 -31.14 -17.66
C HIS A 649 -40.75 -30.66 -18.29
N PRO A 650 -40.81 -30.20 -19.53
CA PRO A 650 -39.60 -29.81 -20.28
C PRO A 650 -38.94 -28.54 -19.74
N ILE A 651 -37.66 -28.40 -20.05
CA ILE A 651 -36.87 -27.27 -19.58
C ILE A 651 -35.88 -26.90 -20.69
N ALA A 652 -35.77 -25.62 -21.00
CA ALA A 652 -34.77 -25.16 -21.95
C ALA A 652 -33.39 -25.57 -21.43
N MET A 653 -32.66 -26.34 -22.23
CA MET A 653 -31.33 -26.79 -21.85
C MET A 653 -30.54 -27.24 -23.06
N ASP A 654 -29.21 -27.19 -22.93
CA ASP A 654 -28.33 -27.87 -23.85
C ASP A 654 -27.12 -28.45 -23.10
N ASP A 655 -26.29 -29.20 -23.81
CA ASP A 655 -25.10 -29.80 -23.23
C ASP A 655 -24.30 -28.74 -22.48
N GLY A 656 -23.90 -29.04 -21.26
CA GLY A 656 -23.06 -28.14 -20.49
C GLY A 656 -23.82 -27.37 -19.41
N LEU A 657 -25.14 -27.39 -19.48
CA LEU A 657 -25.96 -26.73 -18.48
C LEU A 657 -25.76 -27.40 -17.09
N ARG A 658 -25.40 -26.60 -16.11
CA ARG A 658 -25.20 -27.09 -14.75
C ARG A 658 -26.51 -26.98 -14.00
N PHE A 659 -26.77 -27.93 -13.10
CA PHE A 659 -27.96 -27.89 -12.27
C PHE A 659 -27.65 -28.35 -10.85
N ALA A 660 -28.51 -27.98 -9.90
CA ALA A 660 -28.39 -28.48 -8.53
C ALA A 660 -29.42 -29.57 -8.29
N ILE A 661 -29.14 -30.45 -7.33
CA ILE A 661 -30.10 -31.46 -6.92
C ILE A 661 -30.54 -31.13 -5.50
N ARG A 662 -31.84 -31.05 -5.28
CA ARG A 662 -32.34 -30.53 -4.01
C ARG A 662 -33.39 -31.40 -3.32
N GLU A 663 -33.38 -31.35 -2.00
CA GLU A 663 -34.40 -31.96 -1.17
C GLU A 663 -34.97 -30.85 -0.29
N GLY A 664 -36.20 -30.45 -0.57
CA GLY A 664 -36.86 -29.40 0.16
C GLY A 664 -36.06 -28.10 0.30
N GLY A 665 -35.40 -27.66 -0.77
CA GLY A 665 -34.67 -26.41 -0.70
C GLY A 665 -33.21 -26.56 -0.27
N ARG A 666 -32.88 -27.70 0.32
CA ARG A 666 -31.50 -28.00 0.67
C ARG A 666 -30.78 -28.62 -0.52
N THR A 667 -29.62 -28.07 -0.87
CA THR A 667 -28.80 -28.66 -1.93
C THR A 667 -28.08 -29.91 -1.44
N VAL A 668 -28.21 -31.00 -2.18
CA VAL A 668 -27.57 -32.27 -1.83
C VAL A 668 -26.71 -32.81 -2.97
N GLY A 669 -26.72 -32.12 -4.09
CA GLY A 669 -25.90 -32.57 -5.22
C GLY A 669 -25.80 -31.54 -6.32
N ALA A 670 -25.05 -31.89 -7.35
CA ALA A 670 -24.84 -30.99 -8.49
C ALA A 670 -24.62 -31.80 -9.76
N GLY A 671 -25.10 -31.28 -10.88
CA GLY A 671 -24.99 -31.99 -12.13
C GLY A 671 -24.61 -31.16 -13.31
N VAL A 672 -24.16 -31.83 -14.38
CA VAL A 672 -23.92 -31.21 -15.67
C VAL A 672 -24.64 -32.03 -16.75
N VAL A 673 -25.42 -31.34 -17.59
CA VAL A 673 -26.11 -32.02 -18.67
C VAL A 673 -25.09 -32.45 -19.71
N ALA A 674 -25.03 -33.75 -19.98
CA ALA A 674 -23.99 -34.30 -20.86
C ALA A 674 -24.53 -34.60 -22.24
N LYS A 675 -25.80 -34.97 -22.32
CA LYS A 675 -26.40 -35.28 -23.61
C LYS A 675 -27.91 -35.21 -23.54
N VAL A 676 -28.50 -34.46 -24.46
CA VAL A 676 -29.95 -34.31 -24.51
C VAL A 676 -30.54 -35.55 -25.16
N LEU A 677 -31.71 -36.00 -24.70
CA LEU A 677 -32.23 -37.29 -25.16
C LEU A 677 -33.60 -37.42 -25.81
N SER A 678 -34.62 -37.61 -24.96
CA SER A 678 -35.76 -38.49 -25.29
C SER A 678 -35.51 -39.24 -26.60
N SER B 7 -65.65 -39.71 5.27
CA SER B 7 -65.32 -41.11 5.07
C SER B 7 -63.88 -41.28 4.59
N ARG B 8 -63.02 -40.33 4.97
CA ARG B 8 -61.61 -40.40 4.63
C ARG B 8 -60.72 -39.69 5.67
N ASN B 9 -60.48 -40.37 6.79
CA ASN B 9 -59.58 -39.86 7.82
C ASN B 9 -58.13 -40.26 7.56
N SER B 10 -57.54 -39.69 6.53
CA SER B 10 -56.12 -39.86 6.27
C SER B 10 -55.33 -39.36 7.50
N LEU B 11 -54.08 -39.79 7.63
CA LEU B 11 -53.24 -39.28 8.70
C LEU B 11 -53.21 -37.76 8.63
N SER B 12 -53.17 -37.24 7.42
CA SER B 12 -53.04 -35.80 7.22
C SER B 12 -54.28 -35.05 7.74
N ALA B 13 -55.46 -35.61 7.52
CA ALA B 13 -56.71 -35.03 8.03
C ALA B 13 -56.82 -35.21 9.54
N GLN B 14 -56.47 -36.40 10.03
CA GLN B 14 -56.39 -36.66 11.46
C GLN B 14 -55.50 -35.65 12.18
N LEU B 15 -54.34 -35.38 11.60
CA LEU B 15 -53.36 -34.49 12.23
C LEU B 15 -53.87 -33.07 12.26
N ARG B 16 -54.51 -32.66 11.16
CA ARG B 16 -55.11 -31.34 11.05
C ARG B 16 -56.22 -31.17 12.08
N ARG B 17 -57.05 -32.21 12.23
CA ARG B 17 -58.12 -32.17 13.21
C ARG B 17 -57.52 -32.00 14.61
N ALA B 18 -56.53 -32.83 14.93
CA ALA B 18 -55.81 -32.71 16.20
C ALA B 18 -55.22 -31.32 16.44
N ALA B 19 -54.54 -30.78 15.43
CA ALA B 19 -53.92 -29.46 15.57
C ALA B 19 -54.93 -28.36 15.83
N ASN B 20 -56.19 -28.56 15.40
CA ASN B 20 -57.22 -27.52 15.58
C ASN B 20 -58.07 -27.63 16.83
N THR B 21 -57.73 -28.57 17.70
CA THR B 21 -58.36 -28.62 18.99
C THR B 21 -57.70 -27.64 19.96
N ARG B 22 -58.37 -27.37 21.08
CA ARG B 22 -57.79 -26.62 22.16
C ARG B 22 -57.39 -27.50 23.33
N ILE B 23 -56.29 -27.13 23.97
CA ILE B 23 -55.78 -27.77 25.17
C ILE B 23 -56.69 -27.35 26.32
N GLU B 24 -57.34 -28.33 26.95
CA GLU B 24 -58.35 -28.04 27.96
C GLU B 24 -57.77 -28.29 29.33
N VAL B 25 -57.62 -27.23 30.12
CA VAL B 25 -57.03 -27.38 31.44
C VAL B 25 -57.50 -26.29 32.41
N GLU B 26 -57.64 -26.68 33.67
CA GLU B 26 -57.99 -25.76 34.73
C GLU B 26 -56.76 -24.95 35.17
N GLY B 27 -56.93 -23.63 35.28
CA GLY B 27 -55.86 -22.77 35.77
C GLY B 27 -54.81 -22.36 34.74
N ASN B 28 -53.70 -21.85 35.24
CA ASN B 28 -52.62 -21.38 34.41
C ASN B 28 -51.65 -22.52 34.07
N LEU B 29 -51.80 -23.08 32.86
CA LEU B 29 -50.97 -24.20 32.43
C LEU B 29 -49.45 -23.88 32.46
N ALA B 30 -49.09 -22.72 31.92
CA ALA B 30 -47.72 -22.24 31.94
C ALA B 30 -47.14 -22.30 33.37
N LEU B 31 -47.85 -21.72 34.32
CA LEU B 31 -47.44 -21.71 35.71
C LEU B 31 -47.27 -23.12 36.27
N SER B 32 -48.19 -24.02 35.92
CA SER B 32 -48.16 -25.38 36.41
C SER B 32 -46.94 -26.12 35.89
N ILE B 33 -46.63 -25.92 34.61
CA ILE B 33 -45.43 -26.51 34.01
C ILE B 33 -44.18 -26.03 34.72
N ALA B 34 -44.09 -24.72 34.96
CA ALA B 34 -42.91 -24.14 35.58
C ALA B 34 -42.75 -24.61 37.02
N ASN B 35 -43.86 -24.72 37.74
CA ASN B 35 -43.80 -25.18 39.12
C ASN B 35 -43.41 -26.65 39.25
N ASP B 36 -43.86 -27.47 38.31
CA ASP B 36 -43.49 -28.88 38.34
C ASP B 36 -42.03 -29.06 38.02
N LEU B 37 -41.51 -28.14 37.20
CA LEU B 37 -40.13 -28.14 36.78
C LEU B 37 -39.24 -27.79 37.98
N LEU B 38 -39.61 -26.74 38.70
CA LEU B 38 -38.91 -26.34 39.92
C LEU B 38 -38.92 -27.45 40.98
N LEU B 39 -40.07 -28.08 41.18
CA LEU B 39 -40.17 -29.16 42.15
C LEU B 39 -39.23 -30.30 41.77
N ALA B 40 -39.20 -30.63 40.48
CA ALA B 40 -38.37 -31.72 40.00
C ALA B 40 -36.86 -31.46 40.20
N TYR B 41 -36.47 -30.20 40.31
CA TYR B 41 -35.07 -29.82 40.50
C TYR B 41 -34.80 -29.50 41.96
N GLY B 42 -35.82 -29.69 42.79
CA GLY B 42 -35.67 -29.47 44.23
C GLY B 42 -35.66 -28.02 44.64
N GLN B 43 -36.25 -27.16 43.82
CA GLN B 43 -36.42 -25.76 44.18
C GLN B 43 -37.84 -25.55 44.66
N SER B 44 -38.06 -24.52 45.47
CA SER B 44 -39.39 -24.17 45.92
C SER B 44 -40.21 -23.63 44.75
N PRO B 45 -41.49 -23.95 44.71
CA PRO B 45 -42.35 -23.46 43.62
C PRO B 45 -42.74 -21.99 43.83
N PHE B 46 -43.27 -21.36 42.79
CA PHE B 46 -43.81 -20.01 42.90
C PHE B 46 -45.10 -20.08 43.69
N ASN B 47 -45.14 -19.38 44.82
CA ASN B 47 -46.31 -19.33 45.68
C ASN B 47 -47.53 -18.66 45.04
N SER B 48 -47.27 -17.66 44.20
CA SER B 48 -48.30 -16.83 43.58
C SER B 48 -47.81 -16.26 42.25
N GLU B 49 -48.74 -15.77 41.43
CA GLU B 49 -48.38 -15.08 40.20
C GLU B 49 -47.41 -13.93 40.47
N ALA B 50 -47.58 -13.24 41.58
CA ALA B 50 -46.71 -12.12 41.93
C ALA B 50 -45.24 -12.53 42.09
N GLU B 51 -45.02 -13.73 42.63
CA GLU B 51 -43.65 -14.24 42.83
C GLU B 51 -42.93 -14.51 41.50
N CYS B 52 -43.67 -14.99 40.50
CA CYS B 52 -43.14 -15.23 39.16
C CYS B 52 -42.27 -14.13 38.59
N ILE B 53 -42.71 -12.90 38.78
CA ILE B 53 -42.09 -11.77 38.09
C ILE B 53 -41.13 -11.00 38.99
N SER B 54 -41.06 -11.39 40.26
CA SER B 54 -40.23 -10.68 41.23
C SER B 54 -39.25 -11.58 41.98
N PHE B 55 -38.71 -12.59 41.30
CA PHE B 55 -37.75 -13.47 41.94
C PHE B 55 -36.34 -13.20 41.45
N SER B 56 -35.44 -12.98 42.40
CA SER B 56 -34.05 -12.71 42.06
C SER B 56 -33.18 -13.91 42.37
N PRO B 57 -32.30 -14.27 41.45
CA PRO B 57 -31.40 -15.39 41.69
C PRO B 57 -30.17 -14.90 42.46
N ARG B 58 -29.39 -15.83 42.97
CA ARG B 58 -28.15 -15.51 43.63
C ARG B 58 -27.02 -15.98 42.74
N PHE B 59 -26.05 -15.08 42.50
CA PHE B 59 -24.94 -15.35 41.58
C PHE B 59 -23.79 -16.08 42.24
N ASP B 60 -24.13 -17.20 42.87
CA ASP B 60 -23.16 -18.10 43.49
C ASP B 60 -23.73 -19.51 43.43
N GLY B 61 -22.95 -20.48 43.89
CA GLY B 61 -23.34 -21.87 43.81
C GLY B 61 -22.69 -22.56 42.63
N THR B 62 -22.86 -23.88 42.56
CA THR B 62 -22.42 -24.65 41.42
C THR B 62 -23.23 -24.20 40.20
N PRO B 63 -22.68 -24.39 38.99
CA PRO B 63 -23.44 -24.04 37.80
C PRO B 63 -24.80 -24.74 37.74
N ASP B 64 -24.88 -25.99 38.19
CA ASP B 64 -26.14 -26.71 38.17
C ASP B 64 -27.18 -25.96 39.00
N ASP B 65 -26.80 -25.58 40.22
CA ASP B 65 -27.68 -24.84 41.11
C ASP B 65 -28.08 -23.52 40.49
N PHE B 66 -27.12 -22.81 39.93
CA PHE B 66 -27.42 -21.51 39.37
C PHE B 66 -28.31 -21.62 38.14
N ARG B 67 -28.08 -22.63 37.31
CA ARG B 67 -28.76 -22.76 36.05
C ARG B 67 -30.29 -22.88 36.25
N ILE B 68 -30.73 -23.66 37.23
CA ILE B 68 -32.16 -23.81 37.50
C ILE B 68 -32.71 -22.59 38.26
N ASN B 69 -31.91 -22.08 39.17
CA ASN B 69 -32.24 -20.87 39.91
C ASN B 69 -32.47 -19.69 38.97
N TYR B 70 -31.75 -19.68 37.86
CA TYR B 70 -31.83 -18.58 36.92
C TYR B 70 -33.01 -18.84 36.01
N LEU B 71 -33.21 -20.09 35.65
CA LEU B 71 -34.43 -20.42 34.91
C LEU B 71 -35.62 -19.91 35.72
N LYS B 72 -35.56 -20.10 37.03
CA LYS B 72 -36.67 -19.68 37.90
C LYS B 72 -36.95 -18.19 37.82
N ALA B 73 -35.90 -17.38 37.91
CA ALA B 73 -36.03 -15.92 37.83
C ALA B 73 -36.56 -15.44 36.47
N GLU B 74 -36.34 -16.21 35.41
CA GLU B 74 -36.65 -15.76 34.05
C GLU B 74 -37.92 -16.36 33.43
N ILE B 75 -38.17 -17.63 33.71
CA ILE B 75 -39.10 -18.43 32.91
C ILE B 75 -40.50 -17.82 32.73
N MET B 76 -41.06 -17.26 33.79
CA MET B 76 -42.34 -16.55 33.67
C MET B 76 -42.22 -15.02 33.66
N SER B 77 -40.99 -14.50 33.51
CA SER B 77 -40.65 -13.05 33.51
C SER B 77 -41.45 -12.25 32.48
N LYS B 78 -41.80 -12.89 31.37
CA LYS B 78 -42.43 -12.22 30.26
C LYS B 78 -43.86 -12.71 29.97
N TYR B 79 -44.40 -13.55 30.86
CA TYR B 79 -45.75 -14.09 30.64
C TYR B 79 -46.77 -12.95 30.56
N ASP B 80 -47.56 -12.94 29.50
CA ASP B 80 -48.37 -11.76 29.20
C ASP B 80 -49.83 -11.90 29.62
N ASP B 81 -50.13 -12.94 30.40
CA ASP B 81 -51.52 -13.23 30.78
C ASP B 81 -51.76 -13.33 32.30
N PHE B 82 -51.03 -12.57 33.09
CA PHE B 82 -51.24 -12.57 34.53
C PHE B 82 -52.46 -11.71 34.89
N SER B 83 -53.01 -11.91 36.07
CA SER B 83 -54.07 -11.04 36.56
C SER B 83 -53.58 -10.25 37.77
N LEU B 84 -52.59 -9.39 37.54
CA LEU B 84 -52.01 -8.61 38.62
C LEU B 84 -52.47 -7.17 38.56
N GLY B 85 -53.29 -6.85 37.56
CA GLY B 85 -53.79 -5.50 37.39
C GLY B 85 -52.73 -4.50 36.92
N ILE B 86 -51.60 -5.01 36.44
CA ILE B 86 -50.55 -4.16 35.93
C ILE B 86 -50.95 -3.63 34.56
N ASP B 87 -50.93 -2.31 34.39
CA ASP B 87 -51.15 -1.71 33.07
C ASP B 87 -49.80 -1.51 32.38
N THR B 88 -49.38 -2.51 31.60
CA THR B 88 -48.04 -2.48 31.04
C THR B 88 -47.83 -1.41 29.98
N GLU B 89 -48.92 -0.89 29.43
CA GLU B 89 -48.81 0.21 28.48
C GLU B 89 -48.58 1.53 29.21
N ALA B 90 -49.46 1.82 30.16
CA ALA B 90 -49.32 3.04 30.95
C ALA B 90 -47.95 3.08 31.62
N VAL B 91 -47.49 1.93 32.09
CA VAL B 91 -46.15 1.89 32.70
C VAL B 91 -45.10 2.33 31.70
N ALA B 92 -45.18 1.82 30.47
CA ALA B 92 -44.27 2.21 29.40
C ALA B 92 -44.31 3.72 29.08
N TRP B 93 -45.50 4.27 28.83
CA TRP B 93 -45.64 5.71 28.58
C TRP B 93 -45.08 6.58 29.70
N GLU B 94 -45.19 6.11 30.93
CA GLU B 94 -44.58 6.80 32.05
C GLU B 94 -43.08 6.91 31.82
N LYS B 95 -42.44 5.79 31.44
CA LYS B 95 -40.98 5.77 31.28
C LYS B 95 -40.61 6.61 30.08
N PHE B 96 -41.45 6.54 29.07
CA PHE B 96 -41.23 7.26 27.84
C PHE B 96 -41.16 8.78 28.12
N LEU B 97 -42.12 9.30 28.89
CA LEU B 97 -42.09 10.71 29.27
C LEU B 97 -40.86 11.05 30.11
N ALA B 98 -40.47 10.13 30.99
CA ALA B 98 -39.31 10.35 31.86
C ALA B 98 -38.02 10.47 31.06
N ALA B 99 -37.83 9.57 30.12
CA ALA B 99 -36.66 9.57 29.25
C ALA B 99 -36.58 10.86 28.43
N GLU B 100 -37.72 11.25 27.86
CA GLU B 100 -37.82 12.48 27.12
C GLU B 100 -37.45 13.68 28.00
N ALA B 101 -37.91 13.68 29.24
CA ALA B 101 -37.56 14.74 30.19
C ALA B 101 -36.07 14.69 30.49
N GLU B 102 -35.55 13.48 30.58
CA GLU B 102 -34.12 13.25 30.75
C GLU B 102 -33.30 13.90 29.62
N CYS B 103 -33.65 13.60 28.36
CA CYS B 103 -32.95 14.23 27.24
C CYS B 103 -33.07 15.73 27.28
N ALA B 104 -34.22 16.23 27.72
CA ALA B 104 -34.37 17.67 27.85
C ALA B 104 -33.22 18.24 28.68
N LEU B 105 -32.97 17.66 29.85
CA LEU B 105 -31.89 18.09 30.73
C LEU B 105 -30.53 17.97 30.06
N THR B 106 -30.33 16.85 29.37
CA THR B 106 -29.08 16.57 28.68
C THR B 106 -28.84 17.56 27.56
N ASN B 107 -29.88 17.84 26.77
CA ASN B 107 -29.79 18.81 25.69
C ASN B 107 -29.35 20.18 26.20
N ALA B 108 -29.85 20.58 27.36
CA ALA B 108 -29.49 21.88 27.94
C ALA B 108 -28.09 21.88 28.55
N ARG B 109 -27.77 20.85 29.32
CA ARG B 109 -26.46 20.75 29.96
C ARG B 109 -25.33 20.66 28.93
N LEU B 110 -25.57 19.94 27.84
CA LEU B 110 -24.57 19.74 26.79
C LEU B 110 -24.42 20.93 25.84
N TYR B 111 -25.48 21.69 25.64
CA TYR B 111 -25.39 22.96 24.91
C TYR B 111 -25.05 24.13 25.85
N ARG B 112 -24.45 23.85 27.01
CA ARG B 112 -24.20 24.90 28.02
C ARG B 112 -22.73 25.09 28.35
N PRO B 113 -22.28 26.35 28.46
CA PRO B 113 -20.89 26.67 28.80
C PRO B 113 -20.57 26.25 30.23
N PHE B 119 -9.08 26.74 34.48
CA PHE B 119 -9.27 25.57 33.63
C PHE B 119 -9.96 24.44 34.37
N ASN B 120 -11.16 24.06 33.93
CA ASN B 120 -11.89 22.94 34.51
C ASN B 120 -11.76 21.69 33.65
N PHE B 121 -11.62 20.54 34.30
CA PHE B 121 -11.32 19.29 33.60
C PHE B 121 -12.31 18.16 33.87
N SER B 122 -12.57 17.35 32.84
CA SER B 122 -13.70 16.45 32.88
C SER B 122 -13.45 15.24 31.98
N LEU B 123 -13.80 14.06 32.48
CA LEU B 123 -13.65 12.82 31.73
C LEU B 123 -14.68 12.80 30.61
N GLY B 124 -15.92 13.18 30.94
CA GLY B 124 -17.01 13.26 29.98
C GLY B 124 -16.66 14.09 28.76
N GLU B 125 -16.28 15.35 28.95
CA GLU B 125 -15.90 16.21 27.84
C GLU B 125 -14.71 15.65 27.05
N SER B 126 -13.73 15.10 27.75
CA SER B 126 -12.56 14.55 27.07
C SER B 126 -12.94 13.43 26.13
N CYS B 127 -13.83 12.55 26.59
CA CYS B 127 -14.24 11.41 25.75
C CYS B 127 -15.05 11.87 24.57
N ILE B 128 -15.87 12.90 24.78
CA ILE B 128 -16.59 13.45 23.65
C ILE B 128 -15.61 13.98 22.60
N HIS B 129 -14.58 14.71 23.07
CA HIS B 129 -13.59 15.27 22.16
C HIS B 129 -12.86 14.18 21.39
N MET B 130 -12.56 13.08 22.08
CA MET B 130 -11.80 12.02 21.43
C MET B 130 -12.71 11.24 20.48
N ALA B 131 -13.91 10.89 20.96
CA ALA B 131 -14.88 10.20 20.09
C ALA B 131 -15.22 11.00 18.82
N ARG B 132 -15.43 12.32 18.96
CA ARG B 132 -15.73 13.18 17.77
C ARG B 132 -14.67 12.94 16.68
N ARG B 133 -13.38 13.03 17.06
CA ARG B 133 -12.29 12.91 16.08
C ARG B 133 -12.25 11.52 15.43
N LYS B 134 -12.37 10.48 16.24
CA LYS B 134 -12.41 9.10 15.71
C LYS B 134 -13.62 8.79 14.82
N ILE B 135 -14.81 9.21 15.24
CA ILE B 135 -15.99 9.06 14.37
C ILE B 135 -15.76 9.73 13.01
N ALA B 136 -15.11 10.90 12.99
CA ALA B 136 -14.92 11.57 11.71
C ALA B 136 -14.03 10.75 10.78
N LYS B 137 -12.95 10.18 11.32
CA LYS B 137 -12.07 9.34 10.48
C LYS B 137 -12.85 8.15 9.96
N LEU B 138 -13.71 7.58 10.81
CA LEU B 138 -14.47 6.39 10.43
C LEU B 138 -15.53 6.64 9.35
N ILE B 139 -16.38 7.64 9.56
CA ILE B 139 -17.54 7.81 8.68
C ILE B 139 -17.48 8.97 7.68
N GLY B 140 -16.41 9.75 7.72
CA GLY B 140 -16.22 10.83 6.76
C GLY B 140 -17.15 12.00 6.99
N ASP B 141 -17.18 12.93 6.04
CA ASP B 141 -17.89 14.21 6.22
C ASP B 141 -19.41 14.13 6.10
N VAL B 142 -19.87 13.27 5.21
CA VAL B 142 -21.25 13.22 4.79
C VAL B 142 -21.45 11.83 4.22
N PRO B 143 -22.66 11.26 4.37
CA PRO B 143 -23.03 9.98 3.75
C PRO B 143 -22.87 10.07 2.23
N SER B 144 -22.21 9.10 1.61
CA SER B 144 -21.95 9.16 0.17
C SER B 144 -23.15 8.75 -0.65
N VAL B 145 -23.20 9.27 -1.86
CA VAL B 145 -24.23 8.94 -2.82
C VAL B 145 -24.23 7.45 -3.14
N GLU B 146 -23.04 6.88 -3.30
CA GLU B 146 -22.87 5.47 -3.61
C GLU B 146 -23.47 4.62 -2.50
N GLY B 147 -23.23 5.00 -1.26
CA GLY B 147 -23.73 4.26 -0.12
C GLY B 147 -25.23 4.35 0.01
N MET B 148 -25.77 5.54 -0.19
CA MET B 148 -27.21 5.70 -0.13
C MET B 148 -27.87 4.87 -1.24
N LEU B 149 -27.25 4.87 -2.41
CA LEU B 149 -27.77 4.15 -3.57
C LEU B 149 -27.84 2.66 -3.26
N ARG B 150 -26.83 2.18 -2.54
CA ARG B 150 -26.70 0.76 -2.26
C ARG B 150 -27.59 0.32 -1.10
N HIS B 151 -27.88 1.22 -0.16
CA HIS B 151 -28.53 0.80 1.08
C HIS B 151 -29.97 1.26 1.32
N CYS B 152 -30.44 2.28 0.61
CA CYS B 152 -31.84 2.71 0.77
C CYS B 152 -32.79 1.62 0.27
N ARG B 153 -33.88 1.43 0.99
CA ARG B 153 -34.85 0.41 0.62
C ARG B 153 -36.06 0.54 1.54
N PHE B 154 -37.15 -0.13 1.18
CA PHE B 154 -38.29 -0.25 2.10
C PHE B 154 -38.15 -1.52 2.92
N SER B 155 -38.66 -1.49 4.15
CA SER B 155 -38.70 -2.70 4.99
C SER B 155 -40.05 -3.40 4.86
N GLY B 156 -40.24 -4.45 5.65
CA GLY B 156 -41.48 -5.20 5.67
C GLY B 156 -42.39 -4.82 6.82
N GLY B 157 -42.06 -3.75 7.53
CA GLY B 157 -42.85 -3.31 8.68
C GLY B 157 -43.93 -2.27 8.38
N ALA B 158 -44.67 -1.87 9.41
CA ALA B 158 -45.67 -0.83 9.24
C ALA B 158 -45.02 0.54 9.00
N THR B 159 -45.77 1.42 8.35
CA THR B 159 -45.42 2.84 8.25
C THR B 159 -46.69 3.61 8.58
N THR B 160 -46.60 4.93 8.59
CA THR B 160 -47.75 5.74 8.94
C THR B 160 -48.93 5.51 8.01
N THR B 161 -48.69 4.99 6.81
CA THR B 161 -49.75 4.74 5.84
C THR B 161 -50.04 3.24 5.65
N ASN B 162 -49.11 2.40 6.07
CA ASN B 162 -49.25 0.96 5.84
C ASN B 162 -49.26 0.19 7.15
N ASN B 163 -50.40 -0.42 7.48
CA ASN B 163 -50.43 -1.30 8.65
C ASN B 163 -49.71 -2.60 8.34
N ARG B 164 -49.62 -3.47 9.33
CA ARG B 164 -48.79 -4.68 9.18
C ARG B 164 -49.17 -5.50 7.95
N SER B 165 -50.46 -5.63 7.69
CA SER B 165 -50.90 -6.46 6.56
C SER B 165 -50.53 -5.84 5.21
N TYR B 166 -50.20 -4.55 5.20
CA TYR B 166 -49.70 -3.89 4.00
C TYR B 166 -48.23 -3.51 4.15
N GLY B 167 -47.50 -4.31 4.93
CA GLY B 167 -46.13 -4.01 5.28
C GLY B 167 -45.08 -4.44 4.26
N HIS B 168 -45.44 -5.40 3.42
CA HIS B 168 -44.50 -5.87 2.40
C HIS B 168 -44.02 -4.75 1.48
N PRO B 169 -42.72 -4.73 1.17
CA PRO B 169 -42.12 -3.66 0.36
C PRO B 169 -42.93 -3.34 -0.92
N SER B 170 -43.49 -4.36 -1.57
CA SER B 170 -44.31 -4.15 -2.76
C SER B 170 -45.46 -3.16 -2.54
N PHE B 171 -46.00 -3.15 -1.32
CA PHE B 171 -47.07 -2.21 -0.98
C PHE B 171 -46.50 -0.82 -0.68
N LYS B 172 -45.20 -0.75 -0.40
CA LYS B 172 -44.57 0.53 -0.09
C LYS B 172 -44.35 1.30 -1.39
N PHE B 173 -44.06 0.57 -2.48
CA PHE B 173 -44.03 1.16 -3.82
C PHE B 173 -45.43 1.39 -4.39
N ALA B 174 -46.38 0.58 -3.94
CA ALA B 174 -47.73 0.62 -4.46
C ALA B 174 -48.51 1.79 -3.88
N LEU B 175 -48.42 2.00 -2.56
CA LEU B 175 -49.15 3.10 -1.94
C LEU B 175 -48.24 4.30 -1.71
N PRO B 176 -48.75 5.50 -1.97
CA PRO B 176 -47.93 6.70 -1.68
C PRO B 176 -47.57 6.74 -0.19
N GLN B 177 -46.30 6.97 0.14
CA GLN B 177 -45.91 7.05 1.55
C GLN B 177 -45.82 8.51 2.01
N ALA B 178 -45.89 8.71 3.31
CA ALA B 178 -45.77 10.05 3.86
C ALA B 178 -44.30 10.45 3.95
N CYS B 179 -44.05 11.75 4.14
CA CYS B 179 -42.72 12.18 4.50
C CYS B 179 -42.74 13.47 5.30
N THR B 180 -41.66 13.69 6.04
CA THR B 180 -41.51 14.92 6.79
C THR B 180 -41.09 16.03 5.85
N PRO B 181 -41.26 17.28 6.30
CA PRO B 181 -40.86 18.47 5.53
C PRO B 181 -39.36 18.43 5.13
N ARG B 182 -38.51 18.10 6.10
CA ARG B 182 -37.08 18.05 5.79
C ARG B 182 -36.70 16.88 4.88
N ALA B 183 -37.53 15.84 4.78
CA ALA B 183 -37.16 14.69 3.93
C ALA B 183 -37.66 14.83 2.50
N LEU B 184 -38.45 15.87 2.26
CA LEU B 184 -39.07 16.06 0.95
C LEU B 184 -38.06 16.11 -0.19
N LYS B 185 -36.96 16.82 0.01
CA LYS B 185 -35.99 16.98 -1.07
C LYS B 185 -35.34 15.64 -1.44
N TYR B 186 -35.21 14.74 -0.46
CA TYR B 186 -34.73 13.38 -0.74
C TYR B 186 -35.70 12.63 -1.66
N VAL B 187 -36.99 12.62 -1.30
CA VAL B 187 -38.00 12.01 -2.16
C VAL B 187 -37.94 12.63 -3.57
N LEU B 188 -37.84 13.95 -3.63
CA LEU B 188 -37.84 14.63 -4.92
C LEU B 188 -36.62 14.25 -5.77
N ALA B 189 -35.47 14.07 -5.11
CA ALA B 189 -34.28 13.63 -5.85
C ALA B 189 -34.45 12.20 -6.36
N LEU B 190 -35.05 11.35 -5.53
CA LEU B 190 -35.44 10.00 -5.97
C LEU B 190 -36.38 10.10 -7.18
N ARG B 191 -37.39 10.96 -7.06
CA ARG B 191 -38.38 11.06 -8.12
C ARG B 191 -37.75 11.51 -9.44
N ALA B 192 -36.81 12.43 -9.36
CA ALA B 192 -36.15 12.95 -10.57
C ALA B 192 -35.28 11.91 -11.25
N SER B 193 -34.88 10.88 -10.51
CA SER B 193 -33.89 9.93 -11.04
C SER B 193 -34.53 8.75 -11.77
N THR B 194 -35.85 8.67 -11.76
CA THR B 194 -36.57 7.56 -12.39
C THR B 194 -37.78 8.00 -13.23
N HIS B 195 -38.13 7.20 -14.23
CA HIS B 195 -39.28 7.48 -15.06
C HIS B 195 -40.57 7.04 -14.36
N PHE B 196 -40.46 6.07 -13.45
CA PHE B 196 -41.59 5.68 -12.61
C PHE B 196 -41.92 6.85 -11.74
N ASP B 197 -43.15 6.92 -11.27
CA ASP B 197 -43.41 8.07 -10.44
C ASP B 197 -43.51 7.65 -8.99
N THR B 198 -42.92 8.47 -8.15
CA THR B 198 -42.92 8.16 -6.75
C THR B 198 -43.81 9.21 -6.12
N ARG B 199 -44.77 8.74 -5.34
CA ARG B 199 -45.84 9.61 -4.84
C ARG B 199 -45.70 9.79 -3.36
N ILE B 200 -46.09 10.97 -2.89
CA ILE B 200 -46.11 11.27 -1.47
C ILE B 200 -47.56 11.43 -1.09
N SER B 201 -47.97 10.79 -0.01
CA SER B 201 -49.37 10.86 0.41
C SER B 201 -49.64 12.17 1.14
N ASP B 202 -48.85 12.47 2.18
CA ASP B 202 -48.88 13.77 2.86
C ASP B 202 -47.50 14.13 3.38
N ILE B 203 -47.31 15.42 3.63
CA ILE B 203 -46.10 15.90 4.24
C ILE B 203 -46.42 16.27 5.69
N SER B 204 -45.85 15.53 6.63
CA SER B 204 -46.17 15.73 8.04
C SER B 204 -44.95 15.39 8.89
N PRO B 205 -44.77 16.12 10.00
CA PRO B 205 -43.56 15.92 10.80
C PRO B 205 -43.77 14.89 11.90
N PHE B 206 -44.91 14.20 11.85
CA PHE B 206 -45.26 13.26 12.92
C PHE B 206 -44.94 11.82 12.55
N ASN B 207 -44.28 11.11 13.45
CA ASN B 207 -44.35 9.66 13.40
C ASN B 207 -45.44 9.21 14.37
N LYS B 208 -45.70 7.90 14.47
CA LYS B 208 -46.72 7.41 15.39
C LYS B 208 -46.08 6.58 16.49
N ALA B 209 -46.27 6.98 17.74
CA ALA B 209 -45.69 6.25 18.87
C ALA B 209 -46.65 5.20 19.43
N VAL B 210 -46.13 4.01 19.68
CA VAL B 210 -46.95 2.92 20.17
C VAL B 210 -46.17 1.96 21.04
N THR B 211 -46.91 1.04 21.65
CA THR B 211 -46.33 0.03 22.54
C THR B 211 -46.40 -1.37 21.97
N VAL B 212 -45.31 -2.10 22.10
CA VAL B 212 -45.28 -3.54 21.87
C VAL B 212 -44.87 -4.27 23.17
N PRO B 213 -45.13 -5.58 23.25
CA PRO B 213 -44.86 -6.26 24.52
C PRO B 213 -43.38 -6.36 24.80
N LYS B 214 -43.03 -6.43 26.08
CA LYS B 214 -41.64 -6.63 26.49
C LYS B 214 -41.56 -7.68 27.60
N ASN B 215 -42.11 -7.35 28.76
CA ASN B 215 -42.21 -8.30 29.85
C ASN B 215 -43.51 -8.08 30.63
N SER B 216 -43.71 -8.82 31.71
CA SER B 216 -44.96 -8.77 32.47
C SER B 216 -45.16 -7.45 33.21
N LYS B 217 -44.07 -6.72 33.43
CA LYS B 217 -44.14 -5.45 34.15
C LYS B 217 -44.40 -4.22 33.28
N THR B 218 -43.94 -4.25 32.03
CA THR B 218 -44.00 -3.05 31.18
C THR B 218 -43.87 -3.39 29.70
N ASP B 219 -44.53 -2.60 28.86
CA ASP B 219 -44.36 -2.70 27.41
C ASP B 219 -43.08 -2.01 26.96
N ARG B 220 -42.91 -1.97 25.64
CA ARG B 220 -41.80 -1.27 25.02
C ARG B 220 -42.38 -0.20 24.08
N CYS B 221 -41.85 1.01 24.16
CA CYS B 221 -42.28 2.06 23.25
C CYS B 221 -41.48 2.03 21.95
N ILE B 222 -42.18 2.17 20.84
CA ILE B 222 -41.53 2.25 19.55
C ILE B 222 -42.20 3.33 18.69
N ALA B 223 -41.64 3.60 17.53
CA ALA B 223 -42.24 4.54 16.63
C ALA B 223 -42.45 3.89 15.30
N ILE B 224 -43.51 4.32 14.63
CA ILE B 224 -43.80 3.94 13.26
C ILE B 224 -43.58 5.17 12.39
N GLU B 225 -42.63 5.07 11.48
CA GLU B 225 -42.18 6.22 10.72
C GLU B 225 -43.02 6.46 9.47
N PRO B 226 -42.98 7.68 8.95
CA PRO B 226 -43.43 7.92 7.57
C PRO B 226 -42.58 7.07 6.64
N GLY B 227 -43.20 6.38 5.71
CA GLY B 227 -42.48 5.44 4.86
C GLY B 227 -41.30 5.94 4.05
N TRP B 228 -41.35 7.17 3.51
CA TRP B 228 -40.22 7.66 2.73
C TRP B 228 -39.01 7.95 3.63
N ASN B 229 -39.29 8.45 4.82
CA ASN B 229 -38.26 8.70 5.82
C ASN B 229 -37.55 7.39 6.13
N MET B 230 -38.35 6.37 6.40
CA MET B 230 -37.83 5.04 6.67
C MET B 230 -36.94 4.56 5.52
N PHE B 231 -37.45 4.67 4.30
CA PHE B 231 -36.68 4.32 3.11
C PHE B 231 -35.25 4.89 3.18
N PHE B 232 -35.13 6.16 3.57
CA PHE B 232 -33.82 6.83 3.62
C PHE B 232 -33.04 6.55 4.89
N GLN B 233 -33.75 6.40 6.01
CA GLN B 233 -33.13 5.98 7.27
C GLN B 233 -32.37 4.66 7.08
N LEU B 234 -32.99 3.71 6.40
CA LEU B 234 -32.38 2.42 6.16
C LEU B 234 -31.09 2.56 5.35
N GLY B 235 -31.04 3.57 4.48
CA GLY B 235 -29.81 3.90 3.77
C GLY B 235 -28.68 4.27 4.74
N ILE B 236 -28.99 5.20 5.64
CA ILE B 236 -28.07 5.57 6.70
C ILE B 236 -27.66 4.34 7.52
N GLY B 237 -28.65 3.56 7.95
CA GLY B 237 -28.40 2.36 8.73
C GLY B 237 -27.40 1.43 8.06
N GLY B 238 -27.66 1.14 6.79
CA GLY B 238 -26.77 0.31 5.99
C GLY B 238 -25.34 0.81 5.89
N ILE B 239 -25.17 2.13 5.74
CA ILE B 239 -23.83 2.70 5.62
C ILE B 239 -23.05 2.57 6.92
N LEU B 240 -23.71 2.89 8.02
CA LEU B 240 -23.13 2.79 9.34
C LEU B 240 -22.68 1.34 9.61
N ARG B 241 -23.53 0.40 9.24
CA ARG B 241 -23.26 -1.03 9.48
C ARG B 241 -21.98 -1.43 8.76
N ASP B 242 -21.81 -0.94 7.52
CA ASP B 242 -20.58 -1.19 6.74
C ASP B 242 -19.35 -0.62 7.43
N ARG B 243 -19.44 0.65 7.83
CA ARG B 243 -18.31 1.36 8.40
C ARG B 243 -17.88 0.77 9.75
N LEU B 244 -18.85 0.35 10.55
CA LEU B 244 -18.53 -0.19 11.87
C LEU B 244 -17.63 -1.42 11.81
N ARG B 245 -17.66 -2.12 10.68
CA ARG B 245 -16.79 -3.27 10.52
C ARG B 245 -15.31 -2.89 10.70
N CYS B 246 -14.96 -1.65 10.38
CA CYS B 246 -13.58 -1.18 10.58
C CYS B 246 -13.19 -1.05 12.05
N TRP B 247 -14.17 -1.14 12.94
CA TRP B 247 -13.89 -1.11 14.36
C TRP B 247 -14.09 -2.51 14.92
N GLY B 248 -14.09 -3.49 14.03
CA GLY B 248 -14.32 -4.88 14.40
C GLY B 248 -15.71 -5.20 14.90
N ILE B 249 -16.66 -4.34 14.55
CA ILE B 249 -18.03 -4.52 14.97
C ILE B 249 -18.90 -4.94 13.79
N ASP B 250 -19.48 -6.14 13.88
CA ASP B 250 -20.35 -6.66 12.85
C ASP B 250 -21.77 -6.79 13.35
N LEU B 251 -22.60 -5.79 13.01
CA LEU B 251 -24.00 -5.74 13.42
C LEU B 251 -24.91 -6.81 12.78
N ASN B 252 -24.35 -7.64 11.91
CA ASN B 252 -25.11 -8.75 11.32
C ASN B 252 -24.84 -10.05 12.05
N ASP B 253 -23.90 -10.02 12.98
CA ASP B 253 -23.45 -11.24 13.64
C ASP B 253 -23.47 -11.09 15.16
N GLN B 254 -24.52 -11.60 15.78
CA GLN B 254 -24.65 -11.57 17.23
C GLN B 254 -23.72 -12.55 17.95
N THR B 255 -23.12 -13.50 17.22
CA THR B 255 -22.39 -14.57 17.92
C THR B 255 -21.08 -14.07 18.48
N ILE B 256 -20.57 -12.98 17.90
CA ILE B 256 -19.35 -12.37 18.38
C ILE B 256 -19.53 -11.97 19.84
N ASN B 257 -20.58 -11.22 20.14
CA ASN B 257 -20.83 -10.80 21.51
C ASN B 257 -21.11 -12.00 22.41
N GLN B 258 -21.80 -13.00 21.87
CA GLN B 258 -22.17 -14.17 22.68
C GLN B 258 -20.92 -14.88 23.18
N ARG B 259 -19.99 -15.12 22.27
CA ARG B 259 -18.72 -15.73 22.64
C ARG B 259 -17.92 -14.88 23.63
N ARG B 260 -17.90 -13.57 23.43
CA ARG B 260 -17.12 -12.70 24.31
C ARG B 260 -17.72 -12.71 25.72
N ALA B 261 -19.04 -12.83 25.82
CA ALA B 261 -19.71 -13.01 27.10
C ALA B 261 -19.28 -14.29 27.81
N HIS B 262 -19.22 -15.38 27.05
CA HIS B 262 -18.81 -16.66 27.57
C HIS B 262 -17.38 -16.54 28.11
N GLU B 263 -16.52 -15.95 27.28
CA GLU B 263 -15.15 -15.71 27.63
C GLU B 263 -15.05 -14.91 28.93
N GLY B 264 -15.84 -13.85 29.04
CA GLY B 264 -15.82 -13.02 30.23
C GLY B 264 -16.27 -13.79 31.46
N SER B 265 -17.17 -14.76 31.29
CA SER B 265 -17.63 -15.52 32.45
C SER B 265 -16.53 -16.47 32.93
N VAL B 266 -15.59 -16.78 32.06
CA VAL B 266 -14.47 -17.63 32.41
C VAL B 266 -13.27 -16.81 32.91
N THR B 267 -12.85 -15.78 32.16
CA THR B 267 -11.64 -15.02 32.49
C THR B 267 -11.88 -13.91 33.49
N ASN B 268 -13.11 -13.39 33.51
CA ASN B 268 -13.44 -12.17 34.28
C ASN B 268 -12.75 -10.87 33.82
N ASN B 269 -12.16 -10.91 32.62
CA ASN B 269 -11.44 -9.75 32.09
C ASN B 269 -12.29 -8.88 31.17
N LEU B 270 -13.42 -9.41 30.73
CA LEU B 270 -14.40 -8.70 29.92
C LEU B 270 -15.65 -8.48 30.73
N ALA B 271 -16.24 -7.31 30.58
CA ALA B 271 -17.49 -6.98 31.24
C ALA B 271 -18.62 -6.92 30.22
N THR B 272 -19.81 -7.38 30.62
CA THR B 272 -21.00 -7.13 29.80
C THR B 272 -21.81 -6.02 30.45
N VAL B 273 -22.13 -5.01 29.66
CA VAL B 273 -22.84 -3.84 30.13
C VAL B 273 -24.20 -3.71 29.44
N ASP B 274 -25.26 -3.74 30.23
CA ASP B 274 -26.60 -3.48 29.73
C ASP B 274 -27.03 -2.02 29.93
N LEU B 275 -27.44 -1.40 28.83
CA LEU B 275 -27.95 -0.03 28.91
C LEU B 275 -29.47 0.01 29.01
N SER B 276 -29.93 0.46 30.19
CA SER B 276 -31.33 0.58 30.54
C SER B 276 -32.15 1.37 29.50
N ALA B 277 -32.53 0.68 28.42
CA ALA B 277 -33.30 1.28 27.34
C ALA B 277 -32.82 2.70 27.06
N ALA B 278 -31.51 2.86 26.96
CA ALA B 278 -30.95 4.15 26.63
C ALA B 278 -31.02 4.35 25.13
N SER B 279 -31.78 3.49 24.46
CA SER B 279 -32.12 3.67 23.05
C SER B 279 -33.16 4.77 22.88
N ASP B 280 -33.49 5.41 24.00
CA ASP B 280 -34.44 6.50 24.03
C ASP B 280 -33.82 7.68 24.74
N SER B 281 -32.54 7.57 25.05
CA SER B 281 -31.86 8.59 25.83
C SER B 281 -30.74 9.24 25.02
N ILE B 282 -30.65 8.86 23.75
CA ILE B 282 -29.70 9.47 22.84
C ILE B 282 -30.26 10.81 22.41
N SER B 283 -29.74 11.84 23.05
CA SER B 283 -30.19 13.21 22.88
C SER B 283 -29.68 13.85 21.60
N LEU B 284 -30.46 14.78 21.07
CA LEU B 284 -30.07 15.60 19.94
C LEU B 284 -28.68 16.20 20.18
N ALA B 285 -28.45 16.68 21.40
CA ALA B 285 -27.20 17.39 21.72
C ALA B 285 -26.00 16.48 21.59
N LEU B 286 -26.10 15.27 22.13
CA LEU B 286 -25.00 14.34 22.05
C LEU B 286 -24.63 14.04 20.61
N CYS B 287 -25.64 13.87 19.75
CA CYS B 287 -25.37 13.55 18.36
C CYS B 287 -24.67 14.67 17.65
N GLU B 288 -25.08 15.89 17.96
CA GLU B 288 -24.50 17.05 17.28
C GLU B 288 -23.05 17.23 17.68
N LEU B 289 -22.75 16.94 18.95
CA LEU B 289 -21.36 16.99 19.43
C LEU B 289 -20.47 15.89 18.85
N LEU B 290 -21.01 14.69 18.61
CA LEU B 290 -20.18 13.56 18.16
C LEU B 290 -20.04 13.43 16.64
N LEU B 291 -21.08 13.82 15.92
CA LEU B 291 -21.14 13.58 14.48
C LEU B 291 -20.60 14.76 13.66
N PRO B 292 -20.03 14.47 12.48
CA PRO B 292 -19.69 15.54 11.52
C PRO B 292 -20.97 16.28 11.12
N PRO B 293 -20.86 17.60 10.92
CA PRO B 293 -22.03 18.43 10.56
C PRO B 293 -22.81 17.92 9.35
N GLY B 294 -22.12 17.45 8.31
CA GLY B 294 -22.80 16.87 7.17
C GLY B 294 -23.70 15.69 7.53
N TRP B 295 -23.22 14.81 8.41
CA TRP B 295 -23.97 13.65 8.89
C TRP B 295 -25.13 14.08 9.77
N PHE B 296 -24.86 15.00 10.70
CA PHE B 296 -25.89 15.42 11.63
C PHE B 296 -27.09 16.01 10.88
N GLU B 297 -26.81 16.92 9.95
CA GLU B 297 -27.83 17.51 9.09
C GLU B 297 -28.71 16.45 8.45
N VAL B 298 -28.07 15.40 7.93
CA VAL B 298 -28.84 14.34 7.28
C VAL B 298 -29.67 13.54 8.29
N LEU B 299 -29.08 13.19 9.42
CA LEU B 299 -29.84 12.51 10.46
C LEU B 299 -31.07 13.34 10.88
N MET B 300 -30.90 14.65 10.92
CA MET B 300 -31.95 15.59 11.30
C MET B 300 -33.00 15.72 10.21
N ASP B 301 -32.57 15.64 8.94
CA ASP B 301 -33.46 15.63 7.80
C ASP B 301 -34.41 14.45 7.81
N LEU B 302 -33.89 13.29 8.22
CA LEU B 302 -34.59 12.03 8.00
C LEU B 302 -35.36 11.53 9.22
N ARG B 303 -35.00 12.02 10.40
CA ARG B 303 -35.75 11.65 11.60
C ARG B 303 -37.15 12.27 11.52
N SER B 304 -38.05 11.83 12.40
CA SER B 304 -39.32 12.48 12.60
C SER B 304 -39.21 13.38 13.83
N PRO B 305 -39.40 14.70 13.65
CA PRO B 305 -39.20 15.65 14.76
C PRO B 305 -40.28 15.55 15.82
N LYS B 306 -41.47 15.10 15.43
CA LYS B 306 -42.58 15.06 16.37
C LYS B 306 -43.23 13.70 16.34
N GLY B 307 -44.00 13.41 17.39
CA GLY B 307 -44.74 12.17 17.46
C GLY B 307 -46.18 12.40 17.88
N ARG B 308 -47.04 11.48 17.45
CA ARG B 308 -48.41 11.44 17.94
C ARG B 308 -48.60 10.18 18.78
N LEU B 309 -49.02 10.37 20.03
CA LEU B 309 -49.21 9.25 20.94
C LEU B 309 -50.58 8.59 20.71
N PRO B 310 -50.77 7.37 21.24
CA PRO B 310 -52.02 6.68 20.96
C PRO B 310 -53.23 7.49 21.42
N ASP B 311 -53.07 8.22 22.53
CA ASP B 311 -54.17 9.04 23.07
C ASP B 311 -54.35 10.39 22.35
N GLY B 312 -53.62 10.60 21.26
CA GLY B 312 -53.80 11.80 20.46
C GLY B 312 -52.90 12.98 20.79
N SER B 313 -52.29 12.95 21.98
CA SER B 313 -51.35 14.01 22.38
C SER B 313 -50.07 13.94 21.54
N VAL B 314 -49.44 15.10 21.34
CA VAL B 314 -48.22 15.16 20.54
C VAL B 314 -46.95 15.39 21.39
N VAL B 315 -45.82 14.97 20.84
CA VAL B 315 -44.53 15.22 21.49
C VAL B 315 -43.54 15.81 20.48
N THR B 316 -42.75 16.78 20.93
CA THR B 316 -41.64 17.25 20.13
C THR B 316 -40.37 16.59 20.70
N TYR B 317 -39.78 15.69 19.93
CA TYR B 317 -38.72 14.79 20.44
C TYR B 317 -37.45 15.52 20.86
N GLU B 318 -37.04 15.27 22.10
CA GLU B 318 -35.74 15.69 22.63
C GLU B 318 -34.63 14.72 22.21
N LYS B 319 -34.94 13.41 22.22
CA LYS B 319 -34.02 12.42 21.66
C LYS B 319 -33.93 12.56 20.14
N ILE B 320 -32.89 12.00 19.55
CA ILE B 320 -32.69 12.04 18.11
C ILE B 320 -33.71 11.15 17.38
N SER B 321 -33.94 9.96 17.94
CA SER B 321 -34.85 8.98 17.32
C SER B 321 -35.07 7.79 18.26
N SER B 322 -35.93 6.87 17.86
CA SER B 322 -36.30 5.75 18.72
C SER B 322 -36.26 4.40 17.99
N MET B 323 -36.55 3.32 18.70
CA MET B 323 -36.34 1.98 18.16
C MET B 323 -36.84 1.74 16.72
N GLY B 324 -38.07 2.11 16.41
CA GLY B 324 -38.51 1.93 15.04
C GLY B 324 -37.81 2.67 13.87
N ASN B 325 -37.00 3.70 14.14
CA ASN B 325 -36.25 4.38 13.07
C ASN B 325 -35.19 3.47 12.43
N GLY B 326 -35.05 3.54 11.11
CA GLY B 326 -34.15 2.66 10.39
C GLY B 326 -32.65 2.90 10.54
N TYR B 327 -32.23 3.88 11.33
CA TYR B 327 -30.80 4.03 11.63
C TYR B 327 -30.52 4.02 13.14
N THR B 328 -31.55 3.95 13.95
CA THR B 328 -31.40 3.99 15.39
C THR B 328 -30.44 2.91 15.95
N PHE B 329 -30.60 1.66 15.52
CA PHE B 329 -29.81 0.54 16.02
C PHE B 329 -28.33 0.75 15.72
N GLU B 330 -28.05 1.22 14.51
CA GLU B 330 -26.68 1.47 14.06
C GLU B 330 -26.09 2.72 14.68
N LEU B 331 -26.90 3.77 14.79
CA LEU B 331 -26.43 5.03 15.37
C LEU B 331 -26.05 4.82 16.84
N GLU B 332 -26.84 4.04 17.56
CA GLU B 332 -26.51 3.86 18.97
C GLU B 332 -25.27 2.96 19.11
N SER B 333 -25.12 2.01 18.20
CA SER B 333 -23.94 1.16 18.17
C SER B 333 -22.70 2.04 17.97
N LEU B 334 -22.79 2.96 17.01
CA LEU B 334 -21.69 3.86 16.70
C LEU B 334 -21.39 4.70 17.92
N ILE B 335 -22.43 5.27 18.53
CA ILE B 335 -22.22 6.17 19.66
C ILE B 335 -21.63 5.47 20.88
N PHE B 336 -22.18 4.31 21.26
CA PHE B 336 -21.68 3.55 22.41
C PHE B 336 -20.24 3.07 22.18
N ALA B 337 -19.99 2.49 21.01
CA ALA B 337 -18.65 2.06 20.62
C ALA B 337 -17.59 3.16 20.68
N SER B 338 -17.92 4.34 20.16
CA SER B 338 -16.92 5.39 20.05
C SER B 338 -16.55 5.90 21.44
N LEU B 339 -17.54 5.96 22.33
CA LEU B 339 -17.30 6.35 23.71
C LEU B 339 -16.51 5.27 24.46
N ALA B 340 -16.91 4.01 24.29
CA ALA B 340 -16.23 2.93 24.97
C ALA B 340 -14.77 2.89 24.49
N ARG B 341 -14.53 3.07 23.20
CA ARG B 341 -13.15 3.05 22.67
C ARG B 341 -12.30 4.23 23.20
N SER B 342 -12.91 5.39 23.38
CA SER B 342 -12.18 6.54 23.91
C SER B 342 -11.89 6.34 25.37
N VAL B 343 -12.83 5.77 26.12
CA VAL B 343 -12.56 5.39 27.50
C VAL B 343 -11.35 4.42 27.58
N CYS B 344 -11.29 3.45 26.69
CA CYS B 344 -10.11 2.58 26.60
C CYS B 344 -8.80 3.35 26.35
N GLU B 345 -8.76 4.20 25.33
CA GLU B 345 -7.60 5.06 25.06
C GLU B 345 -7.17 5.85 26.30
N ILE B 346 -8.15 6.47 26.95
CA ILE B 346 -7.92 7.27 28.14
C ILE B 346 -7.28 6.45 29.26
N LEU B 347 -7.57 5.14 29.29
CA LEU B 347 -7.10 4.24 30.36
C LEU B 347 -5.88 3.40 29.94
N ASP B 348 -5.45 3.53 28.69
CA ASP B 348 -4.36 2.73 28.15
C ASP B 348 -4.76 1.26 27.98
N LEU B 349 -6.03 1.04 27.67
CA LEU B 349 -6.50 -0.27 27.29
C LEU B 349 -6.57 -0.33 25.77
N ASP B 350 -6.55 -1.53 25.21
CA ASP B 350 -6.66 -1.68 23.76
C ASP B 350 -8.13 -1.51 23.33
N SER B 351 -8.39 -0.54 22.47
CA SER B 351 -9.77 -0.18 22.16
C SER B 351 -10.45 -1.20 21.23
N SER B 352 -9.66 -2.13 20.70
CA SER B 352 -10.20 -3.19 19.88
C SER B 352 -10.76 -4.26 20.81
N GLU B 353 -10.64 -4.03 22.10
CA GLU B 353 -11.28 -4.88 23.08
C GLU B 353 -12.78 -4.54 23.19
N VAL B 354 -13.25 -3.59 22.38
CA VAL B 354 -14.64 -3.12 22.46
C VAL B 354 -15.51 -3.75 21.38
N THR B 355 -16.64 -4.35 21.78
CA THR B 355 -17.63 -4.79 20.81
C THR B 355 -18.99 -4.30 21.23
N VAL B 356 -19.78 -3.92 20.25
CA VAL B 356 -21.12 -3.46 20.51
C VAL B 356 -22.08 -4.12 19.58
N TYR B 357 -23.29 -4.34 20.07
CA TYR B 357 -24.38 -4.78 19.24
C TYR B 357 -25.61 -4.07 19.76
N GLY B 358 -25.91 -2.92 19.16
CA GLY B 358 -26.92 -2.03 19.70
C GLY B 358 -26.67 -1.65 21.15
N ASP B 359 -27.61 -2.04 21.99
CA ASP B 359 -27.65 -1.83 23.43
C ASP B 359 -26.56 -2.61 24.17
N ASP B 360 -26.07 -3.68 23.54
CA ASP B 360 -25.21 -4.64 24.22
C ASP B 360 -23.74 -4.33 24.06
N ILE B 361 -23.09 -3.91 25.15
CA ILE B 361 -21.70 -3.50 25.10
C ILE B 361 -20.77 -4.45 25.85
N ILE B 362 -19.66 -4.78 25.21
CA ILE B 362 -18.62 -5.57 25.85
C ILE B 362 -17.26 -4.89 25.75
N LEU B 363 -16.62 -4.71 26.91
CA LEU B 363 -15.29 -4.07 26.98
C LEU B 363 -14.58 -4.55 28.24
N PRO B 364 -13.29 -4.16 28.41
CA PRO B 364 -12.54 -4.72 29.55
C PRO B 364 -13.14 -4.33 30.88
N SER B 365 -13.13 -5.27 31.83
CA SER B 365 -13.80 -5.05 33.11
C SER B 365 -13.26 -3.80 33.79
N CYS B 366 -11.97 -3.53 33.57
CA CYS B 366 -11.30 -2.35 34.16
C CYS B 366 -11.82 -1.01 33.69
N ALA B 367 -12.46 -0.98 32.51
CA ALA B 367 -12.97 0.28 31.93
C ALA B 367 -14.31 0.68 32.50
N VAL B 368 -15.01 -0.26 33.13
CA VAL B 368 -16.42 -0.06 33.48
C VAL B 368 -16.69 1.21 34.31
N PRO B 369 -15.95 1.40 35.42
CA PRO B 369 -16.20 2.58 36.27
C PRO B 369 -16.06 3.90 35.51
N ALA B 370 -15.05 3.99 34.66
CA ALA B 370 -14.87 5.16 33.81
C ALA B 370 -16.01 5.28 32.80
N LEU B 371 -16.41 4.15 32.20
CA LEU B 371 -17.54 4.13 31.29
C LEU B 371 -18.82 4.61 31.98
N ARG B 372 -19.01 4.22 33.23
CA ARG B 372 -20.23 4.66 33.92
C ARG B 372 -20.22 6.16 34.06
N GLU B 373 -19.05 6.73 34.33
CA GLU B 373 -18.95 8.19 34.52
C GLU B 373 -19.22 8.93 33.20
N VAL B 374 -18.57 8.49 32.15
CA VAL B 374 -18.83 9.05 30.84
C VAL B 374 -20.33 8.93 30.47
N PHE B 375 -20.91 7.76 30.69
CA PHE B 375 -22.33 7.56 30.38
C PHE B 375 -23.27 8.47 31.18
N LYS B 376 -23.02 8.66 32.48
CA LYS B 376 -23.80 9.62 33.26
C LYS B 376 -23.71 10.98 32.61
N TYR B 377 -22.50 11.34 32.19
CA TYR B 377 -22.25 12.68 31.67
C TYR B 377 -22.94 12.93 30.34
N VAL B 378 -23.11 11.91 29.50
CA VAL B 378 -23.76 12.12 28.22
C VAL B 378 -25.25 11.79 28.25
N GLY B 379 -25.79 11.56 29.45
CA GLY B 379 -27.22 11.37 29.65
C GLY B 379 -27.76 9.96 29.56
N PHE B 380 -26.88 8.97 29.60
CA PHE B 380 -27.30 7.57 29.65
C PHE B 380 -27.37 7.11 31.09
N THR B 381 -28.24 6.14 31.32
CA THR B 381 -28.44 5.63 32.66
C THR B 381 -28.08 4.15 32.64
N THR B 382 -27.01 3.80 33.34
CA THR B 382 -26.55 2.42 33.35
C THR B 382 -27.28 1.60 34.43
N ASN B 383 -27.83 0.46 34.03
CA ASN B 383 -28.53 -0.45 34.94
C ASN B 383 -27.53 -1.36 35.66
N THR B 384 -27.18 -0.97 36.88
CA THR B 384 -26.20 -1.69 37.69
C THR B 384 -26.50 -3.19 37.84
N LYS B 385 -27.77 -3.54 37.90
CA LYS B 385 -28.14 -4.93 38.11
C LYS B 385 -27.86 -5.82 36.91
N LYS B 386 -27.86 -5.24 35.72
CA LYS B 386 -27.62 -6.02 34.50
C LYS B 386 -26.25 -5.72 33.92
N THR B 387 -25.43 -5.04 34.70
CA THR B 387 -24.05 -4.80 34.29
C THR B 387 -23.15 -5.74 35.09
N PHE B 388 -22.31 -6.50 34.40
CA PHE B 388 -21.48 -7.49 35.09
C PHE B 388 -20.01 -7.32 34.77
N SER B 389 -19.20 -6.95 35.76
CA SER B 389 -17.76 -6.79 35.54
C SER B 389 -16.93 -7.60 36.54
N GLU B 390 -17.64 -8.34 37.39
CA GLU B 390 -17.01 -9.34 38.24
C GLU B 390 -18.04 -10.42 38.51
N GLY B 391 -17.62 -11.45 39.24
CA GLY B 391 -18.50 -12.58 39.50
C GLY B 391 -18.49 -13.51 38.30
N PRO B 392 -19.10 -14.69 38.43
CA PRO B 392 -19.05 -15.78 37.45
C PRO B 392 -20.00 -15.62 36.27
N PHE B 393 -20.86 -14.61 36.31
CA PHE B 393 -21.94 -14.50 35.34
C PHE B 393 -21.72 -13.39 34.31
N ARG B 394 -22.03 -13.67 33.05
CA ARG B 394 -22.08 -12.64 32.02
C ARG B 394 -23.30 -12.92 31.13
N GLU B 395 -23.76 -11.92 30.40
CA GLU B 395 -24.85 -12.15 29.44
C GLU B 395 -24.77 -11.13 28.31
N SER B 396 -24.89 -11.61 27.06
CA SER B 396 -24.92 -10.72 25.91
C SER B 396 -25.69 -11.32 24.73
N CYS B 397 -26.51 -10.50 24.07
CA CYS B 397 -27.11 -10.88 22.80
C CYS B 397 -27.90 -12.19 22.85
N GLY B 398 -28.68 -12.39 23.90
CA GLY B 398 -29.43 -13.62 24.05
C GLY B 398 -28.77 -14.81 24.74
N LYS B 399 -27.45 -14.78 24.94
CA LYS B 399 -26.76 -15.88 25.63
C LYS B 399 -26.34 -15.51 27.05
N HIS B 400 -26.41 -16.49 27.94
CA HIS B 400 -26.12 -16.25 29.34
C HIS B 400 -25.16 -17.31 29.84
N TYR B 401 -24.11 -16.89 30.53
CA TYR B 401 -23.09 -17.83 30.97
C TYR B 401 -22.69 -17.66 32.43
N TYR B 402 -22.42 -18.79 33.07
CA TYR B 402 -21.99 -18.83 34.44
C TYR B 402 -20.77 -19.73 34.46
N SER B 403 -19.59 -19.13 34.67
CA SER B 403 -18.31 -19.86 34.64
C SER B 403 -18.16 -20.77 33.44
N GLY B 404 -18.46 -20.24 32.25
CA GLY B 404 -18.30 -20.99 31.01
C GLY B 404 -19.50 -21.86 30.67
N VAL B 405 -20.41 -22.04 31.62
CA VAL B 405 -21.57 -22.91 31.38
C VAL B 405 -22.74 -22.15 30.78
N ASP B 406 -23.26 -22.65 29.66
CA ASP B 406 -24.45 -22.04 29.06
C ASP B 406 -25.65 -22.20 29.99
N VAL B 407 -26.14 -21.07 30.50
CA VAL B 407 -27.32 -21.06 31.36
C VAL B 407 -28.42 -20.17 30.80
N THR B 408 -28.40 -19.97 29.48
CA THR B 408 -29.51 -19.32 28.79
C THR B 408 -30.83 -19.98 29.19
N PRO B 409 -31.78 -19.18 29.68
CA PRO B 409 -33.10 -19.73 30.04
C PRO B 409 -34.04 -19.84 28.82
N PHE B 410 -35.27 -20.28 29.04
CA PHE B 410 -36.31 -20.09 28.03
C PHE B 410 -37.50 -19.39 28.66
N TYR B 411 -38.43 -18.91 27.82
CA TYR B 411 -39.51 -18.07 28.31
C TYR B 411 -40.85 -18.56 27.82
N ILE B 412 -41.82 -18.54 28.72
CA ILE B 412 -43.18 -18.77 28.30
C ILE B 412 -43.90 -17.42 28.22
N ARG B 413 -44.21 -17.00 27.00
CA ARG B 413 -44.71 -15.65 26.78
C ARG B 413 -46.21 -15.53 26.77
N HIS B 414 -46.91 -16.60 26.41
CA HIS B 414 -48.37 -16.49 26.22
C HIS B 414 -49.14 -17.62 26.88
N ARG B 415 -50.41 -17.36 27.14
CA ARG B 415 -51.33 -18.40 27.61
C ARG B 415 -51.27 -19.57 26.62
N ILE B 416 -51.01 -20.76 27.13
CA ILE B 416 -50.90 -21.96 26.30
C ILE B 416 -52.28 -22.48 25.94
N VAL B 417 -52.69 -22.31 24.69
CA VAL B 417 -54.08 -22.55 24.28
C VAL B 417 -54.22 -23.70 23.30
N SER B 418 -53.43 -23.68 22.24
CA SER B 418 -53.47 -24.69 21.20
C SER B 418 -52.35 -25.72 21.36
N PRO B 419 -52.47 -26.85 20.65
CA PRO B 419 -51.38 -27.85 20.70
C PRO B 419 -50.05 -27.27 20.22
N ALA B 420 -50.09 -26.39 19.23
CA ALA B 420 -48.85 -25.76 18.76
C ALA B 420 -48.15 -24.96 19.88
N ASP B 421 -48.93 -24.26 20.72
CA ASP B 421 -48.36 -23.54 21.86
C ASP B 421 -47.65 -24.51 22.79
N LEU B 422 -48.30 -25.63 23.08
CA LEU B 422 -47.76 -26.58 24.06
C LEU B 422 -46.52 -27.24 23.52
N ILE B 423 -46.55 -27.59 22.24
CA ILE B 423 -45.38 -28.15 21.56
C ILE B 423 -44.19 -27.20 21.62
N LEU B 424 -44.43 -25.89 21.48
CA LEU B 424 -43.31 -24.94 21.52
C LEU B 424 -42.65 -24.97 22.89
N VAL B 425 -43.49 -24.89 23.93
CA VAL B 425 -43.00 -24.97 25.30
C VAL B 425 -42.24 -26.28 25.54
N LEU B 426 -42.83 -27.41 25.18
CA LEU B 426 -42.15 -28.70 25.37
C LEU B 426 -40.83 -28.79 24.60
N ASN B 427 -40.80 -28.26 23.38
CA ASN B 427 -39.57 -28.22 22.61
C ASN B 427 -38.49 -27.32 23.25
N ASN B 428 -38.90 -26.16 23.78
CA ASN B 428 -37.94 -25.32 24.51
C ASN B 428 -37.37 -26.02 25.74
N LEU B 429 -38.22 -26.77 26.46
CA LEU B 429 -37.78 -27.58 27.60
C LEU B 429 -36.75 -28.61 27.15
N TYR B 430 -37.07 -29.30 26.06
CA TYR B 430 -36.16 -30.28 25.48
C TYR B 430 -34.80 -29.65 25.22
N ARG B 431 -34.78 -28.51 24.53
CA ARG B 431 -33.52 -27.91 24.09
C ARG B 431 -32.70 -27.46 25.29
N TRP B 432 -33.40 -26.97 26.32
CA TRP B 432 -32.76 -26.51 27.54
C TRP B 432 -32.23 -27.68 28.39
N ALA B 433 -32.93 -28.81 28.36
CA ALA B 433 -32.70 -29.85 29.36
C ALA B 433 -31.98 -31.06 28.79
N THR B 434 -31.69 -31.07 27.49
CA THR B 434 -30.94 -32.17 26.91
C THR B 434 -29.52 -31.78 26.59
N ILE B 435 -28.67 -32.80 26.54
CA ILE B 435 -27.33 -32.66 26.03
C ILE B 435 -27.17 -33.73 24.95
N ASP B 436 -27.06 -33.28 23.70
CA ASP B 436 -26.82 -34.20 22.61
C ASP B 436 -27.96 -35.22 22.54
N GLY B 437 -29.19 -34.72 22.66
CA GLY B 437 -30.37 -35.58 22.61
C GLY B 437 -30.64 -36.47 23.82
N VAL B 438 -29.80 -36.38 24.86
CA VAL B 438 -30.01 -37.15 26.08
C VAL B 438 -30.59 -36.25 27.18
N TRP B 439 -31.68 -36.71 27.79
CA TRP B 439 -32.42 -35.93 28.79
C TRP B 439 -31.75 -35.89 30.17
N ASP B 440 -31.78 -34.72 30.79
CA ASP B 440 -31.61 -34.64 32.23
C ASP B 440 -32.87 -35.27 32.85
N PRO B 441 -32.69 -36.34 33.62
CA PRO B 441 -33.85 -37.06 34.14
C PRO B 441 -34.81 -36.15 34.90
N ARG B 442 -34.30 -35.14 35.60
CA ARG B 442 -35.17 -34.27 36.40
C ARG B 442 -36.23 -33.56 35.55
N ALA B 443 -35.83 -33.10 34.37
CA ALA B 443 -36.74 -32.38 33.49
C ALA B 443 -37.59 -33.34 32.69
N HIS B 444 -37.05 -34.52 32.39
CA HIS B 444 -37.79 -35.48 31.56
C HIS B 444 -39.16 -35.79 32.13
N SER B 445 -39.21 -36.01 33.44
CA SER B 445 -40.45 -36.44 34.05
C SER B 445 -41.55 -35.41 33.81
N VAL B 446 -41.17 -34.13 33.83
CA VAL B 446 -42.14 -33.06 33.64
C VAL B 446 -42.58 -33.01 32.18
N TYR B 447 -41.62 -33.20 31.29
CA TYR B 447 -41.88 -33.26 29.86
C TYR B 447 -42.89 -34.36 29.52
N LEU B 448 -42.66 -35.57 30.00
CA LEU B 448 -43.57 -36.69 29.72
C LEU B 448 -44.97 -36.45 30.28
N LYS B 449 -45.04 -35.86 31.47
CA LYS B 449 -46.31 -35.52 32.07
C LYS B 449 -47.13 -34.57 31.19
N TYR B 450 -46.52 -33.49 30.74
CA TYR B 450 -47.28 -32.51 29.99
C TYR B 450 -47.48 -32.87 28.52
N ARG B 451 -46.60 -33.71 28.01
CA ARG B 451 -46.82 -34.28 26.69
C ARG B 451 -48.19 -35.00 26.61
N LYS B 452 -48.63 -35.59 27.72
CA LYS B 452 -49.90 -36.32 27.73
C LYS B 452 -51.10 -35.46 27.42
N LEU B 453 -50.96 -34.13 27.57
CA LEU B 453 -52.05 -33.21 27.27
C LEU B 453 -52.31 -33.04 25.78
N LEU B 454 -51.36 -33.46 24.95
CA LEU B 454 -51.52 -33.34 23.52
C LEU B 454 -52.46 -34.41 22.98
N PRO B 455 -53.16 -34.09 21.88
CA PRO B 455 -53.93 -35.15 21.21
C PRO B 455 -52.98 -36.31 20.91
N LYS B 456 -53.46 -37.54 20.99
CA LYS B 456 -52.58 -38.71 20.90
C LYS B 456 -51.61 -38.63 19.72
N GLN B 457 -52.11 -38.33 18.54
CA GLN B 457 -51.27 -38.36 17.36
C GLN B 457 -50.11 -37.36 17.43
N LEU B 458 -50.32 -36.23 18.09
CA LEU B 458 -49.29 -35.21 18.13
C LEU B 458 -48.24 -35.53 19.20
N GLN B 459 -48.53 -36.56 19.99
CA GLN B 459 -47.58 -37.03 20.99
C GLN B 459 -46.52 -37.85 20.30
N ARG B 460 -46.87 -38.44 19.17
CA ARG B 460 -45.97 -39.38 18.49
C ARG B 460 -45.29 -38.77 17.28
N ASN B 461 -45.77 -37.62 16.85
CA ASN B 461 -45.28 -37.01 15.62
C ASN B 461 -44.05 -36.13 15.88
N THR B 462 -42.86 -36.68 15.67
CA THR B 462 -41.60 -36.03 16.04
C THR B 462 -40.74 -35.62 14.85
N ILE B 463 -39.93 -34.59 15.03
CA ILE B 463 -39.00 -34.12 14.02
C ILE B 463 -37.63 -33.93 14.65
N PRO B 464 -36.56 -33.92 13.83
CA PRO B 464 -35.26 -33.65 14.46
C PRO B 464 -35.15 -32.17 14.84
N ASP B 465 -34.17 -31.83 15.68
CA ASP B 465 -33.92 -30.45 16.03
C ASP B 465 -33.47 -29.66 14.80
N GLY B 466 -33.84 -28.39 14.75
CA GLY B 466 -33.45 -27.56 13.62
C GLY B 466 -34.50 -27.48 12.52
N TYR B 467 -35.68 -28.03 12.76
CA TYR B 467 -36.74 -28.00 11.74
C TYR B 467 -37.95 -27.18 12.17
N GLY B 468 -37.77 -26.34 13.17
CA GLY B 468 -38.86 -25.52 13.67
C GLY B 468 -39.64 -26.17 14.80
N ASP B 469 -40.83 -25.66 15.05
CA ASP B 469 -41.61 -26.12 16.19
C ASP B 469 -43.02 -26.53 15.83
N GLY B 470 -43.20 -27.03 14.59
CA GLY B 470 -44.48 -27.54 14.16
C GLY B 470 -44.73 -28.98 14.58
N ALA B 471 -43.77 -29.54 15.31
CA ALA B 471 -43.88 -30.89 15.84
C ALA B 471 -42.89 -31.01 16.98
N LEU B 472 -43.05 -32.05 17.79
CA LEU B 472 -42.16 -32.31 18.92
C LEU B 472 -40.77 -32.72 18.41
N VAL B 473 -39.73 -32.07 18.92
CA VAL B 473 -38.36 -32.49 18.65
C VAL B 473 -38.14 -33.85 19.29
N GLY B 474 -37.66 -34.79 18.49
CA GLY B 474 -37.33 -36.13 18.96
C GLY B 474 -36.67 -36.89 17.84
N SER B 475 -36.84 -38.20 17.81
CA SER B 475 -36.25 -38.99 16.75
C SER B 475 -37.25 -39.19 15.61
N VAL B 476 -36.88 -38.74 14.41
CA VAL B 476 -37.77 -38.85 13.27
C VAL B 476 -37.91 -40.29 12.73
N LEU B 477 -36.99 -41.18 13.09
CA LEU B 477 -36.99 -42.52 12.51
C LEU B 477 -38.06 -43.43 13.12
N ILE B 478 -38.60 -43.01 14.26
CA ILE B 478 -39.66 -43.78 14.93
C ILE B 478 -41.00 -43.08 14.75
N ASN B 479 -41.01 -42.01 13.95
CA ASN B 479 -42.25 -41.30 13.70
C ASN B 479 -43.13 -42.07 12.73
N PRO B 480 -44.25 -42.59 13.23
CA PRO B 480 -45.14 -43.42 12.39
C PRO B 480 -45.76 -42.63 11.26
N PHE B 481 -45.74 -41.30 11.33
CA PHE B 481 -46.30 -40.45 10.28
C PHE B 481 -45.26 -40.05 9.24
N ALA B 482 -43.99 -40.20 9.57
CA ALA B 482 -42.93 -39.94 8.61
C ALA B 482 -43.03 -40.97 7.49
N LYS B 483 -42.69 -40.58 6.28
CA LYS B 483 -42.81 -41.46 5.13
C LYS B 483 -41.64 -41.25 4.19
N ASN B 484 -40.86 -42.31 3.95
CA ASN B 484 -39.76 -42.25 3.00
C ASN B 484 -40.25 -42.46 1.56
N ARG B 485 -40.26 -41.41 0.75
CA ARG B 485 -40.72 -41.48 -0.65
C ARG B 485 -39.59 -41.10 -1.60
N GLY B 486 -39.22 -42.02 -2.50
CA GLY B 486 -38.07 -41.84 -3.35
C GLY B 486 -36.79 -41.51 -2.60
N TRP B 487 -36.61 -42.16 -1.45
CA TRP B 487 -35.41 -42.02 -0.63
C TRP B 487 -35.28 -40.65 0.03
N ILE B 488 -36.40 -39.92 0.09
CA ILE B 488 -36.46 -38.73 0.93
C ILE B 488 -37.55 -38.90 1.97
N ARG B 489 -37.24 -38.60 3.23
CA ARG B 489 -38.23 -38.77 4.28
C ARG B 489 -39.02 -37.47 4.43
N TYR B 490 -40.35 -37.59 4.38
CA TYR B 490 -41.22 -36.44 4.56
C TYR B 490 -41.99 -36.58 5.86
N VAL B 491 -42.08 -35.48 6.59
CA VAL B 491 -42.71 -35.46 7.89
C VAL B 491 -43.77 -34.36 7.92
N PRO B 492 -44.93 -34.65 8.51
CA PRO B 492 -45.95 -33.60 8.62
C PRO B 492 -45.65 -32.68 9.79
N VAL B 493 -45.80 -31.37 9.59
CA VAL B 493 -45.68 -30.42 10.67
C VAL B 493 -46.85 -29.45 10.63
N ILE B 494 -47.17 -28.92 11.80
CA ILE B 494 -48.22 -27.93 11.98
C ILE B 494 -47.76 -26.57 11.49
N THR B 495 -48.61 -25.89 10.73
CA THR B 495 -48.33 -24.52 10.26
C THR B 495 -49.53 -23.61 10.46
N ASP B 496 -49.33 -22.31 10.32
CA ASP B 496 -50.45 -21.38 10.32
C ASP B 496 -51.26 -21.55 9.04
N HIS B 497 -52.57 -21.69 9.19
CA HIS B 497 -53.40 -21.80 8.02
C HIS B 497 -53.54 -20.40 7.41
N THR B 498 -53.39 -20.28 6.10
CA THR B 498 -53.47 -18.96 5.45
C THR B 498 -54.40 -18.92 4.25
N ARG B 499 -54.80 -17.72 3.87
CA ARG B 499 -55.55 -17.49 2.64
C ARG B 499 -54.76 -16.53 1.77
N ASP B 500 -54.75 -16.81 0.46
CA ASP B 500 -54.08 -15.93 -0.48
C ASP B 500 -54.73 -14.56 -0.60
N ARG B 501 -53.91 -13.53 -0.73
CA ARG B 501 -54.38 -12.19 -1.09
C ARG B 501 -53.77 -11.86 -2.43
N GLU B 502 -54.35 -10.91 -3.16
CA GLU B 502 -53.71 -10.50 -4.40
C GLU B 502 -52.57 -9.51 -4.09
N ARG B 503 -51.45 -9.66 -4.77
CA ARG B 503 -50.36 -8.70 -4.66
C ARG B 503 -50.63 -7.49 -5.53
N ALA B 504 -50.14 -6.33 -5.11
CA ALA B 504 -50.10 -5.15 -5.96
C ALA B 504 -49.14 -5.41 -7.12
N GLU B 505 -49.67 -5.39 -8.34
CA GLU B 505 -48.92 -5.81 -9.51
C GLU B 505 -47.78 -4.83 -9.84
N LEU B 506 -48.10 -3.54 -9.98
CA LEU B 506 -47.05 -2.55 -10.24
C LEU B 506 -46.10 -2.36 -9.04
N GLY B 507 -46.65 -2.34 -7.84
CA GLY B 507 -45.84 -2.24 -6.65
C GLY B 507 -44.86 -3.39 -6.59
N SER B 508 -45.32 -4.60 -6.92
CA SER B 508 -44.44 -5.78 -6.89
C SER B 508 -43.34 -5.67 -7.93
N TYR B 509 -43.69 -5.16 -9.10
CA TYR B 509 -42.74 -4.96 -10.18
C TYR B 509 -41.64 -3.97 -9.79
N LEU B 510 -42.02 -2.88 -9.14
CA LEU B 510 -41.02 -1.88 -8.75
C LEU B 510 -40.07 -2.45 -7.70
N TYR B 511 -40.63 -3.15 -6.73
CA TYR B 511 -39.84 -3.79 -5.69
C TYR B 511 -38.78 -4.74 -6.27
N ASP B 512 -39.20 -5.58 -7.19
CA ASP B 512 -38.30 -6.47 -7.89
C ASP B 512 -37.26 -5.68 -8.68
N LEU B 513 -37.71 -4.69 -9.45
CA LEU B 513 -36.82 -3.98 -10.35
C LEU B 513 -35.82 -3.17 -9.54
N PHE B 514 -36.33 -2.52 -8.51
CA PHE B 514 -35.49 -1.77 -7.59
C PHE B 514 -34.45 -2.66 -6.90
N SER B 515 -34.87 -3.81 -6.39
CA SER B 515 -33.94 -4.72 -5.70
C SER B 515 -32.84 -5.27 -6.60
N ARG B 516 -33.18 -5.70 -7.81
CA ARG B 516 -32.17 -6.26 -8.72
C ARG B 516 -31.31 -5.20 -9.40
N CYS B 517 -31.74 -3.94 -9.36
CA CYS B 517 -30.94 -2.86 -9.93
C CYS B 517 -30.11 -2.11 -8.86
N LEU B 518 -30.48 -2.28 -7.59
CA LEU B 518 -29.78 -1.63 -6.48
C LEU B 518 -28.41 -2.25 -6.30
N SER B 519 -28.18 -3.36 -6.99
CA SER B 519 -26.92 -4.09 -6.90
C SER B 519 -26.07 -3.85 -8.16
N CYS B 533 -15.50 -22.17 6.61
CA CYS B 533 -14.59 -22.64 5.57
C CYS B 533 -15.33 -23.07 4.32
N ASP B 534 -15.58 -22.11 3.43
CA ASP B 534 -16.21 -22.41 2.16
C ASP B 534 -15.29 -23.21 1.25
N SER B 535 -15.77 -24.36 0.78
CA SER B 535 -15.07 -25.11 -0.25
C SER B 535 -15.50 -24.58 -1.61
N ALA B 536 -14.55 -24.47 -2.54
CA ALA B 536 -14.86 -23.95 -3.87
C ALA B 536 -16.01 -24.73 -4.48
N ASP B 537 -16.16 -25.98 -4.06
CA ASP B 537 -17.20 -26.86 -4.59
C ASP B 537 -18.61 -26.36 -4.29
N LEU B 538 -18.96 -26.31 -3.01
CA LEU B 538 -20.29 -25.83 -2.64
C LEU B 538 -20.47 -24.31 -2.83
N PHE B 539 -19.40 -23.62 -3.21
CA PHE B 539 -19.51 -22.18 -3.51
C PHE B 539 -20.03 -21.94 -4.93
N ALA B 540 -19.47 -22.65 -5.90
CA ALA B 540 -19.98 -22.56 -7.26
C ALA B 540 -21.40 -23.12 -7.35
N ILE B 541 -21.69 -24.14 -6.55
CA ILE B 541 -23.03 -24.72 -6.53
C ILE B 541 -24.05 -23.72 -5.99
N ASP B 542 -23.68 -22.97 -4.96
CA ASP B 542 -24.57 -21.99 -4.37
C ASP B 542 -24.90 -20.89 -5.37
N GLN B 543 -23.91 -20.53 -6.19
CA GLN B 543 -24.07 -19.56 -7.25
C GLN B 543 -25.21 -19.93 -8.21
N LEU B 544 -25.56 -21.20 -8.26
CA LEU B 544 -26.60 -21.72 -9.13
C LEU B 544 -27.98 -21.20 -8.74
N ILE B 545 -28.20 -21.03 -7.44
CA ILE B 545 -29.53 -20.75 -6.93
C ILE B 545 -29.89 -19.28 -7.03
N CYS B 546 -31.03 -19.01 -7.65
CA CYS B 546 -31.53 -17.64 -7.74
C CYS B 546 -32.15 -17.26 -6.40
N ARG B 547 -31.67 -16.17 -5.82
CA ARG B 547 -32.02 -15.82 -4.44
C ARG B 547 -33.31 -14.99 -4.30
N SER B 548 -33.71 -14.31 -5.37
CA SER B 548 -34.98 -13.59 -5.36
C SER B 548 -36.17 -14.55 -5.33
N ASN B 549 -37.22 -14.13 -4.64
CA ASN B 549 -38.47 -14.89 -4.59
C ASN B 549 -39.62 -13.97 -4.97
N PRO B 550 -40.49 -14.44 -5.87
CA PRO B 550 -41.66 -13.64 -6.27
C PRO B 550 -42.50 -13.22 -5.06
N THR B 551 -43.08 -12.03 -5.11
CA THR B 551 -43.95 -11.56 -4.05
C THR B 551 -45.24 -12.40 -3.96
N LYS B 552 -45.56 -12.82 -2.75
CA LYS B 552 -46.77 -13.59 -2.53
C LYS B 552 -47.34 -13.18 -1.18
N ILE B 553 -48.58 -12.73 -1.19
CA ILE B 553 -49.24 -12.19 -0.01
C ILE B 553 -50.29 -13.18 0.55
N SER B 554 -50.35 -13.29 1.87
CA SER B 554 -51.23 -14.21 2.56
C SER B 554 -51.77 -13.50 3.79
N ARG B 555 -52.89 -14.01 4.27
CA ARG B 555 -53.41 -13.56 5.54
C ARG B 555 -53.60 -14.84 6.34
N SER B 556 -53.25 -14.81 7.61
CA SER B 556 -53.39 -15.99 8.44
C SER B 556 -54.76 -15.94 9.10
N THR B 557 -55.47 -17.07 9.10
CA THR B 557 -56.84 -17.16 9.59
C THR B 557 -57.01 -17.46 11.07
N GLY B 558 -55.94 -17.87 11.73
CA GLY B 558 -56.03 -18.24 13.14
C GLY B 558 -56.16 -19.74 13.32
N LYS B 559 -56.53 -20.44 12.26
CA LYS B 559 -56.58 -21.89 12.27
C LYS B 559 -55.23 -22.52 11.92
N PHE B 560 -55.17 -23.84 12.04
CA PHE B 560 -53.91 -24.51 11.80
C PHE B 560 -54.00 -25.45 10.64
N ASP B 561 -52.89 -25.61 9.94
CA ASP B 561 -52.79 -26.55 8.86
C ASP B 561 -51.64 -27.55 9.10
N ILE B 562 -51.45 -28.43 8.13
CA ILE B 562 -50.44 -29.46 8.20
C ILE B 562 -49.69 -29.42 6.89
N GLN B 563 -48.38 -29.51 6.95
CA GLN B 563 -47.58 -29.49 5.74
C GLN B 563 -46.45 -30.52 5.85
N TYR B 564 -46.21 -31.28 4.79
CA TYR B 564 -45.10 -32.21 4.77
C TYR B 564 -43.82 -31.56 4.30
N ILE B 565 -42.78 -31.69 5.13
CA ILE B 565 -41.45 -31.20 4.76
C ILE B 565 -40.43 -32.33 4.67
N ALA B 566 -39.39 -32.11 3.87
CA ALA B 566 -38.29 -33.05 3.77
C ALA B 566 -37.42 -32.96 5.03
N CYS B 567 -37.01 -34.12 5.55
CA CYS B 567 -36.26 -34.23 6.80
C CYS B 567 -35.08 -35.17 6.68
N SER B 568 -33.96 -34.80 7.30
CA SER B 568 -32.86 -35.73 7.50
C SER B 568 -32.77 -36.05 8.97
N SER B 569 -32.67 -37.32 9.31
CA SER B 569 -32.47 -37.74 10.69
C SER B 569 -31.11 -37.30 11.23
N ARG B 570 -31.01 -37.14 12.54
CA ARG B 570 -29.72 -36.95 13.20
C ARG B 570 -28.67 -37.98 12.74
N VAL B 571 -27.41 -37.54 12.66
CA VAL B 571 -26.29 -38.37 12.22
C VAL B 571 -25.81 -39.33 13.32
N LEU B 572 -25.20 -40.44 12.92
CA LEU B 572 -24.61 -41.39 13.87
C LEU B 572 -23.30 -40.87 14.48
N ALA B 573 -22.93 -41.41 15.64
CA ALA B 573 -21.71 -41.02 16.33
C ALA B 573 -20.46 -41.57 15.63
N ILE C 4 2.65 8.76 -61.51
CA ILE C 4 3.35 9.30 -60.34
C ILE C 4 4.31 8.27 -59.74
N THR C 5 5.52 8.26 -60.27
CA THR C 5 6.56 7.34 -59.81
C THR C 5 7.29 7.91 -58.60
N ALA C 6 7.96 7.05 -57.85
CA ALA C 6 8.77 7.49 -56.73
C ALA C 6 9.94 8.33 -57.23
N SER C 7 10.44 7.98 -58.41
CA SER C 7 11.57 8.67 -59.01
C SER C 7 11.24 10.14 -59.22
N LEU C 8 10.04 10.40 -59.69
CA LEU C 8 9.58 11.76 -59.97
C LEU C 8 9.42 12.57 -58.69
N VAL C 9 8.77 11.97 -57.69
CA VAL C 9 8.62 12.60 -56.40
C VAL C 9 9.98 13.03 -55.85
N LYS C 10 10.97 12.16 -56.01
CA LYS C 10 12.33 12.45 -55.57
C LYS C 10 12.84 13.71 -56.25
N GLU C 11 12.59 13.79 -57.55
CA GLU C 11 12.98 14.94 -58.36
C GLU C 11 12.41 16.24 -57.77
N LEU C 12 11.10 16.27 -57.57
CA LEU C 12 10.43 17.42 -57.01
C LEU C 12 10.89 17.69 -55.59
N ARG C 13 11.38 16.65 -54.92
CA ARG C 13 11.84 16.79 -53.55
C ARG C 13 13.08 17.67 -53.46
N GLU C 14 14.13 17.29 -54.19
CA GLU C 14 15.40 18.00 -54.09
C GLU C 14 15.38 19.34 -54.82
N ARG C 15 14.29 19.61 -55.52
CA ARG C 15 14.12 20.89 -56.19
C ARG C 15 13.35 21.82 -55.27
N THR C 16 12.69 21.23 -54.28
CA THR C 16 11.70 21.94 -53.47
C THR C 16 12.07 22.03 -51.99
N GLY C 17 12.56 20.94 -51.43
CA GLY C 17 12.84 20.86 -50.01
C GLY C 17 11.59 20.59 -49.19
N ALA C 18 10.47 20.38 -49.88
CA ALA C 18 9.19 20.11 -49.22
C ALA C 18 9.05 18.64 -48.85
N GLY C 19 8.21 18.38 -47.86
CA GLY C 19 7.98 17.03 -47.38
C GLY C 19 7.69 16.01 -48.46
N MET C 20 7.98 14.75 -48.16
CA MET C 20 7.84 13.67 -49.13
C MET C 20 6.42 13.57 -49.68
N MET C 21 5.43 13.53 -48.79
CA MET C 21 4.05 13.39 -49.21
C MET C 21 3.50 14.67 -49.84
N ASP C 22 3.97 15.82 -49.38
CA ASP C 22 3.60 17.10 -49.99
C ASP C 22 3.91 17.08 -51.49
N CYS C 23 5.01 16.42 -51.84
CA CYS C 23 5.43 16.30 -53.24
C CYS C 23 4.55 15.30 -53.99
N LYS C 24 4.35 14.13 -53.39
CA LYS C 24 3.45 13.12 -53.93
C LYS C 24 2.08 13.73 -54.23
N LYS C 25 1.53 14.45 -53.26
CA LYS C 25 0.24 15.11 -53.39
C LYS C 25 0.22 16.16 -54.51
N ALA C 26 1.17 17.10 -54.45
CA ALA C 26 1.20 18.21 -55.42
C ALA C 26 1.52 17.70 -56.83
N LEU C 27 2.23 16.58 -56.92
CA LEU C 27 2.48 15.94 -58.20
C LEU C 27 1.22 15.23 -58.70
N THR C 28 0.25 15.07 -57.80
CA THR C 28 -1.00 14.43 -58.15
C THR C 28 -1.98 15.42 -58.76
N GLU C 29 -2.34 16.46 -58.02
CA GLU C 29 -3.32 17.42 -58.51
C GLU C 29 -2.73 18.41 -59.53
N ALA C 30 -1.51 18.12 -59.97
CA ALA C 30 -0.89 18.89 -61.05
C ALA C 30 -0.51 17.98 -62.21
N ASN C 31 -0.99 16.72 -62.15
CA ASN C 31 -0.47 15.68 -63.02
C ASN C 31 1.05 15.59 -62.90
N GLY C 32 1.70 14.84 -63.80
CA GLY C 32 3.14 14.63 -63.73
C GLY C 32 3.95 15.88 -64.06
N ASP C 33 3.28 17.03 -64.06
CA ASP C 33 3.90 18.31 -64.37
C ASP C 33 4.64 18.88 -63.16
N ILE C 34 5.96 18.70 -63.14
CA ILE C 34 6.79 19.20 -62.05
C ILE C 34 6.66 20.71 -61.86
N GLU C 35 6.63 21.45 -62.97
CA GLU C 35 6.62 22.91 -62.89
C GLU C 35 5.37 23.48 -62.21
N LEU C 36 4.19 22.97 -62.58
CA LEU C 36 2.96 23.42 -61.93
C LEU C 36 3.00 23.05 -60.45
N ALA C 37 3.55 21.87 -60.17
CA ALA C 37 3.71 21.40 -58.80
C ALA C 37 4.52 22.39 -57.96
N ILE C 38 5.66 22.85 -58.50
CA ILE C 38 6.45 23.89 -57.84
C ILE C 38 5.55 25.06 -57.45
N GLU C 39 4.73 25.50 -58.40
CA GLU C 39 3.89 26.67 -58.20
C GLU C 39 2.78 26.41 -57.19
N ASN C 40 2.07 25.30 -57.35
CA ASN C 40 1.03 24.90 -56.39
C ASN C 40 1.53 24.90 -54.95
N MET C 41 2.68 24.27 -54.73
CA MET C 41 3.28 24.21 -53.40
C MET C 41 3.73 25.58 -52.92
N ARG C 42 4.44 26.30 -53.77
CA ARG C 42 4.84 27.67 -53.47
C ARG C 42 3.62 28.53 -53.10
N LYS C 43 2.49 28.30 -53.77
CA LYS C 43 1.24 29.00 -53.46
C LYS C 43 0.63 28.53 -52.14
N SER C 44 0.70 27.23 -51.89
CA SER C 44 0.14 26.64 -50.68
C SER C 44 1.02 26.87 -49.46
N GLY C 45 2.16 27.52 -49.67
CA GLY C 45 3.07 27.80 -48.56
C GLY C 45 2.46 28.74 -47.56
N ALA C 46 1.73 29.74 -48.06
CA ALA C 46 1.16 30.78 -47.22
C ALA C 46 0.33 30.22 -46.06
N ILE C 47 -0.45 29.19 -46.36
CA ILE C 47 -1.32 28.58 -45.36
C ILE C 47 -0.53 27.70 -44.40
N LYS C 48 0.47 27.01 -44.93
CA LYS C 48 1.35 26.20 -44.10
C LYS C 48 2.02 27.07 -43.04
N ALA C 49 2.50 28.24 -43.45
CA ALA C 49 3.12 29.18 -42.54
C ALA C 49 2.08 29.70 -41.56
N ALA C 50 0.86 29.87 -42.05
CA ALA C 50 -0.25 30.38 -41.25
C ALA C 50 -0.62 29.40 -40.16
N LYS C 51 -0.45 28.11 -40.45
CA LYS C 51 -0.81 27.05 -39.53
C LYS C 51 0.22 26.95 -38.40
N LYS C 52 1.49 27.15 -38.73
CA LYS C 52 2.55 27.14 -37.72
C LYS C 52 2.52 28.41 -36.86
N ALA C 53 1.85 29.44 -37.38
CA ALA C 53 1.86 30.78 -36.76
C ALA C 53 1.38 30.82 -35.32
N GLY C 54 0.62 29.81 -34.90
CA GLY C 54 0.13 29.73 -33.53
C GLY C 54 1.16 29.21 -32.55
N ASN C 55 2.23 28.63 -33.08
CA ASN C 55 3.28 28.06 -32.26
C ASN C 55 4.16 29.11 -31.57
N VAL C 56 4.31 28.96 -30.26
CA VAL C 56 5.26 29.75 -29.50
C VAL C 56 6.67 29.55 -30.03
N ALA C 57 7.36 30.65 -30.32
CA ALA C 57 8.73 30.60 -30.83
C ALA C 57 9.62 31.55 -30.03
N ALA C 58 10.33 31.01 -29.05
CA ALA C 58 11.12 31.86 -28.16
C ALA C 58 12.63 31.68 -28.32
N ASP C 59 13.04 30.86 -29.28
CA ASP C 59 14.45 30.75 -29.63
C ASP C 59 14.77 31.62 -30.85
N GLY C 60 15.96 31.45 -31.40
CA GLY C 60 16.40 32.23 -32.55
C GLY C 60 17.75 32.91 -32.37
N VAL C 61 17.91 34.09 -32.96
CA VAL C 61 19.22 34.76 -32.97
C VAL C 61 19.13 36.28 -32.80
N ILE C 62 20.17 36.85 -32.22
CA ILE C 62 20.38 38.29 -32.33
C ILE C 62 21.48 38.54 -33.36
N LYS C 63 21.33 39.59 -34.15
CA LYS C 63 22.33 39.93 -35.16
C LYS C 63 22.66 41.41 -35.09
N THR C 64 23.93 41.72 -35.27
CA THR C 64 24.38 43.11 -35.28
C THR C 64 25.27 43.34 -36.48
N LYS C 65 25.24 44.55 -37.01
CA LYS C 65 26.11 44.91 -38.11
C LYS C 65 26.36 46.39 -38.08
N ILE C 66 27.63 46.77 -38.18
CA ILE C 66 27.97 48.18 -38.21
C ILE C 66 28.60 48.60 -39.51
N ASP C 67 28.14 49.72 -40.04
CA ASP C 67 28.73 50.34 -41.21
C ASP C 67 28.97 51.80 -40.90
N GLY C 68 30.18 52.11 -40.44
CA GLY C 68 30.53 53.47 -40.06
C GLY C 68 29.93 53.88 -38.73
N ASN C 69 29.07 54.89 -38.78
CA ASN C 69 28.44 55.42 -37.58
C ASN C 69 27.01 54.93 -37.42
N TYR C 70 26.56 54.15 -38.39
CA TYR C 70 25.22 53.57 -38.33
C TYR C 70 25.29 52.08 -38.01
N GLY C 71 24.50 51.65 -37.05
CA GLY C 71 24.46 50.24 -36.67
C GLY C 71 23.05 49.72 -36.55
N ILE C 72 22.88 48.43 -36.84
CA ILE C 72 21.59 47.77 -36.69
C ILE C 72 21.71 46.58 -35.74
N ILE C 73 20.69 46.38 -34.93
CA ILE C 73 20.59 45.18 -34.14
C ILE C 73 19.21 44.55 -34.40
N LEU C 74 19.21 43.23 -34.61
CA LEU C 74 18.02 42.55 -35.11
C LEU C 74 17.75 41.25 -34.37
N GLU C 75 16.48 40.94 -34.14
CA GLU C 75 16.10 39.65 -33.58
C GLU C 75 15.19 38.88 -34.52
N VAL C 76 15.53 37.62 -34.74
CA VAL C 76 14.72 36.71 -35.56
C VAL C 76 14.46 35.44 -34.77
N ASN C 77 13.18 35.06 -34.66
CA ASN C 77 12.81 33.95 -33.80
C ASN C 77 12.52 32.64 -34.53
N CYS C 78 12.58 31.54 -33.77
CA CYS C 78 12.17 30.20 -34.22
C CYS C 78 11.83 29.40 -32.97
N GLN C 79 11.66 28.09 -33.11
CA GLN C 79 11.17 27.29 -31.99
C GLN C 79 12.27 26.57 -31.23
N THR C 80 13.28 26.08 -31.95
CA THR C 80 14.39 25.38 -31.30
C THR C 80 15.74 25.95 -31.69
N ASP C 81 16.73 25.79 -30.81
CA ASP C 81 18.06 26.27 -31.14
C ASP C 81 18.70 25.44 -32.26
N PHE C 82 18.17 24.23 -32.48
CA PHE C 82 18.62 23.45 -33.62
C PHE C 82 18.36 24.22 -34.91
N VAL C 83 17.20 24.84 -35.01
CA VAL C 83 16.89 25.61 -36.21
C VAL C 83 17.66 26.93 -36.25
N ALA C 84 17.86 27.52 -35.08
CA ALA C 84 18.68 28.72 -34.98
C ALA C 84 20.09 28.49 -35.55
N LYS C 85 20.61 27.28 -35.40
CA LYS C 85 21.96 26.95 -35.89
C LYS C 85 21.99 26.61 -37.38
N ASP C 86 20.81 26.35 -37.95
CA ASP C 86 20.74 25.86 -39.33
C ASP C 86 21.18 26.91 -40.34
N ALA C 87 21.86 26.45 -41.40
CA ALA C 87 22.40 27.36 -42.42
C ALA C 87 21.34 28.17 -43.15
N GLY C 88 20.19 27.56 -43.40
CA GLY C 88 19.12 28.22 -44.12
C GLY C 88 18.51 29.34 -43.29
N PHE C 89 18.29 29.06 -42.00
CA PHE C 89 17.79 30.08 -41.08
C PHE C 89 18.79 31.22 -40.97
N GLN C 90 20.06 30.87 -40.82
CA GLN C 90 21.12 31.87 -40.71
C GLN C 90 21.18 32.75 -41.94
N ALA C 91 20.99 32.15 -43.11
CA ALA C 91 21.01 32.89 -44.36
C ALA C 91 19.88 33.91 -44.40
N PHE C 92 18.71 33.48 -43.93
CA PHE C 92 17.54 34.36 -43.89
C PHE C 92 17.85 35.57 -43.03
N ALA C 93 18.26 35.29 -41.80
CA ALA C 93 18.55 36.34 -40.82
C ALA C 93 19.65 37.31 -41.30
N ASP C 94 20.70 36.78 -41.91
CA ASP C 94 21.77 37.64 -42.44
C ASP C 94 21.24 38.51 -43.56
N LYS C 95 20.39 37.94 -44.42
CA LYS C 95 19.78 38.67 -45.51
C LYS C 95 18.91 39.81 -44.97
N VAL C 96 18.09 39.48 -43.97
CA VAL C 96 17.26 40.49 -43.32
C VAL C 96 18.14 41.59 -42.71
N LEU C 97 19.12 41.18 -41.92
CA LEU C 97 20.08 42.10 -41.31
C LEU C 97 20.75 43.03 -42.34
N ASP C 98 21.23 42.46 -43.43
CA ASP C 98 21.89 43.24 -44.48
C ASP C 98 20.94 44.25 -45.10
N ALA C 99 19.69 43.85 -45.27
CA ALA C 99 18.67 44.73 -45.84
C ALA C 99 18.36 45.88 -44.89
N ALA C 100 18.33 45.59 -43.59
CA ALA C 100 18.05 46.62 -42.60
C ALA C 100 19.14 47.69 -42.61
N VAL C 101 20.39 47.26 -42.72
CA VAL C 101 21.51 48.20 -42.74
C VAL C 101 21.52 49.05 -44.00
N ALA C 102 21.49 48.38 -45.15
CA ALA C 102 21.56 49.06 -46.44
C ALA C 102 20.49 50.14 -46.61
N GLY C 103 19.23 49.77 -46.39
CA GLY C 103 18.12 50.70 -46.50
C GLY C 103 17.73 51.37 -45.20
N LYS C 104 18.66 51.41 -44.24
CA LYS C 104 18.41 52.03 -42.94
C LYS C 104 16.97 51.82 -42.43
N ILE C 105 16.50 50.58 -42.56
CA ILE C 105 15.12 50.23 -42.18
C ILE C 105 14.99 49.93 -40.69
N THR C 106 14.26 50.77 -39.96
CA THR C 106 14.04 50.56 -38.53
C THR C 106 12.58 50.25 -38.17
N ASP C 107 11.70 50.39 -39.15
CA ASP C 107 10.31 49.99 -39.01
C ASP C 107 10.18 48.48 -39.24
N VAL C 108 9.90 47.75 -38.16
CA VAL C 108 9.87 46.29 -38.23
C VAL C 108 8.82 45.79 -39.23
N GLU C 109 7.77 46.58 -39.45
CA GLU C 109 6.72 46.19 -40.38
C GLU C 109 7.14 46.25 -41.84
N VAL C 110 7.96 47.24 -42.18
CA VAL C 110 8.50 47.33 -43.54
C VAL C 110 9.41 46.13 -43.78
N LEU C 111 10.21 45.81 -42.76
CA LEU C 111 11.14 44.70 -42.82
C LEU C 111 10.38 43.38 -43.02
N LYS C 112 9.46 43.10 -42.11
CA LYS C 112 8.56 41.94 -42.23
C LYS C 112 7.95 41.83 -43.63
N ALA C 113 7.24 42.87 -44.04
CA ALA C 113 6.53 42.86 -45.32
C ALA C 113 7.46 42.57 -46.50
N GLN C 114 8.71 43.00 -46.38
CA GLN C 114 9.66 42.87 -47.49
C GLN C 114 10.22 41.46 -47.61
N PHE C 115 10.15 40.70 -46.52
CA PHE C 115 10.70 39.34 -46.51
C PHE C 115 9.63 38.27 -46.29
N GLU C 116 8.36 38.70 -46.25
CA GLU C 116 7.27 37.79 -45.93
C GLU C 116 7.20 36.57 -46.85
N GLU C 117 7.56 36.76 -48.11
CA GLU C 117 7.53 35.67 -49.08
C GLU C 117 8.59 34.63 -48.74
N GLU C 118 9.80 35.09 -48.47
CA GLU C 118 10.90 34.21 -48.09
C GLU C 118 10.63 33.53 -46.74
N ARG C 119 10.04 34.28 -45.81
CA ARG C 119 9.70 33.73 -44.50
C ARG C 119 8.77 32.54 -44.66
N VAL C 120 7.69 32.77 -45.41
CA VAL C 120 6.71 31.73 -45.70
C VAL C 120 7.36 30.54 -46.40
N ALA C 121 8.27 30.81 -47.33
CA ALA C 121 9.00 29.74 -48.01
C ALA C 121 9.97 29.02 -47.08
N LEU C 122 10.47 29.74 -46.09
CA LEU C 122 11.42 29.17 -45.15
C LEU C 122 10.68 28.33 -44.12
N VAL C 123 9.54 28.83 -43.67
CA VAL C 123 8.69 28.09 -42.74
C VAL C 123 8.18 26.84 -43.43
N ALA C 124 7.96 26.96 -44.73
CA ALA C 124 7.50 25.83 -45.53
C ALA C 124 8.43 24.63 -45.42
N LYS C 125 9.73 24.85 -45.61
CA LYS C 125 10.64 23.71 -45.62
C LYS C 125 11.32 23.43 -44.30
N ILE C 126 11.31 24.39 -43.36
CA ILE C 126 11.90 24.12 -42.04
C ILE C 126 10.86 23.61 -41.04
N GLY C 127 9.62 24.05 -41.19
CA GLY C 127 8.52 23.50 -40.42
C GLY C 127 8.38 24.05 -39.01
N GLU C 128 9.08 25.16 -38.72
CA GLU C 128 8.92 25.85 -37.45
C GLU C 128 8.39 27.24 -37.71
N ASN C 129 7.72 27.80 -36.71
CA ASN C 129 7.23 29.17 -36.80
C ASN C 129 8.41 30.14 -36.70
N ILE C 130 8.78 30.72 -37.83
CA ILE C 130 9.86 31.67 -37.89
C ILE C 130 9.30 33.06 -38.08
N ASN C 131 9.85 34.04 -37.34
CA ASN C 131 9.38 35.42 -37.46
C ASN C 131 10.44 36.45 -37.14
N ILE C 132 10.47 37.52 -37.93
CA ILE C 132 11.26 38.68 -37.59
C ILE C 132 10.51 39.39 -36.47
N ARG C 133 11.21 39.63 -35.37
CA ARG C 133 10.55 40.16 -34.18
C ARG C 133 10.65 41.69 -34.06
N ARG C 134 11.87 42.16 -33.85
CA ARG C 134 12.14 43.58 -33.67
C ARG C 134 13.44 43.95 -34.36
N VAL C 135 13.58 45.23 -34.65
CA VAL C 135 14.79 45.75 -35.27
C VAL C 135 14.98 47.18 -34.77
N ALA C 136 16.23 47.55 -34.50
CA ALA C 136 16.52 48.88 -34.01
C ALA C 136 17.86 49.36 -34.56
N ALA C 137 18.10 50.66 -34.46
CA ALA C 137 19.30 51.28 -34.99
C ALA C 137 19.90 52.23 -33.98
N LEU C 138 21.22 52.42 -34.05
CA LEU C 138 21.92 53.33 -33.16
C LEU C 138 23.01 54.06 -33.94
N GLU C 139 23.17 55.35 -33.64
CA GLU C 139 24.21 56.15 -34.28
C GLU C 139 25.09 56.83 -33.22
N GLY C 140 26.31 57.20 -33.60
CA GLY C 140 27.20 57.91 -32.70
C GLY C 140 28.57 58.17 -33.30
N ASP C 141 29.37 58.99 -32.60
CA ASP C 141 30.73 59.29 -33.05
C ASP C 141 31.52 58.01 -33.33
N VAL C 142 31.45 57.08 -32.38
CA VAL C 142 32.14 55.80 -32.49
C VAL C 142 31.13 54.69 -32.18
N LEU C 143 30.98 53.74 -33.11
CA LEU C 143 30.10 52.60 -32.85
C LEU C 143 30.87 51.33 -32.59
N GLY C 144 30.38 50.56 -31.62
CA GLY C 144 30.96 49.27 -31.31
C GLY C 144 29.88 48.22 -31.10
N SER C 145 30.26 46.96 -31.24
CA SER C 145 29.31 45.87 -31.08
C SER C 145 29.94 44.68 -30.39
N TYR C 146 29.07 43.88 -29.76
CA TYR C 146 29.49 42.62 -29.19
C TYR C 146 28.38 41.59 -29.39
N GLN C 147 28.77 40.43 -29.92
CA GLN C 147 27.88 39.27 -29.92
C GLN C 147 28.38 38.25 -28.91
N HIS C 148 27.52 37.88 -27.98
CA HIS C 148 27.83 36.78 -27.08
C HIS C 148 27.08 35.58 -27.59
N GLY C 149 27.67 34.90 -28.56
CA GLY C 149 26.97 33.82 -29.23
C GLY C 149 25.78 34.38 -30.00
N ALA C 150 24.75 33.56 -30.15
CA ALA C 150 23.58 33.95 -30.91
C ALA C 150 22.54 34.64 -30.03
N ARG C 151 22.72 34.55 -28.72
CA ARG C 151 21.67 34.85 -27.76
C ARG C 151 21.61 36.31 -27.38
N ILE C 152 22.76 36.96 -27.37
CA ILE C 152 22.84 38.32 -26.87
C ILE C 152 23.60 39.21 -27.84
N GLY C 153 22.99 40.34 -28.19
CA GLY C 153 23.61 41.33 -29.06
C GLY C 153 23.64 42.70 -28.41
N VAL C 154 24.73 43.44 -28.65
CA VAL C 154 24.86 44.77 -28.08
C VAL C 154 25.40 45.78 -29.09
N LEU C 155 24.77 46.96 -29.12
CA LEU C 155 25.31 48.12 -29.82
C LEU C 155 25.66 49.19 -28.81
N VAL C 156 26.82 49.82 -28.98
CA VAL C 156 27.20 50.95 -28.15
C VAL C 156 27.72 52.13 -28.96
N ALA C 157 27.17 53.31 -28.68
CA ALA C 157 27.62 54.54 -29.31
C ALA C 157 28.30 55.41 -28.27
N ALA C 158 29.46 55.96 -28.62
CA ALA C 158 30.23 56.73 -27.66
C ALA C 158 30.90 57.95 -28.27
N LYS C 159 31.71 58.63 -27.48
CA LYS C 159 32.39 59.86 -27.90
C LYS C 159 33.72 59.97 -27.18
N GLY C 160 34.77 60.30 -27.93
CA GLY C 160 36.10 60.42 -27.35
C GLY C 160 36.62 59.08 -26.83
N ALA C 161 36.15 58.01 -27.45
CA ALA C 161 36.53 56.66 -27.06
C ALA C 161 37.04 55.90 -28.26
N ASP C 162 38.06 55.06 -28.05
CA ASP C 162 38.61 54.25 -29.14
C ASP C 162 37.85 52.93 -29.31
N GLU C 163 38.09 52.25 -30.43
CA GLU C 163 37.33 51.06 -30.80
C GLU C 163 37.27 50.00 -29.71
N GLU C 164 38.39 49.79 -29.02
CA GLU C 164 38.46 48.71 -28.05
C GLU C 164 37.76 49.10 -26.74
N LEU C 165 37.79 50.39 -26.43
CA LEU C 165 37.08 50.90 -25.26
C LEU C 165 35.60 50.61 -25.44
N VAL C 166 35.09 50.94 -26.62
CA VAL C 166 33.69 50.73 -26.93
C VAL C 166 33.33 49.25 -26.88
N LYS C 167 34.23 48.40 -27.39
CA LYS C 167 34.00 46.96 -27.39
C LYS C 167 33.84 46.45 -25.96
N HIS C 168 34.72 46.91 -25.09
CA HIS C 168 34.67 46.51 -23.67
C HIS C 168 33.39 46.97 -22.99
N ILE C 169 32.95 48.19 -23.29
CA ILE C 169 31.67 48.68 -22.77
C ILE C 169 30.51 47.83 -23.28
N ALA C 170 30.54 47.47 -24.56
CA ALA C 170 29.52 46.59 -25.13
C ALA C 170 29.49 45.23 -24.42
N MET C 171 30.68 44.68 -24.14
CA MET C 171 30.75 43.41 -23.43
C MET C 171 30.15 43.56 -22.06
N HIS C 172 30.41 44.71 -21.42
CA HIS C 172 29.86 44.98 -20.11
C HIS C 172 28.34 45.02 -20.17
N VAL C 173 27.81 45.81 -21.10
CA VAL C 173 26.36 45.94 -21.26
C VAL C 173 25.72 44.56 -21.40
N ALA C 174 26.39 43.69 -22.13
CA ALA C 174 25.88 42.35 -22.40
C ALA C 174 25.78 41.54 -21.12
N ALA C 175 26.71 41.77 -20.20
CA ALA C 175 26.76 41.00 -18.95
C ALA C 175 25.89 41.61 -17.85
N SER C 176 25.93 42.94 -17.73
CA SER C 176 25.30 43.63 -16.61
C SER C 176 23.92 44.27 -16.89
N LYS C 177 23.52 44.26 -18.15
CA LYS C 177 22.18 44.72 -18.56
C LYS C 177 21.75 46.05 -17.96
N PRO C 178 22.56 47.11 -18.09
CA PRO C 178 22.03 48.38 -17.57
C PRO C 178 20.75 48.74 -18.33
N GLU C 179 19.80 49.39 -17.65
CA GLU C 179 18.61 49.89 -18.31
C GLU C 179 18.83 51.31 -18.82
N PHE C 180 19.60 52.07 -18.05
CA PHE C 180 19.86 53.47 -18.38
C PHE C 180 21.36 53.73 -18.48
N ILE C 181 21.72 54.89 -19.00
CA ILE C 181 23.12 55.28 -19.08
C ILE C 181 23.57 55.77 -17.72
N LYS C 182 22.88 56.77 -17.21
CA LYS C 182 23.21 57.41 -15.95
C LYS C 182 22.03 57.39 -14.99
N PRO C 183 22.32 57.41 -13.69
CA PRO C 183 21.28 57.43 -12.66
C PRO C 183 20.22 58.48 -12.93
N GLU C 184 20.66 59.70 -13.27
CA GLU C 184 19.75 60.82 -13.52
C GLU C 184 18.75 60.52 -14.64
N ASP C 185 19.19 59.73 -15.62
CA ASP C 185 18.35 59.42 -16.78
C ASP C 185 17.12 58.59 -16.40
N VAL C 186 17.16 57.92 -15.25
CA VAL C 186 16.05 57.08 -14.84
C VAL C 186 14.77 57.90 -14.86
N SER C 187 13.77 57.43 -15.61
CA SER C 187 12.48 58.13 -15.70
C SER C 187 12.07 58.60 -14.31
N ALA C 188 12.41 59.85 -13.99
CA ALA C 188 12.30 60.38 -12.63
C ALA C 188 10.89 60.27 -12.06
N GLU C 189 9.91 60.05 -12.94
CA GLU C 189 8.52 59.94 -12.52
C GLU C 189 8.13 58.49 -12.27
N VAL C 190 9.00 57.56 -12.65
CA VAL C 190 8.71 56.14 -12.48
C VAL C 190 9.32 55.63 -11.18
N VAL C 191 10.11 56.47 -10.52
CA VAL C 191 10.71 56.09 -9.27
C VAL C 191 10.10 56.83 -8.09
N GLU C 192 9.38 57.91 -8.38
CA GLU C 192 8.72 58.66 -7.31
C GLU C 192 7.43 57.99 -6.87
N LYS C 193 6.92 57.07 -7.69
CA LYS C 193 5.80 56.23 -7.29
C LYS C 193 6.35 55.05 -6.49
N GLU C 194 7.54 54.61 -6.85
CA GLU C 194 8.20 53.50 -6.15
C GLU C 194 8.83 53.97 -4.85
N TYR C 195 9.03 55.28 -4.73
CA TYR C 195 9.48 55.90 -3.49
C TYR C 195 8.31 56.17 -2.56
N GLN C 196 7.12 56.35 -3.15
CA GLN C 196 5.89 56.54 -2.37
C GLN C 196 5.28 55.19 -2.06
N VAL C 197 5.76 54.17 -2.77
CA VAL C 197 5.41 52.78 -2.48
C VAL C 197 6.34 52.19 -1.44
N GLN C 198 7.61 52.60 -1.49
CA GLN C 198 8.66 52.09 -0.60
C GLN C 198 8.58 52.61 0.84
N LEU C 199 8.20 53.87 0.98
CA LEU C 199 8.13 54.53 2.28
C LEU C 199 6.88 54.14 3.06
N ASP C 200 5.88 53.59 2.37
CA ASP C 200 4.77 52.97 3.06
C ASP C 200 5.26 51.68 3.71
N ILE C 201 5.94 50.86 2.91
CA ILE C 201 6.54 49.63 3.40
C ILE C 201 7.36 49.89 4.67
N ALA C 202 8.19 50.91 4.61
CA ALA C 202 9.08 51.23 5.72
C ALA C 202 8.32 51.79 6.92
N MET C 203 7.40 52.70 6.65
CA MET C 203 6.79 53.49 7.73
C MET C 203 5.69 52.79 8.51
N GLN C 204 5.64 51.46 8.44
CA GLN C 204 4.64 50.71 9.19
C GLN C 204 5.16 50.25 10.54
N SER C 205 6.48 50.07 10.65
CA SER C 205 7.09 49.67 11.93
C SER C 205 6.76 50.68 13.02
N GLY C 206 6.20 51.82 12.61
CA GLY C 206 5.98 52.94 13.52
C GLY C 206 7.26 53.74 13.60
N LYS C 207 8.21 53.39 12.74
CA LYS C 207 9.51 54.06 12.69
C LYS C 207 9.33 55.47 12.18
N PRO C 208 9.93 56.43 12.89
CA PRO C 208 9.79 57.87 12.65
C PRO C 208 9.70 58.22 11.17
N LYS C 209 8.97 59.29 10.87
CA LYS C 209 8.81 59.76 9.51
C LYS C 209 10.18 59.86 8.87
N GLU C 210 11.03 60.67 9.47
CA GLU C 210 12.38 60.93 8.97
C GLU C 210 13.20 59.65 8.70
N ILE C 211 13.07 58.64 9.55
CA ILE C 211 13.87 57.43 9.43
C ILE C 211 13.57 56.68 8.14
N ALA C 212 12.31 56.33 7.92
CA ALA C 212 11.93 55.57 6.74
C ALA C 212 12.28 56.33 5.45
N GLU C 213 11.95 57.61 5.42
CA GLU C 213 12.20 58.43 4.24
C GLU C 213 13.68 58.40 3.92
N LYS C 214 14.48 58.69 4.94
CA LYS C 214 15.93 58.69 4.81
C LYS C 214 16.47 57.32 4.37
N MET C 215 15.92 56.24 4.92
CA MET C 215 16.33 54.89 4.50
C MET C 215 15.92 54.57 3.07
N VAL C 216 14.66 54.89 2.73
CA VAL C 216 14.15 54.68 1.38
C VAL C 216 14.97 55.47 0.38
N GLU C 217 15.27 56.71 0.74
CA GLU C 217 16.06 57.56 -0.12
C GLU C 217 17.40 56.91 -0.46
N GLY C 218 18.12 56.48 0.57
CA GLY C 218 19.39 55.80 0.39
C GLY C 218 19.29 54.51 -0.42
N ARG C 219 18.25 53.72 -0.15
CA ARG C 219 17.93 52.55 -0.96
C ARG C 219 17.71 52.89 -2.44
N MET C 220 16.83 53.86 -2.70
CA MET C 220 16.57 54.31 -4.07
C MET C 220 17.84 54.79 -4.79
N LYS C 221 18.80 55.32 -4.05
CA LYS C 221 19.99 55.86 -4.69
C LYS C 221 20.88 54.76 -5.29
N LYS C 222 21.12 53.71 -4.50
CA LYS C 222 21.93 52.59 -4.98
C LYS C 222 21.17 51.68 -5.95
N PHE C 223 19.85 51.62 -5.82
CA PHE C 223 19.03 50.91 -6.78
C PHE C 223 19.16 51.55 -8.16
N THR C 224 19.23 52.87 -8.16
CA THR C 224 19.36 53.63 -9.40
C THR C 224 20.78 53.53 -9.96
N GLY C 225 21.75 53.37 -9.06
CA GLY C 225 23.13 53.18 -9.49
C GLY C 225 23.35 51.89 -10.25
N GLU C 226 22.79 50.79 -9.74
CA GLU C 226 23.02 49.45 -10.28
C GLU C 226 22.30 49.21 -11.61
N VAL C 227 21.27 50.01 -11.86
CA VAL C 227 20.49 49.91 -13.09
C VAL C 227 21.03 50.81 -14.20
N SER C 228 21.99 51.68 -13.86
CA SER C 228 22.60 52.56 -14.84
C SER C 228 24.05 52.15 -15.14
N LEU C 229 24.45 52.26 -16.40
CA LEU C 229 25.83 52.00 -16.83
C LEU C 229 26.83 52.61 -15.85
N THR C 230 26.81 53.94 -15.82
CA THR C 230 27.65 54.74 -14.98
C THR C 230 27.83 54.19 -13.56
N GLY C 231 26.75 53.70 -12.98
CA GLY C 231 26.76 53.24 -11.61
C GLY C 231 27.24 51.80 -11.41
N GLN C 232 27.39 51.04 -12.50
CA GLN C 232 27.77 49.63 -12.39
C GLN C 232 29.28 49.41 -12.30
N PRO C 233 29.68 48.45 -11.48
CA PRO C 233 31.07 47.98 -11.46
C PRO C 233 31.46 47.49 -12.84
N PHE C 234 32.54 48.02 -13.39
CA PHE C 234 33.02 47.58 -14.71
C PHE C 234 33.33 46.09 -14.62
N VAL C 235 32.81 45.27 -15.53
CA VAL C 235 33.03 43.83 -15.40
C VAL C 235 34.49 43.42 -15.54
N MET C 236 35.29 44.22 -16.24
CA MET C 236 36.71 43.86 -16.40
C MET C 236 37.57 44.44 -15.28
N GLU C 237 36.93 45.18 -14.37
CA GLU C 237 37.60 45.71 -13.19
C GLU C 237 36.59 46.25 -12.17
N PRO C 238 35.90 45.35 -11.48
CA PRO C 238 34.75 45.68 -10.63
C PRO C 238 35.03 46.70 -9.53
N SER C 239 36.29 46.90 -9.16
CA SER C 239 36.60 47.88 -8.12
C SER C 239 36.36 49.31 -8.62
N LYS C 240 36.09 49.45 -9.91
CA LYS C 240 35.74 50.76 -10.46
C LYS C 240 34.49 50.68 -11.32
N THR C 241 33.66 51.72 -11.25
CA THR C 241 32.42 51.78 -12.02
C THR C 241 32.71 52.19 -13.45
N VAL C 242 31.78 51.89 -14.33
CA VAL C 242 31.88 52.27 -15.73
C VAL C 242 31.99 53.78 -15.84
N GLY C 243 31.35 54.49 -14.92
CA GLY C 243 31.45 55.93 -14.87
C GLY C 243 32.87 56.42 -14.67
N GLN C 244 33.55 55.83 -13.69
CA GLN C 244 34.95 56.16 -13.41
C GLN C 244 35.85 55.81 -14.59
N LEU C 245 35.60 54.64 -15.18
CA LEU C 245 36.32 54.23 -16.39
C LEU C 245 36.22 55.31 -17.45
N LEU C 246 34.99 55.78 -17.67
CA LEU C 246 34.73 56.76 -18.71
C LEU C 246 35.47 58.07 -18.48
N LYS C 247 35.45 58.58 -17.26
CA LYS C 247 36.17 59.82 -16.94
C LYS C 247 37.65 59.69 -17.25
N GLU C 248 38.27 58.58 -16.84
CA GLU C 248 39.68 58.33 -17.12
C GLU C 248 40.05 58.49 -18.61
N HIS C 249 39.09 58.18 -19.48
CA HIS C 249 39.33 58.25 -20.92
C HIS C 249 38.71 59.50 -21.56
N ASN C 250 38.21 60.41 -20.72
CA ASN C 250 37.52 61.61 -21.20
C ASN C 250 36.55 61.26 -22.32
N ALA C 251 35.79 60.18 -22.10
CA ALA C 251 34.84 59.68 -23.06
C ALA C 251 33.42 59.69 -22.50
N GLU C 252 32.44 59.50 -23.37
CA GLU C 252 31.04 59.58 -22.98
C GLU C 252 30.20 58.56 -23.76
N VAL C 253 29.31 57.86 -23.07
CA VAL C 253 28.42 56.92 -23.75
C VAL C 253 27.15 57.60 -24.25
N THR C 254 26.97 57.54 -25.58
CA THR C 254 25.90 58.23 -26.28
C THR C 254 24.56 57.50 -26.20
N GLY C 255 24.63 56.17 -26.31
CA GLY C 255 23.45 55.33 -26.24
C GLY C 255 23.89 53.89 -26.31
N PHE C 256 22.97 52.98 -26.04
CA PHE C 256 23.27 51.56 -26.18
C PHE C 256 21.99 50.76 -26.37
N ILE C 257 22.13 49.63 -27.05
CA ILE C 257 21.01 48.73 -27.25
C ILE C 257 21.44 47.31 -26.93
N ARG C 258 20.69 46.65 -26.03
CA ARG C 258 20.93 45.24 -25.72
C ARG C 258 19.71 44.40 -26.09
N PHE C 259 19.89 43.47 -27.02
CA PHE C 259 18.85 42.48 -27.32
C PHE C 259 19.25 41.11 -26.76
N GLU C 260 18.29 40.43 -26.12
CA GLU C 260 18.48 39.03 -25.78
C GLU C 260 17.33 38.20 -26.35
N VAL C 261 17.67 37.11 -27.03
CA VAL C 261 16.65 36.26 -27.66
C VAL C 261 15.57 35.85 -26.67
N GLY C 262 14.31 36.15 -27.00
CA GLY C 262 13.19 35.67 -26.21
C GLY C 262 12.82 36.54 -25.02
N GLU C 263 13.65 37.54 -24.71
CA GLU C 263 13.30 38.55 -23.72
C GLU C 263 11.81 38.88 -23.78
N GLY C 264 11.12 38.71 -22.66
CA GLY C 264 9.73 39.15 -22.55
C GLY C 264 8.72 38.27 -23.27
N ILE C 265 9.16 37.10 -23.74
CA ILE C 265 8.24 36.12 -24.30
C ILE C 265 7.99 34.99 -23.30
N GLU C 266 6.83 35.03 -22.66
CA GLU C 266 6.37 33.99 -21.73
C GLU C 266 7.44 33.15 -21.03
N LYS C 267 7.96 32.14 -21.73
CA LYS C 267 8.90 31.15 -21.21
C LYS C 267 8.14 29.96 -20.61
N VAL C 268 7.22 29.40 -21.38
CA VAL C 268 6.36 28.32 -20.90
C VAL C 268 7.05 26.96 -20.89
N GLU C 269 7.66 26.59 -19.76
CA GLU C 269 8.40 25.35 -19.65
C GLU C 269 7.54 24.10 -19.90
N THR C 270 8.20 23.01 -20.26
CA THR C 270 7.51 21.77 -20.57
C THR C 270 7.89 20.64 -19.60
N ASP C 271 6.90 19.85 -19.23
CA ASP C 271 7.11 18.68 -18.39
C ASP C 271 7.02 17.42 -19.25
N PHE C 272 8.14 17.00 -19.83
CA PHE C 272 8.17 15.86 -20.75
C PHE C 272 7.48 14.61 -20.19
N ALA C 273 7.90 14.21 -18.99
CA ALA C 273 7.37 13.00 -18.38
C ALA C 273 5.84 13.02 -18.23
N ALA C 274 5.28 14.15 -17.79
CA ALA C 274 3.84 14.28 -17.60
C ALA C 274 3.07 14.27 -18.91
N GLU C 275 3.61 14.94 -19.92
CA GLU C 275 2.96 14.98 -21.23
C GLU C 275 2.89 13.57 -21.78
N VAL C 276 3.94 12.79 -21.52
CA VAL C 276 3.95 11.39 -21.91
C VAL C 276 2.86 10.61 -21.19
N ALA C 277 2.80 10.76 -19.88
CA ALA C 277 1.80 10.07 -19.06
C ALA C 277 0.37 10.47 -19.43
N ALA C 278 0.18 11.77 -19.71
CA ALA C 278 -1.12 12.27 -20.11
C ALA C 278 -1.54 11.56 -21.38
N MET C 279 -0.71 11.67 -22.40
CA MET C 279 -0.97 11.07 -23.70
C MET C 279 -1.22 9.58 -23.57
N SER C 280 -0.53 8.96 -22.61
CA SER C 280 -0.60 7.53 -22.40
C SER C 280 -1.97 7.11 -21.87
N LYS C 281 -2.54 7.92 -20.99
CA LYS C 281 -3.80 7.59 -20.35
C LYS C 281 -5.00 7.59 -21.30
N GLN C 282 -5.28 8.75 -21.89
CA GLN C 282 -6.42 8.87 -22.80
C GLN C 282 -6.47 7.73 -23.81
N SER C 283 -5.29 7.27 -24.22
CA SER C 283 -5.17 6.17 -25.15
C SER C 283 -5.11 4.84 -24.40
N LYS C 294 19.34 -6.06 -13.28
CA LYS C 294 19.47 -6.00 -14.73
C LYS C 294 20.12 -4.69 -15.20
N PRO C 295 20.70 -4.70 -16.40
CA PRO C 295 21.43 -3.54 -16.93
C PRO C 295 20.53 -2.32 -17.09
N HIS C 296 21.09 -1.15 -16.79
CA HIS C 296 20.37 0.10 -16.93
C HIS C 296 20.90 0.89 -18.12
N VAL C 297 20.03 1.14 -19.09
CA VAL C 297 20.44 1.82 -20.30
C VAL C 297 19.71 3.14 -20.48
N ASN C 298 20.48 4.19 -20.78
CA ASN C 298 19.95 5.53 -20.99
C ASN C 298 19.76 5.83 -22.46
N VAL C 299 18.55 6.28 -22.83
CA VAL C 299 18.28 6.66 -24.20
C VAL C 299 17.58 8.01 -24.25
N GLY C 300 17.51 8.59 -25.45
CA GLY C 300 16.82 9.84 -25.64
C GLY C 300 16.26 9.96 -27.04
N THR C 301 15.20 10.74 -27.19
CA THR C 301 14.64 11.01 -28.51
C THR C 301 15.11 12.36 -28.99
N ILE C 302 15.38 12.45 -30.29
CA ILE C 302 15.76 13.70 -30.91
C ILE C 302 15.08 13.79 -32.28
N GLY C 303 14.71 15.00 -32.68
CA GLY C 303 14.03 15.19 -33.95
C GLY C 303 13.09 16.38 -33.97
N HIS C 304 12.41 16.57 -35.10
CA HIS C 304 11.52 17.71 -35.30
C HIS C 304 10.34 17.74 -34.32
N VAL C 305 9.98 18.94 -33.87
CA VAL C 305 8.87 19.17 -32.94
C VAL C 305 7.52 18.55 -33.34
N ASP C 306 7.26 18.41 -34.64
CA ASP C 306 5.98 17.89 -35.11
C ASP C 306 6.01 16.42 -35.51
N HIS C 307 7.15 15.76 -35.33
CA HIS C 307 7.30 14.41 -35.88
C HIS C 307 6.93 13.28 -34.92
N GLY C 308 6.47 13.65 -33.72
CA GLY C 308 5.86 12.71 -32.81
C GLY C 308 6.78 12.01 -31.83
N LYS C 309 7.77 12.73 -31.31
CA LYS C 309 8.68 12.14 -30.34
C LYS C 309 7.92 11.79 -29.07
N THR C 310 7.04 12.69 -28.63
CA THR C 310 6.26 12.46 -27.42
C THR C 310 5.25 11.34 -27.64
N THR C 311 4.61 11.33 -28.81
CA THR C 311 3.68 10.27 -29.15
C THR C 311 4.40 8.92 -29.18
N LEU C 312 5.61 8.91 -29.73
CA LEU C 312 6.39 7.68 -29.83
C LEU C 312 6.73 7.15 -28.46
N THR C 313 7.12 8.06 -27.58
CA THR C 313 7.48 7.69 -26.23
C THR C 313 6.31 7.11 -25.45
N ALA C 314 5.13 7.72 -25.57
CA ALA C 314 3.92 7.19 -24.95
C ALA C 314 3.57 5.81 -25.51
N ALA C 315 3.72 5.64 -26.83
CA ALA C 315 3.52 4.34 -27.45
C ALA C 315 4.51 3.30 -26.93
N ILE C 316 5.76 3.72 -26.70
CA ILE C 316 6.76 2.79 -26.18
C ILE C 316 6.38 2.30 -24.78
N THR C 317 6.12 3.25 -23.88
CA THR C 317 5.72 2.91 -22.52
C THR C 317 4.46 2.03 -22.51
N THR C 318 3.49 2.39 -23.35
CA THR C 318 2.23 1.65 -23.41
C THR C 318 2.44 0.22 -23.87
N VAL C 319 3.04 0.05 -25.05
CA VAL C 319 3.24 -1.27 -25.61
C VAL C 319 4.14 -2.17 -24.76
N LEU C 320 5.24 -1.63 -24.24
CA LEU C 320 6.13 -2.46 -23.44
C LEU C 320 5.48 -2.89 -22.13
N ALA C 321 4.71 -2.00 -21.52
CA ALA C 321 4.00 -2.33 -20.28
C ALA C 321 3.01 -3.45 -20.59
N LYS C 322 2.23 -3.26 -21.65
CA LYS C 322 1.24 -4.22 -22.10
C LYS C 322 1.88 -5.58 -22.37
N THR C 323 3.15 -5.55 -22.77
CA THR C 323 3.79 -6.77 -23.25
C THR C 323 4.73 -7.38 -22.22
N TYR C 324 5.41 -6.55 -21.45
CA TYR C 324 6.46 -7.03 -20.55
C TYR C 324 6.21 -6.64 -19.10
N GLY C 325 5.12 -5.92 -18.86
CA GLY C 325 4.79 -5.42 -17.54
C GLY C 325 5.85 -4.45 -17.03
N GLY C 326 5.51 -3.17 -17.04
CA GLY C 326 6.44 -2.14 -16.57
C GLY C 326 7.55 -1.87 -17.57
N THR C 349 15.58 16.57 -14.47
CA THR C 349 15.58 15.30 -15.20
C THR C 349 14.17 14.76 -15.38
N SER C 350 13.37 15.42 -16.22
CA SER C 350 12.03 14.92 -16.53
C SER C 350 12.18 13.74 -17.49
N HIS C 351 12.03 12.54 -16.95
CA HIS C 351 12.27 11.35 -17.76
C HIS C 351 11.19 10.29 -17.63
N VAL C 352 11.26 9.32 -18.53
CA VAL C 352 10.29 8.26 -18.60
C VAL C 352 11.05 6.94 -18.41
N GLU C 353 10.37 5.91 -17.92
CA GLU C 353 11.01 4.61 -17.76
C GLU C 353 10.20 3.49 -18.36
N TYR C 354 10.90 2.49 -18.87
CA TYR C 354 10.25 1.28 -19.38
C TYR C 354 11.23 0.09 -19.44
N ASP C 355 10.68 -1.12 -19.40
CA ASP C 355 11.49 -2.33 -19.36
C ASP C 355 11.20 -3.30 -20.50
N THR C 356 12.27 -3.96 -20.94
CA THR C 356 12.16 -5.15 -21.78
C THR C 356 12.52 -6.35 -20.89
N PRO C 357 12.39 -7.58 -21.42
CA PRO C 357 12.76 -8.71 -20.56
C PRO C 357 14.18 -8.57 -19.97
N THR C 358 15.12 -8.03 -20.75
CA THR C 358 16.51 -8.01 -20.32
C THR C 358 17.06 -6.66 -19.84
N ARG C 359 16.33 -5.57 -20.06
CA ARG C 359 16.88 -4.25 -19.71
C ARG C 359 15.89 -3.28 -19.11
N HIS C 360 16.41 -2.43 -18.23
CA HIS C 360 15.68 -1.28 -17.72
C HIS C 360 16.18 -0.04 -18.44
N TYR C 361 15.24 0.76 -18.97
CA TYR C 361 15.58 1.96 -19.74
C TYR C 361 15.11 3.23 -19.05
N ALA C 362 15.97 4.24 -19.08
CA ALA C 362 15.58 5.60 -18.74
C ALA C 362 15.63 6.44 -20.02
N HIS C 363 14.56 7.20 -20.25
CA HIS C 363 14.35 7.88 -21.54
C HIS C 363 14.10 9.38 -21.34
N VAL C 364 14.94 10.22 -21.96
CA VAL C 364 14.71 11.67 -21.95
C VAL C 364 14.48 12.22 -23.35
N ASP C 365 13.90 13.42 -23.43
CA ASP C 365 13.76 14.10 -24.72
C ASP C 365 14.89 15.11 -24.89
N CYS C 366 15.29 15.39 -26.13
CA CYS C 366 16.38 16.34 -26.39
C CYS C 366 15.93 17.48 -27.29
N PRO C 367 15.00 18.30 -26.80
CA PRO C 367 14.37 19.38 -27.58
C PRO C 367 15.33 20.52 -27.89
N GLY C 368 16.41 20.60 -27.11
CA GLY C 368 17.33 21.73 -27.21
C GLY C 368 18.79 21.31 -27.17
N HIS C 369 19.56 21.87 -28.09
CA HIS C 369 20.98 21.57 -28.23
C HIS C 369 21.76 22.01 -26.98
N ALA C 370 21.72 23.30 -26.67
CA ALA C 370 22.48 23.81 -25.53
C ALA C 370 22.02 23.15 -24.24
N ASP C 371 20.73 22.90 -24.12
CA ASP C 371 20.19 22.28 -22.92
C ASP C 371 20.75 20.87 -22.74
N TYR C 372 20.77 20.10 -23.82
CA TYR C 372 21.30 18.75 -23.72
C TYR C 372 22.78 18.75 -23.39
N VAL C 373 23.55 19.62 -24.06
CA VAL C 373 24.99 19.73 -23.82
C VAL C 373 25.26 20.02 -22.35
N LYS C 374 24.52 20.97 -21.78
CA LYS C 374 24.64 21.29 -20.36
C LYS C 374 24.29 20.11 -19.46
N ASN C 375 23.18 19.42 -19.73
CA ASN C 375 22.80 18.26 -18.93
C ASN C 375 23.88 17.18 -18.98
N MET C 376 24.43 16.98 -20.17
CA MET C 376 25.49 16.01 -20.39
C MET C 376 26.73 16.40 -19.57
N ILE C 377 27.10 17.69 -19.60
CA ILE C 377 28.30 18.10 -18.90
C ILE C 377 28.18 17.91 -17.38
N THR C 378 27.03 18.30 -16.83
CA THR C 378 26.81 18.23 -15.39
C THR C 378 26.53 16.81 -14.91
N GLY C 379 26.27 15.90 -15.84
CA GLY C 379 25.95 14.52 -15.49
C GLY C 379 24.49 14.34 -15.14
N ALA C 380 23.69 15.38 -15.35
CA ALA C 380 22.24 15.26 -15.12
C ALA C 380 21.63 14.30 -16.13
N ALA C 381 22.27 14.17 -17.28
CA ALA C 381 21.79 13.30 -18.36
C ALA C 381 22.97 12.71 -19.12
N GLN C 382 22.76 11.54 -19.73
CA GLN C 382 23.83 10.91 -20.51
C GLN C 382 23.38 9.70 -21.32
N MET C 383 23.15 9.92 -22.62
CA MET C 383 22.66 8.88 -23.50
C MET C 383 23.71 7.81 -23.82
N ASP C 384 23.27 6.56 -23.77
CA ASP C 384 24.01 5.42 -24.30
C ASP C 384 23.59 5.19 -25.75
N GLY C 385 22.41 5.66 -26.10
CA GLY C 385 21.92 5.59 -27.47
C GLY C 385 20.85 6.63 -27.70
N ALA C 386 20.69 7.05 -28.96
CA ALA C 386 19.65 8.02 -29.28
C ALA C 386 18.71 7.45 -30.32
N ILE C 387 17.44 7.79 -30.18
CA ILE C 387 16.43 7.46 -31.18
C ILE C 387 16.11 8.72 -31.94
N LEU C 388 16.51 8.76 -33.21
CA LEU C 388 16.19 9.87 -34.10
C LEU C 388 14.83 9.64 -34.72
N VAL C 389 13.90 10.55 -34.44
CA VAL C 389 12.54 10.39 -34.93
C VAL C 389 12.30 11.26 -36.16
N VAL C 390 12.02 10.61 -37.30
CA VAL C 390 11.69 11.33 -38.52
C VAL C 390 10.33 10.86 -39.03
N ALA C 391 9.44 11.81 -39.33
CA ALA C 391 8.14 11.46 -39.91
C ALA C 391 8.31 11.15 -41.39
N ALA C 392 7.94 9.93 -41.78
CA ALA C 392 8.09 9.50 -43.18
C ALA C 392 7.24 10.31 -44.15
N THR C 393 6.24 11.02 -43.63
CA THR C 393 5.39 11.87 -44.44
C THR C 393 6.17 13.07 -45.00
N ASP C 394 7.21 13.49 -44.28
CA ASP C 394 8.10 14.54 -44.76
C ASP C 394 9.45 13.99 -45.23
N GLY C 395 10.06 13.16 -44.39
CA GLY C 395 11.46 12.83 -44.53
C GLY C 395 12.27 13.87 -43.76
N PRO C 396 13.61 13.76 -43.80
CA PRO C 396 14.48 14.69 -43.08
C PRO C 396 14.12 16.16 -43.33
N MET C 397 14.15 16.96 -42.27
CA MET C 397 14.05 18.41 -42.38
C MET C 397 15.46 18.99 -42.56
N PRO C 398 15.55 20.29 -42.84
CA PRO C 398 16.89 20.88 -42.96
C PRO C 398 17.65 20.77 -41.64
N GLN C 399 16.95 21.00 -40.54
CA GLN C 399 17.58 20.96 -39.22
C GLN C 399 17.90 19.52 -38.77
N THR C 400 17.49 18.54 -39.57
CA THR C 400 17.76 17.16 -39.20
C THR C 400 19.27 16.92 -39.06
N ARG C 401 20.07 17.61 -39.87
CA ARG C 401 21.51 17.49 -39.72
C ARG C 401 21.98 18.05 -38.38
N GLU C 402 21.36 19.14 -37.92
CA GLU C 402 21.68 19.68 -36.61
C GLU C 402 21.36 18.64 -35.53
N HIS C 403 20.21 17.97 -35.64
CA HIS C 403 19.87 16.92 -34.71
C HIS C 403 20.97 15.85 -34.69
N ILE C 404 21.40 15.42 -35.87
CA ILE C 404 22.46 14.41 -35.97
C ILE C 404 23.81 14.96 -35.50
N LEU C 405 24.09 16.22 -35.84
CA LEU C 405 25.35 16.83 -35.44
C LEU C 405 25.49 16.85 -33.92
N LEU C 406 24.38 17.08 -33.21
CA LEU C 406 24.41 17.06 -31.76
C LEU C 406 24.95 15.73 -31.27
N GLY C 407 24.43 14.64 -31.84
CA GLY C 407 24.88 13.31 -31.51
C GLY C 407 26.38 13.17 -31.67
N ARG C 408 26.90 13.64 -32.79
CA ARG C 408 28.33 13.62 -33.02
C ARG C 408 29.06 14.41 -31.94
N GLN C 409 28.57 15.63 -31.66
CA GLN C 409 29.25 16.54 -30.74
C GLN C 409 29.38 16.01 -29.30
N VAL C 410 28.33 15.39 -28.78
CA VAL C 410 28.39 14.79 -27.45
C VAL C 410 28.89 13.35 -27.51
N GLY C 411 29.33 12.91 -28.69
CA GLY C 411 29.80 11.55 -28.86
C GLY C 411 28.83 10.45 -28.44
N VAL C 412 27.59 10.53 -28.90
CA VAL C 412 26.64 9.43 -28.73
C VAL C 412 27.13 8.28 -29.60
N PRO C 413 27.37 7.11 -28.99
CA PRO C 413 27.92 5.96 -29.70
C PRO C 413 26.96 5.39 -30.76
N TYR C 414 25.67 5.39 -30.47
CA TYR C 414 24.71 4.75 -31.38
C TYR C 414 23.42 5.54 -31.63
N ILE C 415 23.01 5.56 -32.90
CA ILE C 415 21.72 6.15 -33.26
C ILE C 415 20.84 5.13 -33.94
N ILE C 416 19.59 5.05 -33.48
CA ILE C 416 18.58 4.23 -34.10
C ILE C 416 17.51 5.15 -34.66
N VAL C 417 16.99 4.82 -35.83
CA VAL C 417 15.96 5.65 -36.44
C VAL C 417 14.56 5.05 -36.32
N PHE C 418 13.62 5.87 -35.83
CA PHE C 418 12.20 5.53 -35.93
C PHE C 418 11.53 6.40 -36.99
N LEU C 419 11.15 5.78 -38.11
CA LEU C 419 10.35 6.46 -39.12
C LEU C 419 8.90 6.42 -38.70
N ASN C 420 8.39 7.57 -38.29
CA ASN C 420 7.02 7.69 -37.79
C ASN C 420 5.98 7.98 -38.88
N LYS C 421 4.71 7.88 -38.52
CA LYS C 421 3.62 8.22 -39.44
C LYS C 421 3.66 7.42 -40.75
N CYS C 422 4.12 6.17 -40.67
CA CYS C 422 4.23 5.32 -41.86
C CYS C 422 2.87 4.88 -42.41
N ASP C 423 1.83 4.95 -41.58
CA ASP C 423 0.49 4.60 -42.00
C ASP C 423 -0.11 5.65 -42.93
N MET C 424 0.43 6.87 -42.85
CA MET C 424 -0.02 7.97 -43.71
C MET C 424 0.76 8.04 -45.02
N VAL C 425 1.53 7.00 -45.31
CA VAL C 425 2.29 6.92 -46.55
C VAL C 425 1.81 5.73 -47.38
N ASP C 426 1.41 6.01 -48.62
CA ASP C 426 0.90 4.96 -49.51
C ASP C 426 2.02 4.14 -50.17
N ASP C 427 2.80 4.79 -51.04
CA ASP C 427 3.86 4.14 -51.80
C ASP C 427 5.03 3.72 -50.89
N GLU C 428 5.30 2.42 -50.87
CA GLU C 428 6.37 1.88 -50.04
C GLU C 428 7.73 2.38 -50.53
N GLU C 429 7.82 2.62 -51.84
CA GLU C 429 9.07 3.07 -52.45
C GLU C 429 9.44 4.49 -52.02
N LEU C 430 8.44 5.26 -51.59
CA LEU C 430 8.67 6.57 -50.99
C LEU C 430 9.28 6.41 -49.59
N LEU C 431 8.84 5.38 -48.86
CA LEU C 431 9.43 5.06 -47.58
C LEU C 431 10.91 4.74 -47.78
N GLU C 432 11.23 4.04 -48.86
CA GLU C 432 12.60 3.71 -49.19
C GLU C 432 13.39 4.97 -49.51
N LEU C 433 12.70 5.93 -50.13
CA LEU C 433 13.31 7.22 -50.47
C LEU C 433 13.74 7.97 -49.21
N VAL C 434 12.84 8.02 -48.22
CA VAL C 434 13.14 8.63 -46.92
C VAL C 434 14.27 7.88 -46.20
N GLU C 435 14.16 6.55 -46.16
CA GLU C 435 15.17 5.71 -45.54
C GLU C 435 16.56 6.10 -46.01
N MET C 436 16.71 6.19 -47.32
CA MET C 436 18.01 6.45 -47.94
C MET C 436 18.54 7.85 -47.64
N GLU C 437 17.64 8.84 -47.66
CA GLU C 437 18.02 10.19 -47.26
C GLU C 437 18.60 10.20 -45.85
N VAL C 438 17.94 9.50 -44.94
CA VAL C 438 18.39 9.45 -43.55
C VAL C 438 19.75 8.76 -43.44
N ARG C 439 19.92 7.63 -44.11
CA ARG C 439 21.17 6.88 -44.05
C ARG C 439 22.35 7.74 -44.50
N GLU C 440 22.15 8.47 -45.60
CA GLU C 440 23.22 9.31 -46.13
C GLU C 440 23.57 10.47 -45.20
N LEU C 441 22.56 11.12 -44.64
CA LEU C 441 22.77 12.13 -43.60
C LEU C 441 23.60 11.59 -42.44
N LEU C 442 23.28 10.37 -41.99
CA LEU C 442 24.02 9.77 -40.88
C LEU C 442 25.48 9.54 -41.26
N SER C 443 25.70 9.03 -42.47
CA SER C 443 27.05 8.76 -42.93
C SER C 443 27.85 10.05 -43.11
N GLN C 444 27.16 11.13 -43.49
CA GLN C 444 27.82 12.41 -43.66
C GLN C 444 28.46 12.85 -42.35
N TYR C 445 27.86 12.44 -41.23
CA TYR C 445 28.41 12.80 -39.92
C TYR C 445 29.07 11.62 -39.22
N ASP C 446 29.46 10.63 -40.02
CA ASP C 446 30.29 9.51 -39.55
C ASP C 446 29.56 8.48 -38.69
N PHE C 447 28.24 8.42 -38.80
CA PHE C 447 27.49 7.33 -38.22
C PHE C 447 27.33 6.27 -39.30
N PRO C 448 27.26 4.99 -38.88
CA PRO C 448 27.13 3.86 -39.80
C PRO C 448 25.77 3.86 -40.50
N GLY C 449 25.52 4.85 -41.33
CA GLY C 449 24.24 4.99 -42.02
C GLY C 449 23.71 3.72 -42.66
N ASP C 450 24.60 2.97 -43.33
CA ASP C 450 24.23 1.74 -44.03
C ASP C 450 23.83 0.61 -43.08
N ASP C 451 24.32 0.65 -41.84
CA ASP C 451 24.08 -0.42 -40.89
C ASP C 451 23.16 0.04 -39.75
N THR C 452 22.62 1.24 -39.88
CA THR C 452 21.72 1.79 -38.86
C THR C 452 20.37 1.07 -38.89
N PRO C 453 19.92 0.54 -37.75
CA PRO C 453 18.56 -0.03 -37.73
C PRO C 453 17.52 1.08 -37.92
N ILE C 454 16.62 0.85 -38.87
CA ILE C 454 15.57 1.82 -39.14
C ILE C 454 14.21 1.15 -39.12
N VAL C 455 13.43 1.48 -38.10
CA VAL C 455 12.09 0.91 -37.93
C VAL C 455 11.06 1.77 -38.66
N ARG C 456 10.17 1.12 -39.42
CA ARG C 456 9.05 1.82 -40.06
C ARG C 456 7.77 1.63 -39.27
N GLY C 457 7.39 2.63 -38.48
CA GLY C 457 6.25 2.48 -37.61
C GLY C 457 5.24 3.62 -37.63
N SER C 458 4.38 3.59 -36.62
CA SER C 458 3.33 4.58 -36.45
C SER C 458 3.04 4.65 -34.96
N ALA C 459 3.42 5.77 -34.36
CA ALA C 459 3.19 5.96 -32.94
C ALA C 459 1.68 6.01 -32.66
N LEU C 460 0.95 6.74 -33.50
CA LEU C 460 -0.51 6.85 -33.38
C LEU C 460 -1.20 5.50 -33.45
N LYS C 461 -0.93 4.77 -34.53
CA LYS C 461 -1.61 3.49 -34.76
C LYS C 461 -1.31 2.46 -33.65
N ALA C 462 -0.10 2.52 -33.10
CA ALA C 462 0.29 1.62 -32.03
C ALA C 462 -0.40 2.02 -30.73
N LEU C 463 -0.53 3.33 -30.54
CA LEU C 463 -1.16 3.87 -29.35
C LEU C 463 -2.68 3.67 -29.38
N GLU C 464 -3.23 3.47 -30.57
CA GLU C 464 -4.65 3.14 -30.72
C GLU C 464 -4.89 1.67 -30.36
N GLY C 465 -3.93 0.82 -30.73
CA GLY C 465 -4.01 -0.59 -30.37
C GLY C 465 -3.92 -1.54 -31.54
N ASP C 466 -3.71 -1.00 -32.74
CA ASP C 466 -3.55 -1.85 -33.92
C ASP C 466 -2.28 -2.69 -33.73
N ALA C 467 -2.45 -4.00 -33.73
CA ALA C 467 -1.36 -4.92 -33.41
C ALA C 467 -0.23 -4.87 -34.43
N GLU C 468 -0.57 -4.67 -35.70
CA GLU C 468 0.41 -4.66 -36.76
C GLU C 468 1.44 -3.57 -36.48
N TRP C 469 0.98 -2.49 -35.86
CA TRP C 469 1.84 -1.34 -35.57
C TRP C 469 2.50 -1.45 -34.21
N GLU C 470 1.81 -2.05 -33.25
CA GLU C 470 2.43 -2.34 -31.96
C GLU C 470 3.67 -3.20 -32.19
N ALA C 471 3.59 -4.09 -33.19
CA ALA C 471 4.72 -4.94 -33.56
C ALA C 471 5.98 -4.13 -33.88
N LYS C 472 5.78 -2.95 -34.48
CA LYS C 472 6.89 -2.07 -34.81
C LYS C 472 7.53 -1.48 -33.56
N ILE C 473 6.69 -1.14 -32.58
CA ILE C 473 7.19 -0.66 -31.30
C ILE C 473 8.09 -1.72 -30.67
N LEU C 474 7.59 -2.96 -30.61
CA LEU C 474 8.37 -4.06 -30.06
C LEU C 474 9.66 -4.28 -30.85
N GLU C 475 9.57 -4.12 -32.17
CA GLU C 475 10.75 -4.21 -33.02
C GLU C 475 11.78 -3.12 -32.65
N LEU C 476 11.31 -1.91 -32.39
CA LEU C 476 12.20 -0.83 -31.99
C LEU C 476 12.89 -1.16 -30.66
N ALA C 477 12.14 -1.74 -29.74
CA ALA C 477 12.68 -2.10 -28.43
C ALA C 477 13.65 -3.26 -28.56
N GLY C 478 13.42 -4.11 -29.55
CA GLY C 478 14.37 -5.16 -29.88
C GLY C 478 15.71 -4.58 -30.29
N PHE C 479 15.68 -3.49 -31.07
CA PHE C 479 16.91 -2.84 -31.49
C PHE C 479 17.64 -2.16 -30.33
N LEU C 480 16.89 -1.54 -29.42
CA LEU C 480 17.54 -0.93 -28.25
C LEU C 480 18.31 -2.03 -27.51
N ASP C 481 17.64 -3.17 -27.37
CA ASP C 481 18.20 -4.34 -26.72
C ASP C 481 19.44 -4.86 -27.45
N SER C 482 19.38 -4.91 -28.78
CA SER C 482 20.43 -5.59 -29.53
C SER C 482 21.52 -4.67 -30.11
N TYR C 483 21.15 -3.44 -30.44
CA TYR C 483 22.09 -2.56 -31.16
C TYR C 483 22.90 -1.70 -30.20
N ILE C 484 22.31 -1.31 -29.07
CA ILE C 484 23.03 -0.56 -28.06
C ILE C 484 23.68 -1.50 -27.05
N PRO C 485 25.01 -1.53 -27.00
CA PRO C 485 25.69 -2.44 -26.09
C PRO C 485 25.46 -2.02 -24.65
N GLU C 486 25.36 -3.00 -23.75
CA GLU C 486 25.26 -2.71 -22.32
C GLU C 486 26.51 -1.96 -21.87
N PRO C 487 26.32 -0.78 -21.26
CA PRO C 487 27.47 0.02 -20.79
C PRO C 487 28.35 -0.78 -19.83
N GLU C 488 29.65 -0.47 -19.81
CA GLU C 488 30.60 -1.24 -19.03
C GLU C 488 30.39 -1.07 -17.52
N ARG C 489 30.30 -2.18 -16.80
CA ARG C 489 30.15 -2.16 -15.34
C ARG C 489 31.47 -1.87 -14.62
N ALA C 490 31.41 -1.02 -13.61
CA ALA C 490 32.58 -0.63 -12.84
C ALA C 490 33.43 -1.82 -12.41
N ILE C 491 32.77 -2.88 -11.95
CA ILE C 491 33.49 -4.03 -11.43
C ILE C 491 34.35 -4.67 -12.53
N ASP C 492 34.00 -4.42 -13.77
CA ASP C 492 34.66 -5.03 -14.91
C ASP C 492 35.80 -4.14 -15.45
N LYS C 493 35.96 -2.96 -14.88
CA LYS C 493 37.06 -2.07 -15.29
C LYS C 493 38.31 -2.36 -14.48
N PRO C 494 39.45 -1.84 -14.92
CA PRO C 494 40.68 -2.09 -14.14
C PRO C 494 40.65 -1.33 -12.81
N PHE C 495 41.24 -1.91 -11.78
CA PHE C 495 41.17 -1.38 -10.43
C PHE C 495 41.56 0.11 -10.29
N LEU C 496 40.77 0.83 -9.50
CA LEU C 496 41.07 2.22 -9.21
C LEU C 496 40.41 2.64 -7.90
N LEU C 497 41.22 3.23 -7.02
CA LEU C 497 40.74 3.73 -5.74
C LEU C 497 41.25 5.15 -5.54
N PRO C 498 40.34 6.12 -5.47
CA PRO C 498 40.80 7.48 -5.18
C PRO C 498 41.28 7.56 -3.72
N ILE C 499 42.51 8.01 -3.50
CA ILE C 499 43.04 8.08 -2.15
C ILE C 499 42.50 9.29 -1.38
N GLU C 500 41.80 9.04 -0.28
CA GLU C 500 41.30 10.12 0.58
C GLU C 500 42.23 10.48 1.74
N ASP C 501 42.91 9.49 2.32
CA ASP C 501 43.88 9.77 3.37
C ASP C 501 44.91 8.65 3.43
N VAL C 502 46.01 8.89 4.12
CA VAL C 502 47.13 7.96 4.23
C VAL C 502 47.54 7.88 5.69
N PHE C 503 47.87 6.68 6.17
CA PHE C 503 48.20 6.50 7.59
C PHE C 503 49.43 5.62 7.76
N SER C 504 50.20 5.87 8.83
CA SER C 504 51.30 4.98 9.22
C SER C 504 50.91 4.20 10.47
N ILE C 505 50.67 2.91 10.32
CA ILE C 505 50.30 2.09 11.46
C ILE C 505 51.55 1.41 12.02
N SER C 506 51.95 1.85 13.22
CA SER C 506 53.13 1.31 13.86
C SER C 506 53.01 -0.19 13.96
N GLY C 507 54.00 -0.90 13.41
CA GLY C 507 54.01 -2.35 13.49
C GLY C 507 53.34 -3.03 12.31
N ARG C 508 52.80 -2.23 11.38
CA ARG C 508 52.04 -2.78 10.25
C ARG C 508 52.44 -2.16 8.92
N GLY C 509 52.50 -0.84 8.89
CA GLY C 509 52.94 -0.13 7.70
C GLY C 509 51.93 0.89 7.20
N THR C 510 52.06 1.25 5.94
CA THR C 510 51.25 2.30 5.35
C THR C 510 49.88 1.80 4.88
N VAL C 511 48.83 2.57 5.20
CA VAL C 511 47.46 2.28 4.75
C VAL C 511 46.83 3.49 4.09
N VAL C 512 46.25 3.31 2.91
CA VAL C 512 45.46 4.37 2.30
C VAL C 512 43.99 4.01 2.41
N THR C 513 43.14 5.02 2.57
CA THR C 513 41.69 4.78 2.63
C THR C 513 40.97 5.42 1.46
N GLY C 514 39.84 4.81 1.07
CA GLY C 514 39.00 5.34 0.02
C GLY C 514 37.85 4.40 -0.33
N ARG C 515 37.12 4.73 -1.38
CA ARG C 515 36.06 3.86 -1.90
C ARG C 515 36.56 3.30 -3.23
N VAL C 516 36.52 1.98 -3.39
CA VAL C 516 36.99 1.42 -4.66
C VAL C 516 36.07 1.94 -5.74
N GLU C 517 36.64 2.68 -6.69
CA GLU C 517 35.83 3.28 -7.73
C GLU C 517 35.47 2.25 -8.80
N ARG C 518 36.43 1.38 -9.11
CA ARG C 518 36.14 0.31 -10.05
C ARG C 518 37.14 -0.83 -9.92
N GLY C 519 36.78 -1.99 -10.47
CA GLY C 519 37.65 -3.15 -10.45
C GLY C 519 37.74 -3.83 -9.09
N ILE C 520 38.76 -4.67 -8.95
CA ILE C 520 38.99 -5.44 -7.74
C ILE C 520 40.45 -5.43 -7.34
N ILE C 521 40.73 -5.14 -6.09
CA ILE C 521 42.09 -5.23 -5.60
C ILE C 521 42.23 -6.44 -4.67
N LYS C 522 43.24 -7.28 -4.94
CA LYS C 522 43.47 -8.51 -4.19
C LYS C 522 44.83 -8.46 -3.51
N VAL C 523 44.89 -8.95 -2.28
CA VAL C 523 46.16 -9.10 -1.56
C VAL C 523 47.20 -9.80 -2.45
N GLY C 524 48.39 -9.23 -2.52
CA GLY C 524 49.45 -9.81 -3.33
C GLY C 524 49.63 -9.11 -4.69
N GLU C 525 48.61 -8.40 -5.13
CA GLU C 525 48.68 -7.73 -6.42
C GLU C 525 49.52 -6.45 -6.37
N GLU C 526 50.18 -6.16 -7.48
CA GLU C 526 50.87 -4.87 -7.60
C GLU C 526 49.92 -3.72 -7.94
N VAL C 527 50.27 -2.54 -7.44
CA VAL C 527 49.50 -1.33 -7.71
C VAL C 527 50.44 -0.17 -8.03
N GLU C 528 49.92 0.83 -8.72
CA GLU C 528 50.62 2.08 -8.93
C GLU C 528 49.93 3.19 -8.17
N ILE C 529 50.73 4.14 -7.68
CA ILE C 529 50.24 5.35 -7.04
C ILE C 529 50.38 6.45 -8.09
N VAL C 530 49.27 6.89 -8.68
CA VAL C 530 49.36 7.80 -9.81
C VAL C 530 48.82 9.19 -9.52
N GLY C 531 49.57 10.21 -9.92
CA GLY C 531 49.12 11.59 -9.84
C GLY C 531 49.98 12.42 -8.91
N ILE C 532 49.97 13.73 -9.15
CA ILE C 532 50.68 14.72 -8.33
C ILE C 532 52.21 14.55 -8.26
N LYS C 533 52.66 13.39 -7.84
CA LYS C 533 54.09 13.09 -7.83
C LYS C 533 54.42 12.14 -8.96
N GLU C 534 55.71 11.85 -9.11
CA GLU C 534 56.15 10.80 -10.00
C GLU C 534 55.45 9.51 -9.58
N THR C 535 55.01 8.73 -10.55
CA THR C 535 54.36 7.46 -10.29
C THR C 535 55.24 6.48 -9.52
N GLN C 536 54.69 5.89 -8.46
CA GLN C 536 55.41 4.88 -7.69
C GLN C 536 54.65 3.54 -7.74
N LYS C 537 55.36 2.47 -7.44
CA LYS C 537 54.76 1.14 -7.47
C LYS C 537 54.77 0.55 -6.07
N SER C 538 53.83 -0.34 -5.80
CA SER C 538 53.78 -1.00 -4.50
C SER C 538 53.00 -2.30 -4.59
N THR C 539 52.83 -2.96 -3.45
CA THR C 539 52.10 -4.22 -3.42
C THR C 539 51.05 -4.17 -2.32
N CYS C 540 49.82 -4.56 -2.66
CA CYS C 540 48.77 -4.66 -1.67
C CYS C 540 49.07 -5.82 -0.73
N THR C 541 49.28 -5.50 0.54
CA THR C 541 49.56 -6.51 1.55
C THR C 541 48.32 -6.81 2.39
N GLY C 542 47.22 -6.16 2.08
CA GLY C 542 46.00 -6.36 2.84
C GLY C 542 44.86 -5.46 2.40
N VAL C 543 43.64 -5.90 2.65
CA VAL C 543 42.47 -5.06 2.47
C VAL C 543 41.60 -5.18 3.71
N GLU C 544 41.02 -4.07 4.14
CA GLU C 544 40.47 -4.00 5.50
C GLU C 544 39.20 -3.16 5.58
N MET C 545 38.25 -3.63 6.39
CA MET C 545 37.11 -2.79 6.79
C MET C 545 37.08 -2.75 8.30
N PHE C 546 36.23 -1.91 8.86
CA PHE C 546 36.27 -1.73 10.29
C PHE C 546 36.05 -3.03 11.05
N ARG C 547 35.27 -3.92 10.47
CA ARG C 547 34.85 -5.11 11.18
C ARG C 547 35.60 -6.37 10.79
N LYS C 548 36.23 -6.37 9.63
CA LYS C 548 36.83 -7.59 9.11
C LYS C 548 38.02 -7.32 8.21
N LEU C 549 39.01 -8.20 8.29
CA LEU C 549 40.09 -8.22 7.32
C LEU C 549 39.63 -9.00 6.09
N LEU C 550 40.03 -8.54 4.91
CA LEU C 550 39.54 -9.11 3.65
C LEU C 550 40.72 -9.55 2.78
N ASP C 551 40.41 -10.38 1.79
CA ASP C 551 41.39 -10.81 0.79
C ASP C 551 41.36 -9.87 -0.41
N GLU C 552 40.22 -9.22 -0.61
CA GLU C 552 40.03 -8.34 -1.76
C GLU C 552 39.09 -7.17 -1.48
N GLY C 553 39.24 -6.10 -2.27
CA GLY C 553 38.31 -4.98 -2.25
C GLY C 553 37.69 -4.83 -3.63
N ARG C 554 36.39 -4.59 -3.66
CA ARG C 554 35.65 -4.54 -4.93
C ARG C 554 34.94 -3.20 -5.10
N ALA C 555 34.75 -2.80 -6.36
CA ALA C 555 34.09 -1.53 -6.67
C ALA C 555 32.86 -1.26 -5.80
N GLY C 556 32.75 -0.04 -5.29
CA GLY C 556 31.66 0.35 -4.43
C GLY C 556 32.01 0.26 -2.95
N GLU C 557 33.00 -0.57 -2.61
CA GLU C 557 33.32 -0.83 -1.20
C GLU C 557 34.27 0.18 -0.58
N ASN C 558 33.94 0.64 0.62
CA ASN C 558 34.83 1.50 1.40
C ASN C 558 35.83 0.67 2.21
N VAL C 559 37.12 0.92 1.99
CA VAL C 559 38.14 0.08 2.58
C VAL C 559 39.42 0.81 2.91
N GLY C 560 40.23 0.13 3.73
CA GLY C 560 41.63 0.46 3.85
C GLY C 560 42.43 -0.52 2.99
N VAL C 561 43.37 0.00 2.22
CA VAL C 561 44.29 -0.86 1.48
C VAL C 561 45.70 -0.71 2.03
N LEU C 562 46.24 -1.80 2.57
CA LEU C 562 47.61 -1.82 3.11
C LEU C 562 48.62 -2.01 1.99
N LEU C 563 49.71 -1.24 2.05
CA LEU C 563 50.74 -1.26 1.03
C LEU C 563 52.12 -1.63 1.57
N ARG C 564 52.88 -2.37 0.78
CA ARG C 564 54.22 -2.79 1.19
C ARG C 564 55.27 -1.73 0.88
N GLY C 565 56.17 -1.51 1.83
CA GLY C 565 57.36 -0.69 1.61
C GLY C 565 57.19 0.81 1.66
N ILE C 566 56.33 1.35 0.78
CA ILE C 566 56.11 2.78 0.65
C ILE C 566 55.78 3.50 1.96
N LYS C 567 56.32 4.71 2.14
CA LYS C 567 56.15 5.48 3.37
C LYS C 567 54.98 6.45 3.23
N ARG C 568 54.39 6.81 4.36
CA ARG C 568 53.23 7.72 4.39
C ARG C 568 53.47 9.06 3.71
N GLU C 569 54.64 9.65 3.95
CA GLU C 569 54.98 10.95 3.35
C GLU C 569 55.24 10.88 1.84
N GLU C 570 55.19 9.68 1.29
CA GLU C 570 55.39 9.49 -0.16
C GLU C 570 54.06 9.47 -0.89
N ILE C 571 52.97 9.50 -0.12
CA ILE C 571 51.62 9.45 -0.67
C ILE C 571 50.76 10.62 -0.17
N GLU C 572 49.81 11.06 -0.99
CA GLU C 572 48.88 12.09 -0.53
C GLU C 572 47.50 12.03 -1.18
N ARG C 573 46.53 12.65 -0.51
CA ARG C 573 45.16 12.75 -1.02
C ARG C 573 45.19 13.38 -2.41
N GLY C 574 44.39 12.83 -3.31
CA GLY C 574 44.34 13.33 -4.67
C GLY C 574 44.99 12.38 -5.64
N GLN C 575 45.92 11.55 -5.14
CA GLN C 575 46.49 10.48 -5.96
C GLN C 575 45.51 9.33 -6.03
N VAL C 576 45.71 8.42 -6.98
CA VAL C 576 44.92 7.19 -7.02
C VAL C 576 45.78 5.94 -6.90
N LEU C 577 45.16 4.86 -6.43
CA LEU C 577 45.70 3.51 -6.54
C LEU C 577 45.12 2.92 -7.81
N ALA C 578 45.96 2.31 -8.65
CA ALA C 578 45.45 1.76 -9.90
C ALA C 578 46.18 0.49 -10.29
N LYS C 579 45.53 -0.34 -11.10
CA LYS C 579 46.24 -1.45 -11.71
C LYS C 579 47.32 -0.84 -12.59
N PRO C 580 48.55 -1.34 -12.47
CA PRO C 580 49.68 -0.74 -13.20
C PRO C 580 49.44 -0.61 -14.71
N GLY C 581 49.71 0.58 -15.25
CA GLY C 581 49.58 0.84 -16.67
C GLY C 581 48.19 1.25 -17.12
N THR C 582 47.18 1.08 -16.27
CA THR C 582 45.80 1.30 -16.68
C THR C 582 45.35 2.75 -16.65
N ILE C 583 46.07 3.60 -15.91
CA ILE C 583 45.75 5.02 -15.93
C ILE C 583 47.00 5.89 -15.88
N LYS C 584 46.95 7.03 -16.57
CA LYS C 584 48.12 7.90 -16.70
C LYS C 584 47.83 9.28 -16.15
N PRO C 585 48.87 9.96 -15.69
CA PRO C 585 48.74 11.32 -15.15
C PRO C 585 48.90 12.36 -16.26
N HIS C 586 48.11 13.42 -16.21
CA HIS C 586 48.17 14.43 -17.25
C HIS C 586 48.01 15.80 -16.61
N THR C 587 48.53 16.82 -17.28
CA THR C 587 48.53 18.20 -16.80
C THR C 587 47.64 19.07 -17.66
N LYS C 588 47.46 18.67 -18.91
CA LYS C 588 46.81 19.52 -19.88
C LYS C 588 45.77 18.72 -20.63
N PHE C 589 44.56 19.27 -20.74
CA PHE C 589 43.46 18.57 -21.40
C PHE C 589 42.45 19.55 -21.98
N GLU C 590 41.71 19.09 -22.98
CA GLU C 590 40.58 19.82 -23.54
C GLU C 590 39.36 19.40 -22.77
N SER C 591 38.47 20.35 -22.49
CA SER C 591 37.27 20.03 -21.72
C SER C 591 36.02 20.69 -22.28
N GLU C 592 34.87 20.12 -21.95
CA GLU C 592 33.58 20.77 -22.18
C GLU C 592 33.10 21.21 -20.81
N VAL C 593 32.88 22.51 -20.65
CA VAL C 593 32.56 23.06 -19.32
C VAL C 593 31.24 23.79 -19.26
N TYR C 594 30.49 23.54 -18.19
CA TYR C 594 29.31 24.35 -17.91
C TYR C 594 29.58 25.22 -16.68
N ILE C 595 29.29 26.52 -16.83
CA ILE C 595 29.48 27.48 -15.76
C ILE C 595 28.13 27.80 -15.10
N LEU C 596 28.01 27.57 -13.80
CA LEU C 596 26.74 27.77 -13.12
C LEU C 596 26.25 29.21 -13.26
N SER C 597 24.93 29.36 -13.32
CA SER C 597 24.29 30.67 -13.27
C SER C 597 24.26 31.15 -11.83
N LYS C 598 23.95 32.43 -11.66
CA LYS C 598 23.83 33.00 -10.33
C LYS C 598 22.82 32.23 -9.49
N ASP C 599 21.64 31.99 -10.06
CA ASP C 599 20.55 31.30 -9.36
C ASP C 599 20.92 29.86 -9.00
N GLU C 600 21.79 29.25 -9.80
CA GLU C 600 22.28 27.93 -9.49
C GLU C 600 23.35 28.00 -8.41
N GLY C 601 23.53 29.18 -7.84
CA GLY C 601 24.47 29.35 -6.74
C GLY C 601 25.92 29.54 -7.19
N GLY C 602 26.12 29.95 -8.43
CA GLY C 602 27.46 30.18 -8.94
C GLY C 602 27.82 31.65 -8.96
N ARG C 603 28.78 32.01 -9.81
CA ARG C 603 29.16 33.42 -10.00
C ARG C 603 28.00 34.32 -10.41
N HIS C 604 28.16 35.62 -10.20
CA HIS C 604 27.22 36.59 -10.76
C HIS C 604 27.86 37.52 -11.82
N THR C 605 29.19 37.62 -11.82
CA THR C 605 29.94 38.36 -12.85
C THR C 605 30.71 37.43 -13.78
N PRO C 606 30.99 37.90 -15.00
CA PRO C 606 31.74 37.11 -15.99
C PRO C 606 33.21 36.98 -15.65
N PHE C 607 33.91 36.10 -16.34
CA PHE C 607 35.35 36.08 -16.25
C PHE C 607 35.92 36.13 -17.65
N PHE C 608 37.25 36.27 -17.74
CA PHE C 608 37.91 36.49 -19.02
C PHE C 608 39.16 35.63 -19.15
N LYS C 609 40.06 36.01 -20.05
CA LYS C 609 41.15 35.14 -20.48
C LYS C 609 41.95 34.49 -19.35
N GLY C 610 42.37 35.26 -18.36
CA GLY C 610 43.24 34.66 -17.35
C GLY C 610 42.60 34.02 -16.11
N TYR C 611 41.40 33.47 -16.28
CA TYR C 611 40.65 32.94 -15.14
C TYR C 611 41.42 31.81 -14.48
N ARG C 612 41.56 31.84 -13.16
CA ARG C 612 42.30 30.77 -12.50
C ARG C 612 41.66 30.23 -11.24
N PRO C 613 40.72 29.30 -11.41
CA PRO C 613 39.98 28.70 -10.30
C PRO C 613 40.65 27.41 -9.84
N GLN C 614 39.98 26.67 -8.96
CA GLN C 614 40.39 25.34 -8.56
C GLN C 614 39.63 24.30 -9.38
N PHE C 615 40.32 23.25 -9.82
CA PHE C 615 39.65 22.13 -10.50
C PHE C 615 39.62 20.91 -9.61
N TYR C 616 38.42 20.44 -9.25
CA TYR C 616 38.28 19.33 -8.31
C TYR C 616 38.20 17.97 -9.01
N PHE C 617 39.23 17.15 -8.81
CA PHE C 617 39.27 15.81 -9.37
C PHE C 617 39.20 14.74 -8.29
N ARG C 618 38.02 14.12 -8.16
CA ARG C 618 37.80 13.00 -7.23
C ARG C 618 37.84 13.34 -5.74
N THR C 619 38.98 13.82 -5.26
CA THR C 619 39.18 14.03 -3.82
C THR C 619 39.88 15.34 -3.46
N THR C 620 40.30 16.11 -4.46
CA THR C 620 41.12 17.28 -4.17
C THR C 620 41.03 18.41 -5.21
N ASP C 621 41.18 19.65 -4.75
CA ASP C 621 41.31 20.82 -5.62
C ASP C 621 42.71 20.92 -6.22
N VAL C 622 42.76 21.20 -7.52
CA VAL C 622 44.04 21.48 -8.17
C VAL C 622 43.93 22.76 -8.95
N THR C 623 44.92 23.64 -8.78
CA THR C 623 44.91 24.93 -9.45
C THR C 623 45.26 24.77 -10.91
N GLY C 624 44.54 25.50 -11.77
CA GLY C 624 44.86 25.50 -13.19
C GLY C 624 44.62 26.83 -13.90
N THR C 625 45.16 26.92 -15.11
CA THR C 625 44.89 28.06 -15.99
C THR C 625 44.13 27.54 -17.22
N ILE C 626 43.33 28.39 -17.83
CA ILE C 626 42.52 28.02 -18.97
C ILE C 626 42.94 28.79 -20.22
N GLU C 627 42.74 28.18 -21.39
CA GLU C 627 42.81 28.91 -22.65
C GLU C 627 41.42 28.87 -23.26
N LEU C 628 40.90 30.03 -23.61
CA LEU C 628 39.56 30.10 -24.20
C LEU C 628 39.67 29.83 -25.70
N PRO C 629 38.57 29.33 -26.30
CA PRO C 629 38.53 29.08 -27.75
C PRO C 629 38.75 30.36 -28.56
N GLU C 630 39.25 30.21 -29.77
CA GLU C 630 39.45 31.34 -30.65
C GLU C 630 38.18 32.18 -30.79
N GLY C 631 38.29 33.47 -30.49
CA GLY C 631 37.16 34.36 -30.67
C GLY C 631 36.29 34.56 -29.44
N VAL C 632 36.46 33.69 -28.44
CA VAL C 632 35.76 33.90 -27.18
C VAL C 632 36.59 34.76 -26.23
N GLU C 633 35.96 35.80 -25.68
CA GLU C 633 36.69 36.73 -24.82
C GLU C 633 36.05 36.88 -23.45
N MET C 634 34.76 36.57 -23.35
CA MET C 634 34.05 36.66 -22.09
C MET C 634 33.24 35.40 -21.85
N VAL C 635 33.22 34.94 -20.60
CA VAL C 635 32.34 33.85 -20.19
C VAL C 635 31.34 34.35 -19.14
N MET C 636 30.06 34.15 -19.39
CA MET C 636 29.03 34.55 -18.42
C MET C 636 28.55 33.36 -17.61
N PRO C 637 27.98 33.63 -16.42
CA PRO C 637 27.34 32.54 -15.68
C PRO C 637 26.25 31.92 -16.54
N GLY C 638 26.16 30.58 -16.55
CA GLY C 638 25.15 29.89 -17.32
C GLY C 638 25.61 29.48 -18.71
N ASP C 639 26.87 29.75 -19.04
CA ASP C 639 27.43 29.43 -20.36
C ASP C 639 27.94 27.99 -20.48
N ASN C 640 27.78 27.42 -21.67
CA ASN C 640 28.49 26.23 -22.08
C ASN C 640 29.74 26.72 -22.79
N ILE C 641 30.89 26.14 -22.47
CA ILE C 641 32.11 26.54 -23.16
C ILE C 641 33.20 25.48 -23.11
N LYS C 642 33.99 25.41 -24.18
CA LYS C 642 35.13 24.50 -24.23
C LYS C 642 36.35 25.23 -23.72
N MET C 643 37.10 24.58 -22.83
CA MET C 643 38.35 25.17 -22.42
C MET C 643 39.48 24.16 -22.41
N VAL C 644 40.67 24.64 -22.76
CA VAL C 644 41.90 23.88 -22.62
C VAL C 644 42.51 24.26 -21.29
N VAL C 645 42.59 23.28 -20.39
CA VAL C 645 43.05 23.51 -19.03
C VAL C 645 44.48 23.02 -18.84
N THR C 646 45.26 23.78 -18.07
CA THR C 646 46.60 23.37 -17.70
C THR C 646 46.76 23.40 -16.17
N LEU C 647 47.01 22.23 -15.58
CA LEU C 647 47.04 22.11 -14.12
C LEU C 647 48.45 22.35 -13.57
N ILE C 648 48.53 22.85 -12.34
CA ILE C 648 49.82 23.08 -11.70
C ILE C 648 50.62 21.80 -11.47
N HIS C 649 49.93 20.69 -11.23
CA HIS C 649 50.61 19.39 -11.27
C HIS C 649 49.71 18.33 -11.89
N PRO C 650 50.28 17.16 -12.24
CA PRO C 650 49.54 16.16 -13.00
C PRO C 650 48.46 15.48 -12.16
N ILE C 651 47.48 14.89 -12.84
CA ILE C 651 46.39 14.20 -12.17
C ILE C 651 46.02 12.99 -13.02
N ALA C 652 45.81 11.84 -12.38
CA ALA C 652 45.38 10.66 -13.10
C ALA C 652 44.03 10.99 -13.74
N MET C 653 43.95 10.85 -15.05
CA MET C 653 42.69 11.12 -15.76
C MET C 653 42.66 10.49 -17.13
N ASP C 654 41.46 10.26 -17.63
CA ASP C 654 41.27 9.91 -19.04
C ASP C 654 39.97 10.54 -19.55
N ASP C 655 39.75 10.43 -20.86
CA ASP C 655 38.55 11.00 -21.47
C ASP C 655 37.32 10.56 -20.69
N GLY C 656 36.43 11.52 -20.41
CA GLY C 656 35.17 11.21 -19.75
C GLY C 656 35.17 11.51 -18.26
N LEU C 657 36.33 11.80 -17.70
CA LEU C 657 36.43 12.14 -16.29
C LEU C 657 35.71 13.46 -16.03
N ARG C 658 34.78 13.44 -15.08
CA ARG C 658 34.04 14.64 -14.73
C ARG C 658 34.78 15.36 -13.62
N PHE C 659 34.71 16.69 -13.61
CA PHE C 659 35.33 17.49 -12.56
C PHE C 659 34.46 18.68 -12.20
N ALA C 660 34.67 19.24 -11.01
CA ALA C 660 34.00 20.48 -10.60
C ALA C 660 34.97 21.64 -10.69
N ILE C 661 34.42 22.84 -10.85
CA ILE C 661 35.23 24.04 -10.85
C ILE C 661 34.89 24.83 -9.60
N ARG C 662 35.90 25.21 -8.84
CA ARG C 662 35.61 25.81 -7.54
C ARG C 662 36.35 27.10 -7.22
N GLU C 663 35.70 27.95 -6.43
CA GLU C 663 36.30 29.17 -5.91
C GLU C 663 36.17 29.10 -4.39
N GLY C 664 37.30 28.91 -3.72
CA GLY C 664 37.31 28.74 -2.27
C GLY C 664 36.31 27.75 -1.68
N GLY C 665 36.20 26.57 -2.28
CA GLY C 665 35.28 25.56 -1.77
C GLY C 665 33.85 25.64 -2.31
N ARG C 666 33.50 26.77 -2.91
CA ARG C 666 32.20 26.91 -3.53
C ARG C 666 32.26 26.41 -4.98
N THR C 667 31.35 25.50 -5.34
CA THR C 667 31.24 25.05 -6.73
C THR C 667 30.63 26.15 -7.62
N VAL C 668 31.30 26.46 -8.72
CA VAL C 668 30.80 27.47 -9.65
C VAL C 668 30.71 26.91 -11.08
N GLY C 669 31.13 25.66 -11.27
CA GLY C 669 31.08 25.07 -12.60
C GLY C 669 31.32 23.59 -12.59
N ALA C 670 31.21 22.97 -13.75
CA ALA C 670 31.42 21.54 -13.91
C ALA C 670 32.00 21.26 -15.28
N GLY C 671 32.83 20.23 -15.38
CA GLY C 671 33.44 19.89 -16.65
C GLY C 671 33.55 18.41 -16.92
N VAL C 672 33.82 18.10 -18.19
CA VAL C 672 34.13 16.74 -18.62
C VAL C 672 35.41 16.80 -19.42
N VAL C 673 36.37 15.94 -19.08
CA VAL C 673 37.59 15.83 -19.86
C VAL C 673 37.25 15.24 -21.23
N ALA C 674 37.56 15.97 -22.29
CA ALA C 674 37.23 15.56 -23.65
C ALA C 674 38.42 14.96 -24.38
N LYS C 675 39.61 15.45 -24.08
CA LYS C 675 40.80 14.96 -24.76
C LYS C 675 42.06 15.29 -23.95
N VAL C 676 42.82 14.26 -23.60
CA VAL C 676 44.09 14.45 -22.90
C VAL C 676 45.14 14.98 -23.86
N LEU C 677 45.98 15.89 -23.38
CA LEU C 677 46.91 16.61 -24.26
C LEU C 677 48.39 16.30 -23.95
N SER C 678 48.75 16.30 -22.66
CA SER C 678 50.13 16.00 -22.28
C SER C 678 50.21 15.09 -21.05
N SER D 7 61.96 45.18 7.17
CA SER D 7 62.05 46.00 5.96
C SER D 7 61.08 45.51 4.90
N ARG D 8 59.97 44.92 5.35
CA ARG D 8 58.93 44.46 4.43
C ARG D 8 57.55 44.46 5.09
N ASN D 9 56.95 45.64 5.18
CA ASN D 9 55.59 45.79 5.68
C ASN D 9 54.55 45.61 4.58
N SER D 10 54.41 44.39 4.09
CA SER D 10 53.34 44.06 3.15
C SER D 10 51.99 44.36 3.82
N LEU D 11 50.93 44.51 3.02
CA LEU D 11 49.61 44.70 3.59
C LEU D 11 49.31 43.56 4.56
N SER D 12 49.73 42.36 4.19
CA SER D 12 49.44 41.18 4.98
C SER D 12 50.10 41.24 6.37
N ALA D 13 51.34 41.72 6.41
CA ALA D 13 52.05 41.90 7.68
C ALA D 13 51.47 43.06 8.50
N GLN D 14 51.19 44.16 7.82
CA GLN D 14 50.50 45.30 8.44
C GLN D 14 49.20 44.87 9.11
N LEU D 15 48.42 44.04 8.41
CA LEU D 15 47.10 43.65 8.90
C LEU D 15 47.23 42.77 10.12
N ARG D 16 48.20 41.83 10.04
CA ARG D 16 48.49 40.95 11.16
C ARG D 16 48.97 41.73 12.38
N ARG D 17 49.81 42.74 12.16
CA ARG D 17 50.26 43.61 13.25
C ARG D 17 49.05 44.30 13.88
N ALA D 18 48.20 44.88 13.04
CA ALA D 18 46.96 45.53 13.53
C ALA D 18 46.07 44.56 14.31
N ALA D 19 45.86 43.36 13.78
CA ALA D 19 44.97 42.41 14.46
C ALA D 19 45.50 42.00 15.83
N ASN D 20 46.81 42.09 16.02
CA ASN D 20 47.39 41.67 17.28
C ASN D 20 47.56 42.75 18.34
N THR D 21 47.07 43.95 18.05
CA THR D 21 47.02 44.99 19.06
C THR D 21 45.81 44.80 19.96
N ARG D 22 45.80 45.54 21.06
CA ARG D 22 44.64 45.58 21.92
C ARG D 22 43.91 46.90 21.83
N ILE D 23 42.59 46.83 21.94
CA ILE D 23 41.72 48.00 21.96
C ILE D 23 41.85 48.66 23.33
N GLU D 24 42.34 49.90 23.35
CA GLU D 24 42.64 50.56 24.60
C GLU D 24 41.52 51.54 24.93
N VAL D 25 40.72 51.23 25.94
CA VAL D 25 39.78 52.23 26.45
C VAL D 25 39.56 52.16 27.94
N GLU D 26 39.12 53.29 28.48
CA GLU D 26 38.72 53.41 29.86
C GLU D 26 37.30 52.87 30.06
N GLY D 27 37.12 52.05 31.09
CA GLY D 27 35.81 51.53 31.43
C GLY D 27 35.31 50.36 30.61
N ASN D 28 34.01 50.12 30.70
CA ASN D 28 33.36 49.00 30.04
C ASN D 28 32.93 49.38 28.61
N LEU D 29 33.73 48.99 27.63
CA LEU D 29 33.47 49.35 26.24
C LEU D 29 32.10 48.85 25.75
N ALA D 30 31.80 47.58 26.04
CA ALA D 30 30.51 46.98 25.75
C ALA D 30 29.36 47.86 26.25
N LEU D 31 29.39 48.21 27.53
CA LEU D 31 28.37 49.07 28.13
C LEU D 31 28.25 50.41 27.42
N SER D 32 29.39 51.01 27.08
CA SER D 32 29.42 52.30 26.41
C SER D 32 28.76 52.23 25.05
N ILE D 33 29.05 51.18 24.31
CA ILE D 33 28.44 50.97 23.00
C ILE D 33 26.92 50.85 23.15
N ALA D 34 26.48 50.07 24.13
CA ALA D 34 25.04 49.82 24.33
C ALA D 34 24.30 51.09 24.77
N ASN D 35 24.94 51.88 25.61
CA ASN D 35 24.33 53.13 26.06
C ASN D 35 24.24 54.17 24.98
N ASP D 36 25.22 54.20 24.08
CA ASP D 36 25.21 55.16 22.99
C ASP D 36 24.13 54.78 21.98
N LEU D 37 23.90 53.48 21.87
CA LEU D 37 22.88 52.92 21.00
C LEU D 37 21.49 53.29 21.52
N LEU D 38 21.26 53.08 22.81
CA LEU D 38 20.02 53.50 23.45
C LEU D 38 19.74 55.00 23.30
N LEU D 39 20.77 55.80 23.51
CA LEU D 39 20.62 57.26 23.42
C LEU D 39 20.22 57.65 22.01
N ALA D 40 20.84 57.01 21.02
CA ALA D 40 20.57 57.31 19.63
C ALA D 40 19.13 56.97 19.22
N TYR D 41 18.52 56.02 19.93
CA TYR D 41 17.14 55.62 19.63
C TYR D 41 16.15 56.31 20.58
N GLY D 42 16.67 57.23 21.38
CA GLY D 42 15.81 57.99 22.28
C GLY D 42 15.30 57.19 23.48
N GLN D 43 16.03 56.16 23.88
CA GLN D 43 15.73 55.45 25.10
C GLN D 43 16.69 55.93 26.18
N SER D 44 16.30 55.75 27.43
CA SER D 44 17.18 56.07 28.55
C SER D 44 18.30 55.04 28.63
N PRO D 45 19.51 55.50 29.01
CA PRO D 45 20.65 54.59 29.13
C PRO D 45 20.56 53.75 30.40
N PHE D 46 21.38 52.71 30.47
CA PHE D 46 21.52 51.94 31.70
C PHE D 46 22.27 52.80 32.71
N ASN D 47 21.65 53.03 33.86
CA ASN D 47 22.25 53.81 34.93
C ASN D 47 23.46 53.14 35.59
N SER D 48 23.43 51.80 35.65
CA SER D 48 24.44 51.01 36.34
C SER D 48 24.52 49.61 35.75
N GLU D 49 25.61 48.91 36.02
CA GLU D 49 25.74 47.52 35.59
C GLU D 49 24.54 46.68 36.04
N ALA D 50 24.07 46.93 37.25
CA ALA D 50 22.91 46.22 37.79
C ALA D 50 21.66 46.33 36.89
N GLU D 51 21.43 47.51 36.32
CA GLU D 51 20.29 47.73 35.44
C GLU D 51 20.34 46.87 34.16
N CYS D 52 21.54 46.69 33.61
CA CYS D 52 21.75 45.87 32.42
C CYS D 52 21.05 44.52 32.43
N ILE D 53 21.11 43.85 33.56
CA ILE D 53 20.67 42.47 33.63
C ILE D 53 19.26 42.33 34.19
N SER D 54 18.67 43.44 34.65
CA SER D 54 17.36 43.41 35.30
C SER D 54 16.34 44.37 34.66
N PHE D 55 16.40 44.52 33.34
CA PHE D 55 15.47 45.41 32.66
C PHE D 55 14.41 44.62 31.89
N SER D 56 13.16 44.92 32.17
CA SER D 56 12.07 44.22 31.50
C SER D 56 11.44 45.12 30.46
N PRO D 57 11.19 44.56 29.28
CA PRO D 57 10.52 45.35 28.25
C PRO D 57 9.02 45.27 28.44
N ARG D 58 8.29 46.15 27.77
CA ARG D 58 6.84 46.10 27.76
C ARG D 58 6.38 45.60 26.39
N PHE D 59 5.51 44.59 26.39
CA PHE D 59 5.02 43.97 25.16
C PHE D 59 3.85 44.73 24.53
N ASP D 60 4.06 46.02 24.31
CA ASP D 60 3.13 46.86 23.58
C ASP D 60 3.93 47.92 22.86
N GLY D 61 3.25 48.75 22.10
CA GLY D 61 3.93 49.78 21.32
C GLY D 61 4.06 49.36 19.87
N THR D 62 4.51 50.31 19.05
CA THR D 62 4.80 50.02 17.66
C THR D 62 5.99 49.05 17.64
N PRO D 63 6.11 48.27 16.56
CA PRO D 63 7.26 47.36 16.46
C PRO D 63 8.60 48.08 16.63
N ASP D 64 8.71 49.28 16.06
CA ASP D 64 9.96 50.04 16.18
C ASP D 64 10.30 50.31 17.64
N ASP D 65 9.32 50.78 18.39
CA ASP D 65 9.50 51.00 19.83
C ASP D 65 9.88 49.71 20.56
N PHE D 66 9.19 48.63 20.25
CA PHE D 66 9.44 47.38 20.95
C PHE D 66 10.79 46.80 20.58
N ARG D 67 11.18 46.94 19.32
CA ARG D 67 12.40 46.32 18.84
C ARG D 67 13.64 46.83 19.59
N ILE D 68 13.71 48.15 19.81
CA ILE D 68 14.84 48.72 20.56
C ILE D 68 14.70 48.47 22.06
N ASN D 69 13.47 48.52 22.54
CA ASN D 69 13.17 48.23 23.94
C ASN D 69 13.58 46.81 24.31
N TYR D 70 13.49 45.91 23.32
CA TYR D 70 13.79 44.52 23.54
C TYR D 70 15.28 44.32 23.40
N LEU D 71 15.87 45.02 22.46
CA LEU D 71 17.32 45.01 22.40
C LEU D 71 17.88 45.45 23.76
N LYS D 72 17.25 46.46 24.36
CA LYS D 72 17.70 46.94 25.65
C LYS D 72 17.66 45.87 26.73
N ALA D 73 16.55 45.14 26.82
CA ALA D 73 16.42 44.07 27.82
C ALA D 73 17.42 42.94 27.63
N GLU D 74 17.86 42.73 26.39
CA GLU D 74 18.68 41.56 26.06
C GLU D 74 20.18 41.83 25.89
N ILE D 75 20.53 42.98 25.34
CA ILE D 75 21.86 43.21 24.78
C ILE D 75 23.05 42.91 25.74
N MET D 76 22.92 43.31 27.00
CA MET D 76 23.94 42.98 28.00
C MET D 76 23.52 41.85 28.95
N SER D 77 22.43 41.15 28.64
CA SER D 77 21.86 40.05 29.46
C SER D 77 22.85 38.95 29.78
N LYS D 78 23.81 38.74 28.89
CA LYS D 78 24.72 37.62 29.01
C LYS D 78 26.20 38.07 29.18
N TYR D 79 26.41 39.36 29.39
CA TYR D 79 27.78 39.89 29.51
C TYR D 79 28.46 39.20 30.70
N ASP D 80 29.63 38.63 30.47
CA ASP D 80 30.24 37.78 31.48
C ASP D 80 31.31 38.47 32.32
N ASP D 81 31.40 39.78 32.22
CA ASP D 81 32.48 40.52 32.88
C ASP D 81 32.00 41.65 33.80
N PHE D 82 30.85 41.49 34.42
CA PHE D 82 30.37 42.50 35.37
C PHE D 82 31.06 42.35 36.72
N SER D 83 31.02 43.40 37.53
CA SER D 83 31.53 43.31 38.88
C SER D 83 30.38 43.47 39.86
N LEU D 84 29.49 42.50 39.87
CA LEU D 84 28.31 42.55 40.73
C LEU D 84 28.44 41.58 41.88
N GLY D 85 29.55 40.84 41.90
CA GLY D 85 29.78 39.87 42.95
C GLY D 85 28.91 38.62 42.84
N ILE D 86 28.27 38.44 41.70
CA ILE D 86 27.44 37.27 41.49
C ILE D 86 28.32 36.06 41.23
N ASP D 87 28.13 35.00 42.01
CA ASP D 87 28.83 33.74 41.76
C ASP D 87 27.96 32.85 40.87
N THR D 88 28.16 32.96 39.55
CA THR D 88 27.26 32.31 38.60
C THR D 88 27.37 30.79 38.60
N GLU D 89 28.46 30.27 39.15
CA GLU D 89 28.59 28.82 39.30
C GLU D 89 27.77 28.33 40.48
N ALA D 90 28.05 28.91 41.64
CA ALA D 90 27.31 28.57 42.85
C ALA D 90 25.81 28.71 42.62
N VAL D 91 25.42 29.74 41.87
CA VAL D 91 24.01 29.91 41.57
C VAL D 91 23.45 28.71 40.82
N ALA D 92 24.21 28.23 39.83
CA ALA D 92 23.84 27.06 39.04
C ALA D 92 23.72 25.80 39.89
N TRP D 93 24.76 25.49 40.68
CA TRP D 93 24.72 24.32 41.56
C TRP D 93 23.55 24.34 42.52
N GLU D 94 23.17 25.53 42.99
CA GLU D 94 21.97 25.66 43.77
C GLU D 94 20.75 25.12 42.99
N LYS D 95 20.61 25.52 41.73
CA LYS D 95 19.43 25.15 40.96
C LYS D 95 19.51 23.68 40.64
N PHE D 96 20.73 23.22 40.41
CA PHE D 96 20.96 21.83 40.09
C PHE D 96 20.48 20.91 41.22
N LEU D 97 20.81 21.26 42.47
CA LEU D 97 20.32 20.49 43.62
C LEU D 97 18.82 20.56 43.74
N ALA D 98 18.25 21.73 43.45
CA ALA D 98 16.79 21.92 43.56
C ALA D 98 16.03 21.04 42.57
N ALA D 99 16.52 21.00 41.34
CA ALA D 99 15.91 20.20 40.28
C ALA D 99 15.98 18.70 40.62
N GLU D 100 17.15 18.29 41.07
CA GLU D 100 17.33 16.93 41.55
C GLU D 100 16.35 16.60 42.69
N ALA D 101 16.15 17.54 43.62
CA ALA D 101 15.20 17.33 44.70
C ALA D 101 13.79 17.25 44.12
N GLU D 102 13.55 18.05 43.09
CA GLU D 102 12.28 18.08 42.38
C GLU D 102 11.98 16.70 41.79
N CYS D 103 12.92 16.14 41.03
CA CYS D 103 12.72 14.79 40.47
C CYS D 103 12.50 13.77 41.57
N ALA D 104 13.18 13.95 42.70
CA ALA D 104 12.94 13.05 43.82
C ALA D 104 11.45 12.96 44.11
N LEU D 105 10.81 14.11 44.26
CA LEU D 105 9.39 14.16 44.58
C LEU D 105 8.55 13.52 43.47
N THR D 106 8.94 13.82 42.24
CA THR D 106 8.24 13.31 41.06
C THR D 106 8.35 11.79 40.98
N ASN D 107 9.56 11.28 41.21
CA ASN D 107 9.81 9.83 41.18
C ASN D 107 8.92 9.11 42.19
N ALA D 108 8.73 9.72 43.35
CA ALA D 108 7.89 9.11 44.38
C ALA D 108 6.38 9.24 44.07
N ARG D 109 5.97 10.42 43.63
CA ARG D 109 4.56 10.67 43.35
C ARG D 109 4.08 9.82 42.19
N LEU D 110 4.94 9.64 41.19
CA LEU D 110 4.60 8.89 39.99
C LEU D 110 4.67 7.35 40.17
N TYR D 111 5.53 6.89 41.07
CA TYR D 111 5.55 5.47 41.44
C TYR D 111 4.59 5.19 42.61
N ARG D 112 3.59 6.05 42.82
CA ARG D 112 2.68 5.93 43.97
C ARG D 112 1.23 5.73 43.60
N PRO D 113 0.55 4.81 44.30
CA PRO D 113 -0.88 4.54 44.05
C PRO D 113 -1.75 5.73 44.46
N PHE D 119 -13.72 5.95 41.81
CA PHE D 119 -12.91 6.24 40.62
C PHE D 119 -12.44 7.69 40.61
N ASN D 120 -11.12 7.89 40.67
CA ASN D 120 -10.56 9.22 40.60
C ASN D 120 -10.00 9.52 39.20
N PHE D 121 -10.19 10.76 38.74
CA PHE D 121 -9.89 11.13 37.36
C PHE D 121 -8.92 12.33 37.22
N SER D 122 -8.06 12.26 36.21
CA SER D 122 -6.93 13.17 36.15
C SER D 122 -6.43 13.37 34.72
N LEU D 123 -6.19 14.62 34.38
CA LEU D 123 -5.65 14.99 33.07
C LEU D 123 -4.23 14.46 32.89
N GLY D 124 -3.41 14.64 33.92
CA GLY D 124 -2.04 14.15 33.91
C GLY D 124 -1.91 12.66 33.60
N GLU D 125 -2.56 11.81 34.40
CA GLU D 125 -2.59 10.38 34.14
C GLU D 125 -3.14 10.04 32.74
N SER D 126 -4.21 10.71 32.33
CA SER D 126 -4.79 10.40 31.03
C SER D 126 -3.80 10.66 29.91
N CYS D 127 -3.12 11.80 29.98
CA CYS D 127 -2.11 12.10 28.97
C CYS D 127 -0.93 11.14 28.98
N ILE D 128 -0.51 10.72 30.17
CA ILE D 128 0.52 9.69 30.22
C ILE D 128 0.06 8.39 29.54
N HIS D 129 -1.17 7.98 29.82
CA HIS D 129 -1.73 6.78 29.18
C HIS D 129 -1.79 6.90 27.67
N MET D 130 -2.16 8.08 27.19
CA MET D 130 -2.28 8.27 25.76
C MET D 130 -0.90 8.38 25.12
N ALA D 131 -0.01 9.16 25.73
CA ALA D 131 1.36 9.27 25.21
C ALA D 131 2.10 7.91 25.17
N ARG D 132 1.93 7.08 26.21
CA ARG D 132 2.57 5.76 26.25
C ARG D 132 2.24 4.99 24.98
N ARG D 133 0.94 4.92 24.64
CA ARG D 133 0.48 4.15 23.48
C ARG D 133 1.03 4.70 22.16
N LYS D 134 0.97 6.01 22.00
CA LYS D 134 1.51 6.65 20.79
C LYS D 134 3.04 6.51 20.64
N ILE D 135 3.78 6.72 21.73
CA ILE D 135 5.21 6.49 21.68
C ILE D 135 5.51 5.06 21.22
N ALA D 136 4.77 4.09 21.71
CA ALA D 136 5.06 2.71 21.33
C ALA D 136 4.90 2.49 19.83
N LYS D 137 3.85 3.05 19.23
CA LYS D 137 3.64 2.93 17.78
C LYS D 137 4.77 3.61 17.03
N LEU D 138 5.22 4.74 17.55
CA LEU D 138 6.30 5.49 16.90
C LEU D 138 7.67 4.80 16.95
N ILE D 139 8.10 4.37 18.13
CA ILE D 139 9.49 3.88 18.28
C ILE D 139 9.69 2.37 18.44
N GLY D 140 8.58 1.62 18.50
CA GLY D 140 8.66 0.17 18.56
C GLY D 140 9.12 -0.33 19.90
N ASP D 141 9.41 -1.63 19.99
CA ASP D 141 9.66 -2.28 21.29
C ASP D 141 11.03 -2.00 21.89
N VAL D 142 12.02 -1.91 21.01
CA VAL D 142 13.41 -1.87 21.40
C VAL D 142 14.14 -1.19 20.24
N PRO D 143 15.23 -0.46 20.54
CA PRO D 143 16.08 0.11 19.48
C PRO D 143 16.61 -1.02 18.59
N SER D 144 16.59 -0.83 17.28
CA SER D 144 17.01 -1.89 16.36
C SER D 144 18.51 -1.90 16.17
N VAL D 145 19.01 -3.08 15.85
CA VAL D 145 20.41 -3.30 15.56
C VAL D 145 20.87 -2.47 14.37
N GLU D 146 20.02 -2.42 13.34
CA GLU D 146 20.31 -1.61 12.16
C GLU D 146 20.49 -0.14 12.51
N GLY D 147 19.62 0.37 13.37
CA GLY D 147 19.66 1.78 13.75
C GLY D 147 20.87 2.09 14.60
N MET D 148 21.17 1.22 15.56
CA MET D 148 22.38 1.41 16.36
C MET D 148 23.62 1.40 15.48
N LEU D 149 23.65 0.48 14.52
CA LEU D 149 24.78 0.33 13.61
C LEU D 149 24.97 1.62 12.82
N ARG D 150 23.86 2.23 12.44
CA ARG D 150 23.91 3.41 11.58
C ARG D 150 24.22 4.68 12.37
N HIS D 151 23.88 4.72 13.66
CA HIS D 151 23.92 5.98 14.41
C HIS D 151 24.97 6.10 15.54
N CYS D 152 25.50 4.98 16.01
CA CYS D 152 26.54 5.07 17.05
C CYS D 152 27.80 5.70 16.49
N ARG D 153 28.45 6.53 17.30
CA ARG D 153 29.67 7.22 16.86
C ARG D 153 30.24 8.01 18.04
N PHE D 154 31.49 8.44 17.93
CA PHE D 154 32.04 9.38 18.90
C PHE D 154 31.79 10.79 18.44
N SER D 155 31.65 11.71 19.40
CA SER D 155 31.52 13.13 19.09
C SER D 155 32.89 13.80 19.20
N GLY D 156 32.90 15.13 19.06
CA GLY D 156 34.12 15.91 19.14
C GLY D 156 34.28 16.59 20.49
N GLY D 157 33.44 16.22 21.45
CA GLY D 157 33.46 16.86 22.76
C GLY D 157 34.33 16.15 23.81
N ALA D 158 34.38 16.68 25.01
CA ALA D 158 35.11 16.02 26.08
C ALA D 158 34.41 14.75 26.55
N THR D 159 35.19 13.83 27.09
CA THR D 159 34.66 12.69 27.83
C THR D 159 35.44 12.60 29.13
N THR D 160 35.08 11.65 29.98
CA THR D 160 35.73 11.55 31.28
C THR D 160 37.24 11.31 31.16
N THR D 161 37.70 10.82 30.01
CA THR D 161 39.12 10.57 29.77
C THR D 161 39.75 11.56 28.80
N ASN D 162 38.93 12.27 28.02
CA ASN D 162 39.44 13.20 27.01
C ASN D 162 39.00 14.63 27.25
N ASN D 163 39.94 15.51 27.58
CA ASN D 163 39.60 16.92 27.66
C ASN D 163 39.40 17.51 26.27
N ARG D 164 39.00 18.76 26.21
CA ARG D 164 38.60 19.37 24.95
C ARG D 164 39.68 19.19 23.88
N SER D 165 40.94 19.35 24.26
CA SER D 165 42.01 19.30 23.26
C SER D 165 42.21 17.89 22.70
N TYR D 166 41.68 16.89 23.41
CA TYR D 166 41.67 15.52 22.93
C TYR D 166 40.27 15.06 22.58
N GLY D 167 39.43 16.00 22.14
CA GLY D 167 38.02 15.74 21.91
C GLY D 167 37.70 15.16 20.54
N HIS D 168 38.61 15.32 19.59
CA HIS D 168 38.37 14.84 18.24
C HIS D 168 38.16 13.32 18.22
N PRO D 169 37.18 12.85 17.44
CA PRO D 169 36.83 11.42 17.41
C PRO D 169 38.06 10.49 17.27
N SER D 170 39.05 10.89 16.49
CA SER D 170 40.27 10.10 16.32
C SER D 170 40.95 9.79 17.65
N PHE D 171 40.84 10.70 18.62
CA PHE D 171 41.41 10.47 19.94
C PHE D 171 40.51 9.56 20.79
N LYS D 172 39.24 9.44 20.39
CA LYS D 172 38.30 8.59 21.10
C LYS D 172 38.57 7.12 20.76
N PHE D 173 39.02 6.87 19.53
CA PHE D 173 39.49 5.54 19.15
C PHE D 173 40.91 5.30 19.62
N ALA D 174 41.67 6.38 19.79
CA ALA D 174 43.06 6.27 20.15
C ALA D 174 43.25 5.98 21.64
N LEU D 175 42.51 6.67 22.49
CA LEU D 175 42.64 6.44 23.93
C LEU D 175 41.48 5.57 24.42
N PRO D 176 41.78 4.62 25.31
CA PRO D 176 40.70 3.79 25.88
C PRO D 176 39.68 4.66 26.62
N GLN D 177 38.38 4.49 26.34
CA GLN D 177 37.38 5.29 27.02
C GLN D 177 36.82 4.55 28.23
N ALA D 178 36.22 5.28 29.15
CA ALA D 178 35.59 4.67 30.31
C ALA D 178 34.21 4.13 29.93
N CYS D 179 33.64 3.29 30.79
CA CYS D 179 32.25 2.96 30.67
C CYS D 179 31.60 2.56 31.98
N THR D 180 30.27 2.65 32.02
CA THR D 180 29.53 2.27 33.21
C THR D 180 29.38 0.76 33.23
N PRO D 181 29.07 0.22 34.41
CA PRO D 181 28.87 -1.22 34.57
C PRO D 181 27.77 -1.74 33.62
N ARG D 182 26.66 -1.03 33.55
CA ARG D 182 25.59 -1.50 32.68
C ARG D 182 25.94 -1.36 31.17
N ALA D 183 26.89 -0.51 30.82
CA ALA D 183 27.18 -0.33 29.39
C ALA D 183 28.26 -1.31 28.90
N LEU D 184 28.86 -2.03 29.83
CA LEU D 184 29.97 -2.91 29.50
C LEU D 184 29.63 -3.90 28.39
N LYS D 185 28.44 -4.49 28.45
CA LYS D 185 28.08 -5.52 27.48
C LYS D 185 27.95 -4.95 26.07
N TYR D 186 27.62 -3.65 25.97
CA TYR D 186 27.59 -2.98 24.65
C TYR D 186 29.01 -2.86 24.10
N VAL D 187 29.94 -2.37 24.91
CA VAL D 187 31.32 -2.30 24.48
C VAL D 187 31.82 -3.68 24.06
N LEU D 188 31.50 -4.69 24.85
CA LEU D 188 31.96 -6.07 24.58
C LEU D 188 31.38 -6.61 23.27
N ALA D 189 30.13 -6.28 22.97
CA ALA D 189 29.56 -6.69 21.70
C ALA D 189 30.24 -5.96 20.53
N LEU D 190 30.51 -4.67 20.72
CA LEU D 190 31.30 -3.93 19.74
C LEU D 190 32.66 -4.62 19.56
N ARG D 191 33.30 -4.97 20.69
CA ARG D 191 34.64 -5.56 20.60
C ARG D 191 34.63 -6.88 19.85
N ALA D 192 33.62 -7.70 20.09
CA ALA D 192 33.51 -8.99 19.42
C ALA D 192 33.29 -8.88 17.90
N SER D 193 32.78 -7.74 17.44
CA SER D 193 32.39 -7.60 16.03
C SER D 193 33.52 -7.10 15.13
N THR D 194 34.67 -6.76 15.71
CA THR D 194 35.80 -6.25 14.94
C THR D 194 37.14 -6.88 15.32
N HIS D 195 38.08 -6.92 14.36
CA HIS D 195 39.43 -7.44 14.64
C HIS D 195 40.28 -6.40 15.35
N PHE D 196 39.97 -5.12 15.17
CA PHE D 196 40.63 -4.07 15.93
C PHE D 196 40.26 -4.30 17.37
N ASP D 197 41.08 -3.80 18.28
CA ASP D 197 40.68 -3.98 19.66
C ASP D 197 40.17 -2.68 20.23
N THR D 198 39.10 -2.80 21.00
CA THR D 198 38.50 -1.64 21.59
C THR D 198 38.74 -1.77 23.09
N ARG D 199 39.32 -0.74 23.68
CA ARG D 199 39.80 -0.85 25.04
C ARG D 199 38.95 0.01 25.95
N ILE D 200 38.83 -0.45 27.18
CA ILE D 200 38.11 0.30 28.21
C ILE D 200 39.16 0.73 29.21
N SER D 201 39.13 2.00 29.62
CA SER D 201 40.12 2.51 30.55
C SER D 201 39.75 2.10 31.98
N ASP D 202 38.52 2.44 32.41
CA ASP D 202 37.95 1.96 33.68
C ASP D 202 36.45 1.78 33.57
N ILE D 203 35.91 0.96 34.45
CA ILE D 203 34.47 0.80 34.57
C ILE D 203 34.01 1.58 35.81
N SER D 204 33.21 2.61 35.60
CA SER D 204 32.79 3.48 36.70
C SER D 204 31.43 4.03 36.38
N PRO D 205 30.61 4.25 37.41
CA PRO D 205 29.23 4.68 37.16
C PRO D 205 29.10 6.19 37.23
N PHE D 206 30.24 6.88 37.30
CA PHE D 206 30.23 8.33 37.42
C PHE D 206 30.41 9.04 36.08
N ASN D 207 29.56 10.02 35.79
CA ASN D 207 29.94 11.05 34.84
C ASN D 207 30.53 12.24 35.63
N LYS D 208 30.92 13.30 34.93
CA LYS D 208 31.48 14.48 35.61
C LYS D 208 30.59 15.68 35.40
N ALA D 209 30.10 16.27 36.49
CA ALA D 209 29.21 17.43 36.37
C ALA D 209 29.98 18.74 36.44
N VAL D 210 29.65 19.67 35.54
CA VAL D 210 30.34 20.94 35.48
C VAL D 210 29.45 22.06 34.98
N THR D 211 29.98 23.27 35.03
CA THR D 211 29.27 24.47 34.60
C THR D 211 29.89 25.11 33.37
N VAL D 212 29.01 25.49 32.43
CA VAL D 212 29.40 26.37 31.33
C VAL D 212 28.59 27.68 31.40
N PRO D 213 29.05 28.72 30.70
CA PRO D 213 28.36 30.01 30.85
C PRO D 213 26.95 29.96 30.25
N LYS D 214 26.06 30.79 30.77
CA LYS D 214 24.72 30.94 30.20
C LYS D 214 24.34 32.42 30.10
N ASN D 215 24.22 33.07 31.24
CA ASN D 215 23.97 34.51 31.28
C ASN D 215 24.66 35.12 32.49
N SER D 216 24.49 36.43 32.69
CA SER D 216 25.18 37.15 33.76
C SER D 216 24.76 36.72 35.17
N LYS D 217 23.57 36.13 35.28
CA LYS D 217 23.04 35.73 36.57
C LYS D 217 23.44 34.31 37.03
N THR D 218 23.62 33.40 36.07
CA THR D 218 23.84 32.00 36.41
C THR D 218 24.47 31.22 35.28
N ASP D 219 25.29 30.22 35.63
CA ASP D 219 25.82 29.27 34.66
C ASP D 219 24.81 28.22 34.25
N ARG D 220 25.28 27.28 33.44
CA ARG D 220 24.48 26.14 33.01
C ARG D 220 25.21 24.88 33.45
N CYS D 221 24.48 23.95 34.06
CA CYS D 221 25.07 22.68 34.45
C CYS D 221 24.99 21.70 33.30
N ILE D 222 26.07 20.95 33.12
CA ILE D 222 26.12 19.92 32.11
C ILE D 222 26.91 18.72 32.63
N ALA D 223 26.88 17.63 31.89
CA ALA D 223 27.63 16.45 32.30
C ALA D 223 28.57 16.04 31.19
N ILE D 224 29.71 15.52 31.59
CA ILE D 224 30.68 14.96 30.69
C ILE D 224 30.65 13.45 30.91
N GLU D 225 30.27 12.72 29.87
CA GLU D 225 30.02 11.29 29.99
C GLU D 225 31.28 10.45 29.80
N PRO D 226 31.22 9.21 30.29
CA PRO D 226 32.22 8.23 29.89
C PRO D 226 32.11 8.03 28.38
N GLY D 227 33.25 8.00 27.70
CA GLY D 227 33.27 7.94 26.24
C GLY D 227 32.47 6.86 25.55
N TRP D 228 32.52 5.63 26.08
CA TRP D 228 31.79 4.52 25.43
C TRP D 228 30.29 4.68 25.59
N ASN D 229 29.87 5.12 26.76
CA ASN D 229 28.48 5.45 27.01
C ASN D 229 27.96 6.44 25.97
N MET D 230 28.72 7.51 25.78
CA MET D 230 28.40 8.55 24.82
C MET D 230 28.27 7.95 23.42
N PHE D 231 29.25 7.14 23.03
CA PHE D 231 29.23 6.44 21.75
C PHE D 231 27.87 5.77 21.50
N PHE D 232 27.34 5.09 22.52
CA PHE D 232 26.05 4.41 22.39
C PHE D 232 24.85 5.34 22.56
N GLN D 233 24.97 6.34 23.44
CA GLN D 233 23.92 7.33 23.59
C GLN D 233 23.62 7.99 22.23
N LEU D 234 24.67 8.33 21.49
CA LEU D 234 24.50 8.99 20.18
C LEU D 234 23.73 8.08 19.23
N GLY D 235 23.90 6.78 19.38
CA GLY D 235 23.11 5.83 18.61
C GLY D 235 21.62 5.97 18.89
N ILE D 236 21.26 5.94 20.17
CA ILE D 236 19.90 6.24 20.60
C ILE D 236 19.44 7.59 20.04
N GLY D 237 20.26 8.63 20.24
CA GLY D 237 19.92 9.96 19.78
C GLY D 237 19.55 9.97 18.31
N GLY D 238 20.43 9.40 17.49
CA GLY D 238 20.21 9.30 16.05
C GLY D 238 18.90 8.58 15.67
N ILE D 239 18.56 7.50 16.37
CA ILE D 239 17.36 6.75 16.03
C ILE D 239 16.10 7.56 16.34
N LEU D 240 16.10 8.19 17.52
CA LEU D 240 15.00 9.03 17.93
C LEU D 240 14.76 10.18 16.92
N ARG D 241 15.85 10.78 16.47
CA ARG D 241 15.79 11.88 15.51
C ARG D 241 15.09 11.40 14.24
N ASP D 242 15.47 10.22 13.76
CA ASP D 242 14.85 9.62 12.58
C ASP D 242 13.33 9.42 12.77
N ARG D 243 12.95 8.76 13.86
CA ARG D 243 11.56 8.45 14.16
C ARG D 243 10.67 9.69 14.34
N LEU D 244 11.21 10.72 14.98
CA LEU D 244 10.44 11.94 15.23
C LEU D 244 9.96 12.61 13.96
N ARG D 245 10.64 12.35 12.86
CA ARG D 245 10.21 12.90 11.57
C ARG D 245 8.78 12.45 11.24
N CYS D 246 8.36 11.28 11.72
CA CYS D 246 7.00 10.82 11.48
C CYS D 246 5.94 11.64 12.22
N TRP D 247 6.36 12.50 13.14
CA TRP D 247 5.44 13.38 13.85
C TRP D 247 5.67 14.79 13.35
N GLY D 248 6.30 14.88 12.19
CA GLY D 248 6.58 16.17 11.57
C GLY D 248 7.61 17.01 12.30
N ILE D 249 8.44 16.35 13.10
CA ILE D 249 9.44 17.03 13.89
C ILE D 249 10.82 16.71 13.35
N ASP D 250 11.52 17.74 12.88
CA ASP D 250 12.85 17.57 12.32
C ASP D 250 13.87 18.29 13.21
N LEU D 251 14.55 17.51 14.04
CA LEU D 251 15.53 18.03 14.99
C LEU D 251 16.83 18.53 14.33
N ASN D 252 16.91 18.45 13.01
CA ASN D 252 18.07 19.00 12.30
C ASN D 252 17.77 20.37 11.73
N ASP D 253 16.50 20.77 11.82
CA ASP D 253 16.05 22.00 11.18
C ASP D 253 15.31 22.93 12.14
N GLN D 254 16.03 23.93 12.64
CA GLN D 254 15.46 24.89 13.55
C GLN D 254 14.51 25.88 12.87
N THR D 255 14.51 25.93 11.55
CA THR D 255 13.80 27.03 10.91
C THR D 255 12.31 26.79 10.94
N ILE D 256 11.93 25.53 11.09
CA ILE D 256 10.53 25.18 11.20
C ILE D 256 9.93 25.91 12.40
N ASN D 257 10.56 25.80 13.56
CA ASN D 257 10.03 26.44 14.75
C ASN D 257 10.08 27.97 14.61
N GLN D 258 11.11 28.47 13.94
CA GLN D 258 11.29 29.91 13.80
C GLN D 258 10.12 30.49 13.04
N ARG D 259 9.81 29.90 11.90
CA ARG D 259 8.65 30.31 11.11
C ARG D 259 7.33 30.19 11.87
N ARG D 260 7.16 29.13 12.65
CA ARG D 260 5.88 28.95 13.34
C ARG D 260 5.75 30.03 14.42
N ALA D 261 6.86 30.45 15.00
CA ALA D 261 6.85 31.55 15.96
C ALA D 261 6.41 32.86 15.30
N HIS D 262 6.92 33.10 14.10
CA HIS D 262 6.59 34.29 13.36
C HIS D 262 5.09 34.30 13.06
N GLU D 263 4.61 33.15 12.59
CA GLU D 263 3.21 32.92 12.32
C GLU D 263 2.36 33.19 13.56
N GLY D 264 2.78 32.64 14.69
CA GLY D 264 2.09 32.89 15.94
C GLY D 264 2.02 34.36 16.30
N SER D 265 3.05 35.13 15.97
CA SER D 265 3.05 36.54 16.35
C SER D 265 2.07 37.31 15.46
N VAL D 266 1.77 36.75 14.30
CA VAL D 266 0.79 37.35 13.43
C VAL D 266 -0.64 36.86 13.71
N THR D 267 -0.85 35.53 13.79
CA THR D 267 -2.20 34.98 13.91
C THR D 267 -2.70 34.89 15.34
N ASN D 268 -1.77 34.85 16.29
CA ASN D 268 -2.08 34.52 17.69
C ASN D 268 -2.74 33.15 17.95
N ASN D 269 -2.68 32.26 16.95
CA ASN D 269 -3.24 30.91 17.11
C ASN D 269 -2.27 29.85 17.59
N LEU D 270 -0.98 30.17 17.52
CA LEU D 270 0.08 29.30 17.97
C LEU D 270 0.74 29.93 19.18
N ALA D 271 1.09 29.10 20.15
CA ALA D 271 1.81 29.57 21.33
C ALA D 271 3.26 29.09 21.31
N THR D 272 4.18 29.91 21.82
CA THR D 272 5.54 29.44 22.07
C THR D 272 5.73 29.25 23.56
N VAL D 273 6.15 28.04 23.93
CA VAL D 273 6.30 27.64 25.31
C VAL D 273 7.76 27.36 25.65
N ASP D 274 8.30 28.12 26.60
CA ASP D 274 9.64 27.87 27.09
C ASP D 274 9.61 27.06 28.40
N LEU D 275 10.34 25.95 28.39
CA LEU D 275 10.47 25.13 29.58
C LEU D 275 11.72 25.49 30.39
N SER D 276 11.48 26.03 31.56
CA SER D 276 12.51 26.44 32.51
C SER D 276 13.54 25.35 32.80
N ALA D 277 14.52 25.20 31.90
CA ALA D 277 15.56 24.20 32.04
C ALA D 277 15.00 22.90 32.60
N ALA D 278 13.88 22.46 32.03
CA ALA D 278 13.30 21.20 32.45
C ALA D 278 14.04 20.05 31.76
N SER D 279 15.18 20.38 31.14
CA SER D 279 16.09 19.37 30.62
C SER D 279 16.86 18.69 31.75
N ASP D 280 16.49 19.04 32.98
CA ASP D 280 17.06 18.46 34.18
C ASP D 280 15.97 17.96 35.08
N SER D 281 14.73 18.00 34.59
CA SER D 281 13.58 17.65 35.40
C SER D 281 12.87 16.44 34.85
N ILE D 282 13.47 15.83 33.83
CA ILE D 282 12.97 14.60 33.26
C ILE D 282 13.37 13.46 34.18
N SER D 283 12.42 13.06 35.00
CA SER D 283 12.61 12.05 36.02
C SER D 283 12.62 10.62 35.46
N LEU D 284 13.37 9.75 36.13
CA LEU D 284 13.39 8.33 35.85
C LEU D 284 11.97 7.78 35.74
N ALA D 285 11.12 8.20 36.68
CA ALA D 285 9.75 7.68 36.76
C ALA D 285 8.94 8.02 35.50
N LEU D 286 8.98 9.27 35.07
CA LEU D 286 8.29 9.67 33.85
C LEU D 286 8.74 8.84 32.64
N CYS D 287 10.04 8.59 32.52
CA CYS D 287 10.51 7.82 31.36
C CYS D 287 10.01 6.41 31.37
N GLU D 288 10.01 5.80 32.56
CA GLU D 288 9.59 4.42 32.68
C GLU D 288 8.12 4.28 32.33
N LEU D 289 7.33 5.30 32.69
CA LEU D 289 5.89 5.29 32.39
C LEU D 289 5.61 5.49 30.89
N LEU D 290 6.43 6.29 30.22
CA LEU D 290 6.15 6.65 28.83
C LEU D 290 6.76 5.69 27.80
N LEU D 291 7.89 5.10 28.15
CA LEU D 291 8.69 4.33 27.20
C LEU D 291 8.39 2.85 27.25
N PRO D 292 8.52 2.15 26.12
CA PRO D 292 8.43 0.69 26.12
C PRO D 292 9.57 0.14 26.98
N PRO D 293 9.31 -0.98 27.68
CA PRO D 293 10.33 -1.56 28.60
C PRO D 293 11.68 -1.84 27.93
N GLY D 294 11.67 -2.33 26.69
CA GLY D 294 12.91 -2.56 25.95
C GLY D 294 13.74 -1.28 25.77
N TRP D 295 13.07 -0.17 25.46
CA TRP D 295 13.73 1.14 25.34
C TRP D 295 14.23 1.65 26.67
N PHE D 296 13.38 1.58 27.68
CA PHE D 296 13.74 2.08 29.00
C PHE D 296 15.02 1.39 29.53
N GLU D 297 15.03 0.07 29.45
CA GLU D 297 16.18 -0.74 29.85
C GLU D 297 17.47 -0.27 29.19
N VAL D 298 17.39 0.05 27.90
CA VAL D 298 18.55 0.52 27.17
C VAL D 298 18.96 1.94 27.60
N LEU D 299 17.99 2.83 27.72
CA LEU D 299 18.29 4.18 28.23
C LEU D 299 18.99 4.11 29.61
N MET D 300 18.55 3.16 30.43
CA MET D 300 19.08 2.94 31.77
C MET D 300 20.47 2.34 31.71
N ASP D 301 20.70 1.46 30.72
CA ASP D 301 22.01 0.86 30.49
C ASP D 301 23.07 1.88 30.16
N LEU D 302 22.68 2.88 29.37
CA LEU D 302 23.63 3.80 28.74
C LEU D 302 23.83 5.12 29.47
N ARG D 303 22.85 5.51 30.28
CA ARG D 303 22.99 6.72 31.08
C ARG D 303 24.09 6.50 32.13
N SER D 304 24.55 7.58 32.75
CA SER D 304 25.42 7.50 33.91
C SER D 304 24.56 7.64 35.17
N PRO D 305 24.56 6.62 36.06
CA PRO D 305 23.68 6.64 37.22
C PRO D 305 24.14 7.62 38.30
N LYS D 306 25.43 7.92 38.32
CA LYS D 306 25.97 8.80 39.34
C LYS D 306 26.82 9.89 38.73
N GLY D 307 27.03 10.96 39.50
CA GLY D 307 27.87 12.05 39.06
C GLY D 307 28.86 12.46 40.13
N ARG D 308 29.97 13.02 39.68
CA ARG D 308 30.93 13.63 40.59
C ARG D 308 30.99 15.13 40.31
N LEU D 309 30.74 15.91 41.36
CA LEU D 309 30.68 17.37 41.23
C LEU D 309 32.08 17.96 41.29
N PRO D 310 32.23 19.22 40.85
CA PRO D 310 33.58 19.80 40.82
C PRO D 310 34.23 19.75 42.20
N ASP D 311 33.43 19.94 43.24
CA ASP D 311 33.94 19.94 44.61
C ASP D 311 34.17 18.54 45.20
N GLY D 312 34.00 17.51 44.37
CA GLY D 312 34.30 16.14 44.80
C GLY D 312 33.13 15.34 45.37
N SER D 313 32.04 16.03 45.72
CA SER D 313 30.85 15.36 46.22
C SER D 313 30.16 14.59 45.11
N VAL D 314 29.48 13.50 45.46
CA VAL D 314 28.80 12.68 44.47
C VAL D 314 27.27 12.81 44.52
N VAL D 315 26.62 12.52 43.39
CA VAL D 315 25.17 12.54 43.34
C VAL D 315 24.69 11.25 42.68
N THR D 316 23.61 10.70 43.21
CA THR D 316 22.92 9.59 42.54
C THR D 316 21.71 10.18 41.83
N TYR D 317 21.76 10.21 40.51
CA TYR D 317 20.78 10.96 39.70
C TYR D 317 19.33 10.46 39.83
N GLU D 318 18.44 11.40 40.15
CA GLU D 318 16.98 11.20 40.13
C GLU D 318 16.45 11.38 38.71
N LYS D 319 17.02 12.35 37.99
CA LYS D 319 16.66 12.56 36.59
C LYS D 319 17.26 11.43 35.77
N ILE D 320 16.71 11.21 34.58
CA ILE D 320 17.22 10.18 33.66
C ILE D 320 18.64 10.56 33.15
N SER D 321 18.82 11.82 32.79
CA SER D 321 20.08 12.27 32.19
C SER D 321 20.06 13.80 32.05
N SER D 322 21.16 14.37 31.57
CA SER D 322 21.30 15.82 31.50
C SER D 322 21.87 16.29 30.16
N MET D 323 21.96 17.60 29.97
CA MET D 323 22.33 18.15 28.66
C MET D 323 23.50 17.46 27.93
N GLY D 324 24.63 17.25 28.60
CA GLY D 324 25.71 16.51 27.95
C GLY D 324 25.51 15.07 27.41
N ASN D 325 24.48 14.36 27.84
CA ASN D 325 24.21 12.99 27.33
C ASN D 325 23.75 13.00 25.86
N GLY D 326 24.23 12.04 25.08
CA GLY D 326 23.98 12.01 23.65
C GLY D 326 22.58 11.62 23.16
N TYR D 327 21.66 11.37 24.08
CA TYR D 327 20.26 11.18 23.69
C TYR D 327 19.31 12.13 24.42
N THR D 328 19.83 12.92 25.35
CA THR D 328 19.00 13.85 26.11
C THR D 328 18.14 14.79 25.26
N PHE D 329 18.75 15.46 24.27
CA PHE D 329 18.06 16.44 23.42
C PHE D 329 16.87 15.79 22.69
N GLU D 330 17.10 14.60 22.16
CA GLU D 330 16.08 13.85 21.42
C GLU D 330 15.03 13.24 22.35
N LEU D 331 15.46 12.72 23.49
CA LEU D 331 14.54 12.13 24.45
C LEU D 331 13.57 13.17 25.01
N GLU D 332 14.05 14.39 25.27
CA GLU D 332 13.13 15.40 25.77
C GLU D 332 12.19 15.90 24.66
N SER D 333 12.69 15.93 23.43
CA SER D 333 11.86 16.27 22.30
C SER D 333 10.72 15.27 22.18
N LEU D 334 11.05 13.98 22.29
CA LEU D 334 10.07 12.92 22.22
C LEU D 334 9.08 13.08 23.34
N ILE D 335 9.58 13.27 24.56
CA ILE D 335 8.67 13.34 25.71
C ILE D 335 7.74 14.54 25.64
N PHE D 336 8.27 15.72 25.37
CA PHE D 336 7.44 16.93 25.27
C PHE D 336 6.42 16.82 24.14
N ALA D 337 6.86 16.38 22.97
CA ALA D 337 5.99 16.19 21.81
C ALA D 337 4.82 15.26 22.07
N SER D 338 5.12 14.11 22.68
CA SER D 338 4.09 13.10 22.90
C SER D 338 3.02 13.60 23.88
N LEU D 339 3.45 14.36 24.89
CA LEU D 339 2.48 14.95 25.85
C LEU D 339 1.69 16.06 25.19
N ALA D 340 2.36 16.93 24.43
CA ALA D 340 1.67 18.03 23.76
C ALA D 340 0.64 17.45 22.77
N ARG D 341 1.02 16.40 22.04
CA ARG D 341 0.09 15.78 21.09
C ARG D 341 -1.10 15.12 21.77
N SER D 342 -0.90 14.56 22.97
CA SER D 342 -2.01 13.94 23.69
C SER D 342 -2.92 15.01 24.27
N VAL D 343 -2.32 16.09 24.75
CA VAL D 343 -3.14 17.23 25.14
C VAL D 343 -4.03 17.74 23.98
N CYS D 344 -3.48 17.81 22.76
CA CYS D 344 -4.28 18.15 21.59
C CYS D 344 -5.45 17.17 21.34
N GLU D 345 -5.17 15.87 21.38
CA GLU D 345 -6.21 14.84 21.19
C GLU D 345 -7.32 15.05 22.22
N ILE D 346 -6.91 15.23 23.47
CA ILE D 346 -7.82 15.41 24.59
C ILE D 346 -8.73 16.62 24.39
N LEU D 347 -8.24 17.63 23.66
CA LEU D 347 -8.97 18.89 23.44
C LEU D 347 -9.65 18.98 22.06
N ASP D 348 -9.46 17.97 21.22
CA ASP D 348 -9.98 17.95 19.87
C ASP D 348 -9.28 18.99 18.99
N LEU D 349 -7.99 19.18 19.25
CA LEU D 349 -7.12 19.95 18.37
C LEU D 349 -6.34 18.98 17.51
N ASP D 350 -5.82 19.46 16.39
CA ASP D 350 -5.04 18.62 15.50
C ASP D 350 -3.61 18.48 16.06
N SER D 351 -3.20 17.26 16.37
CA SER D 351 -1.94 17.06 17.06
C SER D 351 -0.73 17.32 16.14
N SER D 352 -0.96 17.46 14.84
CA SER D 352 0.11 17.79 13.91
C SER D 352 0.37 19.28 13.99
N GLU D 353 -0.38 19.96 14.84
CA GLU D 353 -0.12 21.35 15.13
C GLU D 353 1.05 21.47 16.13
N VAL D 354 1.63 20.34 16.54
CA VAL D 354 2.70 20.36 17.52
C VAL D 354 4.09 20.25 16.88
N THR D 355 4.99 21.16 17.26
CA THR D 355 6.38 21.05 16.86
C THR D 355 7.28 21.26 18.07
N VAL D 356 8.35 20.50 18.11
CA VAL D 356 9.26 20.60 19.23
C VAL D 356 10.67 20.64 18.69
N TYR D 357 11.50 21.37 19.40
CA TYR D 357 12.93 21.34 19.12
C TYR D 357 13.61 21.42 20.48
N GLY D 358 13.90 20.25 21.05
CA GLY D 358 14.35 20.17 22.43
C GLY D 358 13.38 20.79 23.42
N ASP D 359 13.89 21.82 24.10
CA ASP D 359 13.19 22.66 25.06
C ASP D 359 12.05 23.49 24.46
N ASP D 360 12.10 23.73 23.15
CA ASP D 360 11.26 24.75 22.53
C ASP D 360 10.02 24.14 21.95
N ILE D 361 8.87 24.46 22.53
CA ILE D 361 7.60 23.84 22.13
C ILE D 361 6.65 24.83 21.45
N ILE D 362 6.05 24.39 20.36
CA ILE D 362 5.02 25.19 19.70
C ILE D 362 3.76 24.37 19.44
N LEU D 363 2.63 24.85 19.98
CA LEU D 363 1.33 24.19 19.80
C LEU D 363 0.23 25.23 19.87
N PRO D 364 -1.03 24.83 19.62
CA PRO D 364 -2.08 25.85 19.52
C PRO D 364 -2.26 26.59 20.83
N SER D 365 -2.48 27.91 20.76
CA SER D 365 -2.63 28.72 21.97
C SER D 365 -3.67 28.16 22.95
N CYS D 366 -4.74 27.58 22.41
CA CYS D 366 -5.83 27.00 23.20
C CYS D 366 -5.41 25.82 24.07
N ALA D 367 -4.31 25.15 23.72
CA ALA D 367 -3.85 23.97 24.46
C ALA D 367 -3.04 24.32 25.69
N VAL D 368 -2.58 25.56 25.76
CA VAL D 368 -1.55 25.92 26.75
C VAL D 368 -1.94 25.64 28.21
N PRO D 369 -3.11 26.11 28.65
CA PRO D 369 -3.57 25.84 30.03
C PRO D 369 -3.59 24.36 30.40
N ALA D 370 -4.09 23.52 29.50
CA ALA D 370 -4.07 22.08 29.71
C ALA D 370 -2.63 21.58 29.76
N LEU D 371 -1.80 22.05 28.84
CA LEU D 371 -0.39 21.66 28.81
C LEU D 371 0.31 22.04 30.12
N ARG D 372 -0.06 23.18 30.71
CA ARG D 372 0.59 23.59 31.94
C ARG D 372 0.20 22.63 33.05
N GLU D 373 -1.05 22.18 33.03
CA GLU D 373 -1.51 21.23 34.06
C GLU D 373 -0.79 19.88 33.92
N VAL D 374 -0.76 19.36 32.71
CA VAL D 374 -0.04 18.12 32.44
C VAL D 374 1.42 18.24 32.87
N PHE D 375 2.06 19.34 32.51
CA PHE D 375 3.46 19.55 32.86
C PHE D 375 3.72 19.62 34.38
N LYS D 376 2.84 20.27 35.12
CA LYS D 376 2.97 20.29 36.58
C LYS D 376 2.89 18.86 37.10
N TYR D 377 1.99 18.09 36.51
CA TYR D 377 1.74 16.73 36.98
C TYR D 377 2.92 15.80 36.70
N VAL D 378 3.69 16.04 35.64
CA VAL D 378 4.77 15.14 35.33
C VAL D 378 6.10 15.69 35.80
N GLY D 379 6.04 16.77 36.59
CA GLY D 379 7.21 17.31 37.26
C GLY D 379 8.04 18.36 36.53
N PHE D 380 7.46 18.93 35.46
CA PHE D 380 8.10 20.05 34.78
C PHE D 380 7.56 21.34 35.32
N THR D 381 8.38 22.38 35.21
CA THR D 381 8.02 23.67 35.73
C THR D 381 8.02 24.65 34.56
N THR D 382 6.84 25.16 34.23
CA THR D 382 6.72 26.06 33.09
C THR D 382 7.00 27.51 33.51
N ASN D 383 7.88 28.18 32.75
CA ASN D 383 8.22 29.57 33.00
C ASN D 383 7.22 30.53 32.35
N THR D 384 6.28 31.00 33.14
CA THR D 384 5.19 31.85 32.67
C THR D 384 5.67 33.07 31.90
N LYS D 385 6.80 33.63 32.31
CA LYS D 385 7.29 34.83 31.66
C LYS D 385 7.80 34.60 30.23
N LYS D 386 8.27 33.40 29.93
CA LYS D 386 8.78 33.10 28.60
C LYS D 386 7.80 32.24 27.81
N THR D 387 6.59 32.10 28.32
CA THR D 387 5.56 31.36 27.61
C THR D 387 4.59 32.38 27.03
N PHE D 388 4.36 32.32 25.72
CA PHE D 388 3.51 33.31 25.07
C PHE D 388 2.35 32.68 24.29
N SER D 389 1.13 32.91 24.75
CA SER D 389 -0.06 32.35 24.04
C SER D 389 -1.06 33.44 23.68
N GLU D 390 -0.69 34.68 23.96
CA GLU D 390 -1.42 35.85 23.53
C GLU D 390 -0.46 37.02 23.45
N GLY D 391 -0.93 38.17 23.00
CA GLY D 391 -0.07 39.32 22.79
C GLY D 391 0.64 39.17 21.46
N PRO D 392 1.31 40.24 21.04
CA PRO D 392 1.97 40.37 19.71
C PRO D 392 3.34 39.68 19.60
N PHE D 393 3.86 39.15 20.70
CA PHE D 393 5.22 38.61 20.72
C PHE D 393 5.28 37.08 20.75
N ARG D 394 6.19 36.49 19.98
CA ARG D 394 6.52 35.07 20.12
C ARG D 394 8.04 34.91 20.00
N GLU D 395 8.57 33.80 20.49
CA GLU D 395 9.99 33.52 20.28
C GLU D 395 10.24 32.01 20.26
N SER D 396 11.04 31.56 19.29
CA SER D 396 11.44 30.15 19.24
C SER D 396 12.79 29.94 18.51
N CYS D 397 13.63 29.08 19.07
CA CYS D 397 14.83 28.62 18.39
C CYS D 397 15.74 29.75 17.91
N GLY D 398 15.92 30.78 18.74
CA GLY D 398 16.77 31.90 18.35
C GLY D 398 16.12 33.06 17.61
N LYS D 399 14.89 32.89 17.13
CA LYS D 399 14.17 34.01 16.48
C LYS D 399 13.06 34.61 17.34
N HIS D 400 12.93 35.93 17.27
CA HIS D 400 11.96 36.65 18.09
C HIS D 400 11.12 37.54 17.21
N TYR D 401 9.80 37.47 17.40
CA TYR D 401 8.91 38.25 16.55
C TYR D 401 7.86 39.03 17.31
N TYR D 402 7.56 40.21 16.78
CA TYR D 402 6.53 41.09 17.33
C TYR D 402 5.64 41.50 16.16
N SER D 403 4.42 40.98 16.14
CA SER D 403 3.48 41.23 15.02
C SER D 403 4.09 41.03 13.64
N GLY D 404 4.81 39.93 13.46
CA GLY D 404 5.41 39.61 12.17
C GLY D 404 6.77 40.25 11.96
N VAL D 405 7.14 41.20 12.81
CA VAL D 405 8.42 41.88 12.66
C VAL D 405 9.56 41.15 13.38
N ASP D 406 10.64 40.89 12.65
CA ASP D 406 11.83 40.29 13.26
C ASP D 406 12.44 41.25 14.26
N VAL D 407 12.42 40.86 15.53
CA VAL D 407 13.01 41.67 16.58
C VAL D 407 14.06 40.89 17.38
N THR D 408 14.63 39.87 16.75
CA THR D 408 15.76 39.15 17.30
C THR D 408 16.84 40.16 17.72
N PRO D 409 17.27 40.11 18.97
CA PRO D 409 18.33 41.02 19.43
C PRO D 409 19.72 40.47 19.09
N PHE D 410 20.78 41.16 19.49
CA PHE D 410 22.11 40.54 19.54
C PHE D 410 22.68 40.69 20.95
N TYR D 411 23.76 39.98 21.23
CA TYR D 411 24.32 39.93 22.58
C TYR D 411 25.79 40.20 22.61
N ILE D 412 26.21 40.98 23.57
CA ILE D 412 27.63 41.14 23.82
C ILE D 412 27.97 40.24 25.01
N ARG D 413 28.74 39.21 24.76
CA ARG D 413 29.01 38.20 25.78
C ARG D 413 30.29 38.41 26.56
N HIS D 414 31.28 39.08 25.96
CA HIS D 414 32.59 39.16 26.60
C HIS D 414 33.17 40.57 26.60
N ARG D 415 34.12 40.81 27.52
CA ARG D 415 34.88 42.04 27.52
C ARG D 415 35.51 42.20 26.13
N ILE D 416 35.28 43.35 25.51
CA ILE D 416 35.83 43.64 24.19
C ILE D 416 37.30 44.04 24.28
N VAL D 417 38.19 43.16 23.87
CA VAL D 417 39.63 43.33 24.11
C VAL D 417 40.43 43.53 22.84
N SER D 418 40.23 42.65 21.87
CA SER D 418 41.00 42.68 20.64
C SER D 418 40.17 43.31 19.52
N PRO D 419 40.84 43.64 18.40
CA PRO D 419 40.09 44.20 17.26
C PRO D 419 39.04 43.21 16.74
N ALA D 420 39.34 41.91 16.78
CA ALA D 420 38.34 40.92 16.35
C ALA D 420 37.08 40.97 17.22
N ASP D 421 37.24 41.14 18.53
CA ASP D 421 36.06 41.27 19.40
C ASP D 421 35.21 42.46 18.94
N LEU D 422 35.87 43.58 18.66
CA LEU D 422 35.14 44.81 18.36
C LEU D 422 34.44 44.68 17.01
N ILE D 423 35.11 44.06 16.04
CA ILE D 423 34.54 43.81 14.73
C ILE D 423 33.30 42.91 14.83
N LEU D 424 33.31 41.94 15.74
CA LEU D 424 32.15 41.06 15.87
C LEU D 424 30.96 41.87 16.32
N VAL D 425 31.18 42.69 17.35
CA VAL D 425 30.12 43.55 17.86
C VAL D 425 29.62 44.49 16.76
N LEU D 426 30.55 45.15 16.06
CA LEU D 426 30.14 46.08 15.01
C LEU D 426 29.37 45.39 13.88
N ASN D 427 29.82 44.20 13.50
CA ASN D 427 29.09 43.39 12.55
C ASN D 427 27.67 42.95 13.02
N ASN D 428 27.54 42.57 14.28
CA ASN D 428 26.21 42.25 14.81
C ASN D 428 25.28 43.47 14.77
N LEU D 429 25.83 44.65 15.08
CA LEU D 429 25.09 45.92 14.99
C LEU D 429 24.62 46.16 13.55
N TYR D 430 25.55 46.02 12.63
CA TYR D 430 25.23 46.12 11.21
C TYR D 430 24.06 45.20 10.83
N ARG D 431 24.16 43.92 11.15
CA ARG D 431 23.11 42.96 10.73
C ARG D 431 21.77 43.32 11.34
N TRP D 432 21.80 43.75 12.60
CA TRP D 432 20.57 44.12 13.30
C TRP D 432 19.96 45.41 12.78
N ALA D 433 20.80 46.34 12.35
CA ALA D 433 20.36 47.71 12.09
C ALA D 433 20.23 48.05 10.61
N THR D 434 20.61 47.13 9.73
CA THR D 434 20.44 47.38 8.31
C THR D 434 19.29 46.60 7.71
N ILE D 435 18.78 47.14 6.61
CA ILE D 435 17.84 46.45 5.76
C ILE D 435 18.41 46.45 4.34
N ASP D 436 18.82 45.28 3.88
CA ASP D 436 19.33 45.15 2.53
C ASP D 436 20.56 46.05 2.35
N GLY D 437 21.45 46.04 3.34
CA GLY D 437 22.68 46.84 3.29
C GLY D 437 22.51 48.34 3.50
N VAL D 438 21.29 48.79 3.77
CA VAL D 438 21.04 50.20 4.07
C VAL D 438 20.84 50.42 5.57
N TRP D 439 21.56 51.39 6.13
CA TRP D 439 21.59 51.62 7.57
C TRP D 439 20.37 52.38 8.06
N ASP D 440 19.84 51.97 9.21
CA ASP D 440 19.00 52.85 10.02
C ASP D 440 19.94 53.95 10.54
N PRO D 441 19.65 55.20 10.20
CA PRO D 441 20.53 56.31 10.56
C PRO D 441 20.81 56.38 12.07
N ARG D 442 19.86 55.99 12.90
CA ARG D 442 20.06 56.09 14.35
C ARG D 442 21.24 55.21 14.82
N ALA D 443 21.35 54.01 14.26
CA ALA D 443 22.39 53.08 14.68
C ALA D 443 23.69 53.39 13.98
N HIS D 444 23.60 53.93 12.77
CA HIS D 444 24.80 54.23 12.00
C HIS D 444 25.80 55.13 12.76
N SER D 445 25.26 56.16 13.39
CA SER D 445 26.14 57.12 14.03
C SER D 445 26.98 56.43 15.11
N VAL D 446 26.38 55.46 15.82
CA VAL D 446 27.08 54.75 16.88
C VAL D 446 28.13 53.80 16.28
N TYR D 447 27.75 53.15 15.17
CA TYR D 447 28.67 52.30 14.42
C TYR D 447 29.94 53.05 13.98
N LEU D 448 29.76 54.20 13.33
CA LEU D 448 30.90 55.00 12.86
C LEU D 448 31.79 55.50 13.99
N LYS D 449 31.16 55.90 15.10
CA LYS D 449 31.91 56.32 16.27
C LYS D 449 32.83 55.20 16.80
N TYR D 450 32.30 53.99 16.96
CA TYR D 450 33.11 52.94 17.56
C TYR D 450 34.04 52.27 16.57
N ARG D 451 33.71 52.35 15.29
CA ARG D 451 34.64 51.91 14.26
C ARG D 451 35.99 52.65 14.37
N LYS D 452 35.97 53.89 14.85
CA LYS D 452 37.20 54.67 14.94
C LYS D 452 38.19 54.05 15.92
N LEU D 453 37.72 53.19 16.80
CA LEU D 453 38.62 52.55 17.77
C LEU D 453 39.54 51.50 17.15
N LEU D 454 39.20 51.05 15.94
CA LEU D 454 39.97 50.03 15.26
C LEU D 454 41.25 50.62 14.66
N PRO D 455 42.31 49.81 14.59
CA PRO D 455 43.49 50.27 13.87
C PRO D 455 43.03 50.69 12.47
N LYS D 456 43.65 51.73 11.92
CA LYS D 456 43.17 52.34 10.68
C LYS D 456 42.89 51.32 9.58
N GLN D 457 43.81 50.39 9.36
CA GLN D 457 43.65 49.44 8.26
C GLN D 457 42.42 48.56 8.43
N LEU D 458 42.07 48.22 9.67
CA LEU D 458 40.94 47.32 9.89
C LEU D 458 39.61 48.07 9.80
N GLN D 459 39.69 49.40 9.69
CA GLN D 459 38.50 50.22 9.49
C GLN D 459 38.09 50.14 8.04
N ARG D 460 39.03 49.85 7.16
CA ARG D 460 38.78 49.88 5.73
C ARG D 460 38.64 48.49 5.12
N ASN D 461 39.00 47.47 5.88
CA ASN D 461 39.06 46.12 5.34
C ASN D 461 37.70 45.43 5.49
N THR D 462 36.91 45.45 4.43
CA THR D 462 35.50 44.99 4.50
C THR D 462 35.26 43.73 3.69
N ILE D 463 34.25 42.96 4.10
CA ILE D 463 33.82 41.76 3.39
C ILE D 463 32.29 41.78 3.23
N PRO D 464 31.76 41.00 2.27
CA PRO D 464 30.30 40.95 2.19
C PRO D 464 29.73 40.14 3.34
N ASP D 465 28.43 40.26 3.58
CA ASP D 465 27.77 39.44 4.60
C ASP D 465 27.82 37.97 4.21
N GLY D 466 27.88 37.09 5.20
CA GLY D 466 27.92 35.66 4.92
C GLY D 466 29.32 35.08 4.86
N TYR D 467 30.35 35.88 5.17
CA TYR D 467 31.72 35.39 5.11
C TYR D 467 32.39 35.34 6.49
N GLY D 468 31.58 35.36 7.54
CA GLY D 468 32.13 35.34 8.88
C GLY D 468 32.45 36.73 9.44
N ASP D 469 33.26 36.77 10.47
CA ASP D 469 33.45 38.02 11.21
C ASP D 469 34.92 38.36 11.40
N GLY D 470 35.75 37.89 10.46
CA GLY D 470 37.16 38.23 10.45
C GLY D 470 37.46 39.59 9.84
N ALA D 471 36.40 40.27 9.40
CA ALA D 471 36.52 41.63 8.88
C ALA D 471 35.16 42.30 9.03
N LEU D 472 35.12 43.61 8.88
CA LEU D 472 33.86 44.36 8.91
C LEU D 472 32.99 44.01 7.70
N VAL D 473 31.71 43.71 7.94
CA VAL D 473 30.76 43.56 6.86
C VAL D 473 30.55 44.90 6.20
N GLY D 474 30.71 44.94 4.88
CA GLY D 474 30.47 46.15 4.11
C GLY D 474 30.57 45.81 2.63
N SER D 475 31.00 46.76 1.82
CA SER D 475 31.16 46.50 0.40
C SER D 475 32.58 46.08 0.09
N VAL D 476 32.75 44.91 -0.51
CA VAL D 476 34.07 44.40 -0.81
C VAL D 476 34.74 45.08 -2.00
N LEU D 477 33.95 45.77 -2.81
CA LEU D 477 34.48 46.35 -4.05
C LEU D 477 35.28 47.65 -3.81
N ILE D 478 35.13 48.21 -2.62
CA ILE D 478 35.89 49.39 -2.24
C ILE D 478 37.00 49.05 -1.24
N ASN D 479 37.17 47.75 -0.96
CA ASN D 479 38.22 47.31 -0.06
C ASN D 479 39.58 47.41 -0.74
N PRO D 480 40.42 48.33 -0.26
CA PRO D 480 41.74 48.53 -0.87
C PRO D 480 42.65 47.31 -0.70
N PHE D 481 42.32 46.42 0.22
CA PHE D 481 43.13 45.23 0.44
C PHE D 481 42.65 44.03 -0.38
N ALA D 482 41.42 44.10 -0.88
CA ALA D 482 40.92 43.05 -1.75
C ALA D 482 41.72 43.08 -3.04
N LYS D 483 41.94 41.91 -3.63
CA LYS D 483 42.75 41.81 -4.84
C LYS D 483 42.11 40.80 -5.78
N ASN D 484 41.80 41.23 -7.00
CA ASN D 484 41.28 40.33 -8.02
C ASN D 484 42.43 39.62 -8.76
N ARG D 485 42.60 38.32 -8.52
CA ARG D 485 43.66 37.53 -9.15
C ARG D 485 43.03 36.41 -9.98
N GLY D 486 43.32 36.41 -11.28
CA GLY D 486 42.71 35.46 -12.20
C GLY D 486 41.20 35.49 -12.14
N TRP D 487 40.65 36.69 -12.01
CA TRP D 487 39.20 36.89 -12.00
C TRP D 487 38.51 36.34 -10.75
N ILE D 488 39.29 36.06 -9.71
CA ILE D 488 38.72 35.77 -8.40
C ILE D 488 39.19 36.82 -7.39
N ARG D 489 38.26 37.38 -6.63
CA ARG D 489 38.63 38.40 -5.66
C ARG D 489 39.00 37.75 -4.32
N TYR D 490 40.18 38.09 -3.81
CA TYR D 490 40.65 37.53 -2.55
C TYR D 490 40.74 38.63 -1.52
N VAL D 491 40.26 38.33 -0.32
CA VAL D 491 40.17 39.32 0.74
C VAL D 491 40.82 38.78 2.00
N PRO D 492 41.63 39.62 2.66
CA PRO D 492 42.24 39.15 3.92
C PRO D 492 41.25 39.21 5.08
N VAL D 493 41.21 38.16 5.88
CA VAL D 493 40.41 38.17 7.10
C VAL D 493 41.24 37.70 8.29
N ILE D 494 40.82 38.15 9.47
CA ILE D 494 41.45 37.79 10.72
C ILE D 494 41.02 36.40 11.14
N THR D 495 41.98 35.57 11.53
CA THR D 495 41.68 34.22 12.05
C THR D 495 42.44 33.94 13.33
N ASP D 496 42.07 32.86 14.02
CA ASP D 496 42.85 32.42 15.19
C ASP D 496 44.16 31.83 14.73
N HIS D 497 45.25 32.31 15.33
CA HIS D 497 46.55 31.77 14.99
C HIS D 497 46.67 30.40 15.66
N THR D 498 47.15 29.39 14.92
CA THR D 498 47.25 28.04 15.45
C THR D 498 48.63 27.41 15.22
N ARG D 499 48.91 26.38 16.00
CA ARG D 499 50.09 25.52 15.82
C ARG D 499 49.65 24.08 15.58
N ASP D 500 50.30 23.41 14.64
CA ASP D 500 49.96 22.03 14.35
C ASP D 500 50.29 21.11 15.53
N ARG D 501 49.44 20.12 15.75
CA ARG D 501 49.74 19.01 16.65
C ARG D 501 49.79 17.75 15.81
N GLU D 502 50.42 16.69 16.31
CA GLU D 502 50.39 15.44 15.58
C GLU D 502 49.08 14.70 15.88
N ARG D 503 48.47 14.12 14.86
CA ARG D 503 47.29 13.29 15.04
C ARG D 503 47.70 11.89 15.50
N ALA D 504 46.85 11.24 16.29
CA ALA D 504 46.99 9.82 16.55
C ALA D 504 46.74 9.06 15.25
N GLU D 505 47.76 8.36 14.80
CA GLU D 505 47.75 7.72 13.49
C GLU D 505 46.73 6.56 13.42
N LEU D 506 46.81 5.60 14.33
CA LEU D 506 45.85 4.50 14.36
C LEU D 506 44.43 4.96 14.75
N GLY D 507 44.34 5.83 15.74
CA GLY D 507 43.08 6.45 16.09
C GLY D 507 42.42 7.11 14.88
N SER D 508 43.21 7.85 14.10
CA SER D 508 42.66 8.54 12.94
C SER D 508 42.19 7.56 11.87
N TYR D 509 42.96 6.47 11.72
CA TYR D 509 42.61 5.41 10.78
C TYR D 509 41.30 4.73 11.12
N LEU D 510 41.06 4.48 12.40
CA LEU D 510 39.83 3.82 12.83
C LEU D 510 38.64 4.74 12.61
N TYR D 511 38.80 6.01 12.97
CA TYR D 511 37.76 7.00 12.78
C TYR D 511 37.30 7.03 11.32
N ASP D 512 38.26 7.11 10.41
CA ASP D 512 37.99 7.13 8.99
C ASP D 512 37.31 5.80 8.57
N LEU D 513 37.92 4.69 8.95
CA LEU D 513 37.40 3.40 8.51
C LEU D 513 35.99 3.15 9.07
N PHE D 514 35.80 3.50 10.34
CA PHE D 514 34.51 3.40 10.99
C PHE D 514 33.48 4.28 10.29
N SER D 515 33.82 5.53 10.01
CA SER D 515 32.89 6.45 9.37
C SER D 515 32.45 6.03 7.96
N ARG D 516 33.39 5.53 7.15
CA ARG D 516 33.09 5.17 5.78
C ARG D 516 32.46 3.79 5.69
N CYS D 517 32.56 3.01 6.75
CA CYS D 517 31.90 1.69 6.77
C CYS D 517 30.55 1.72 7.49
N LEU D 518 30.29 2.78 8.28
CA LEU D 518 29.04 2.93 9.01
C LEU D 518 27.89 3.22 8.06
N SER D 519 28.24 3.50 6.81
CA SER D 519 27.26 3.82 5.78
C SER D 519 27.09 2.65 4.83
N CYS D 533 14.72 23.54 -3.92
CA CYS D 533 14.52 22.99 -5.27
C CYS D 533 15.84 22.61 -5.92
N ASP D 534 16.28 21.38 -5.69
CA ASP D 534 17.48 20.86 -6.32
C ASP D 534 17.27 20.65 -7.81
N SER D 535 18.14 21.25 -8.62
CA SER D 535 18.17 20.95 -10.05
C SER D 535 19.08 19.75 -10.27
N ALA D 536 18.67 18.86 -11.17
CA ALA D 536 19.45 17.66 -11.45
C ALA D 536 20.90 18.03 -11.78
N ASP D 537 21.08 19.24 -12.31
CA ASP D 537 22.39 19.73 -12.71
C ASP D 537 23.35 19.86 -11.52
N LEU D 538 23.04 20.75 -10.59
CA LEU D 538 23.93 20.92 -9.44
C LEU D 538 23.87 19.74 -8.44
N PHE D 539 22.98 18.78 -8.68
CA PHE D 539 22.94 17.58 -7.86
C PHE D 539 24.00 16.56 -8.26
N ALA D 540 24.11 16.29 -9.56
CA ALA D 540 25.16 15.40 -10.05
C ALA D 540 26.54 16.04 -9.80
N ILE D 541 26.61 17.37 -9.86
CA ILE D 541 27.87 18.07 -9.63
C ILE D 541 28.31 17.91 -8.17
N ASP D 542 27.35 18.01 -7.26
CA ASP D 542 27.64 17.88 -5.83
C ASP D 542 28.15 16.47 -5.51
N GLN D 543 27.61 15.48 -6.21
CA GLN D 543 28.06 14.10 -6.10
C GLN D 543 29.57 13.95 -6.34
N LEU D 544 30.15 14.89 -7.07
CA LEU D 544 31.57 14.89 -7.43
C LEU D 544 32.47 15.05 -6.21
N ILE D 545 32.00 15.82 -5.24
CA ILE D 545 32.84 16.26 -4.14
C ILE D 545 32.91 15.22 -3.04
N CYS D 546 34.13 14.83 -2.68
CA CYS D 546 34.33 13.91 -1.59
C CYS D 546 34.16 14.64 -0.25
N ARG D 547 33.25 14.15 0.57
CA ARG D 547 32.83 14.89 1.76
C ARG D 547 33.72 14.65 2.99
N SER D 548 34.44 13.53 3.01
CA SER D 548 35.37 13.28 4.10
C SER D 548 36.56 14.25 4.06
N ASN D 549 37.04 14.63 5.24
CA ASN D 549 38.25 15.42 5.34
C ASN D 549 39.25 14.75 6.28
N PRO D 550 40.52 14.68 5.86
CA PRO D 550 41.54 14.06 6.70
C PRO D 550 41.60 14.71 8.09
N THR D 551 41.91 13.93 9.11
CA THR D 551 42.06 14.47 10.46
C THR D 551 43.29 15.38 10.55
N LYS D 552 43.09 16.57 11.11
CA LYS D 552 44.17 17.50 11.29
C LYS D 552 43.94 18.22 12.61
N ILE D 553 44.93 18.14 13.50
CA ILE D 553 44.83 18.69 14.86
C ILE D 553 45.68 19.96 15.01
N SER D 554 45.12 20.93 15.73
CA SER D 554 45.72 22.25 15.91
C SER D 554 45.47 22.67 17.34
N ARG D 555 46.30 23.59 17.81
CA ARG D 555 46.05 24.21 19.09
C ARG D 555 46.09 25.69 18.76
N SER D 556 45.19 26.45 19.35
CA SER D 556 45.16 27.89 19.11
C SER D 556 46.02 28.58 20.16
N THR D 557 46.86 29.53 19.73
CA THR D 557 47.83 30.20 20.62
C THR D 557 47.30 31.44 21.35
N GLY D 558 46.15 31.95 20.94
CA GLY D 558 45.62 33.17 21.52
C GLY D 558 45.99 34.40 20.69
N LYS D 559 46.95 34.25 19.79
CA LYS D 559 47.29 35.32 18.86
C LYS D 559 46.43 35.26 17.61
N PHE D 560 46.56 36.28 16.77
CA PHE D 560 45.74 36.34 15.58
C PHE D 560 46.55 36.27 14.32
N ASP D 561 45.94 35.70 13.29
CA ASP D 561 46.55 35.61 11.98
C ASP D 561 45.66 36.27 10.91
N ILE D 562 46.14 36.19 9.68
CA ILE D 562 45.47 36.78 8.55
C ILE D 562 45.45 35.72 7.47
N GLN D 563 44.30 35.56 6.82
CA GLN D 563 44.17 34.58 5.77
C GLN D 563 43.36 35.16 4.63
N TYR D 564 43.81 34.95 3.40
CA TYR D 564 43.05 35.40 2.24
C TYR D 564 42.01 34.37 1.81
N ILE D 565 40.76 34.81 1.69
CA ILE D 565 39.70 33.96 1.18
C ILE D 565 39.09 34.50 -0.12
N ALA D 566 38.48 33.60 -0.89
CA ALA D 566 37.79 33.98 -2.10
C ALA D 566 36.42 34.58 -1.77
N CYS D 567 36.08 35.68 -2.41
CA CYS D 567 34.88 36.46 -2.11
C CYS D 567 34.12 36.79 -3.37
N SER D 568 32.79 36.74 -3.28
CA SER D 568 31.93 37.29 -4.33
C SER D 568 31.23 38.49 -3.73
N SER D 569 31.22 39.61 -4.45
CA SER D 569 30.50 40.81 -4.01
C SER D 569 29.00 40.56 -4.03
N ARG D 570 28.26 41.33 -3.24
CA ARG D 570 26.79 41.37 -3.33
C ARG D 570 26.31 41.60 -4.77
N VAL D 571 25.18 40.98 -5.11
CA VAL D 571 24.59 41.04 -6.46
C VAL D 571 23.86 42.37 -6.71
N LEU D 572 23.76 42.77 -7.97
CA LEU D 572 22.99 43.97 -8.34
C LEU D 572 21.48 43.75 -8.25
N ALA D 573 20.72 44.84 -8.12
CA ALA D 573 19.26 44.76 -8.04
C ALA D 573 18.63 44.45 -9.40
CAA PXN E . -31.88 7.75 -5.14
CAB PXN E . -27.77 12.41 1.71
CAC PXN E . -30.39 9.50 -2.27
OAD PXN E . -30.14 8.38 -3.08
CAE PXN E . -30.91 7.24 -2.86
CAF PXN E . -32.03 7.00 -3.83
OAG PXN E . -32.34 5.66 -3.93
OAH PXN E . -25.54 13.03 1.05
CAI PXN E . -26.57 12.14 0.85
CAJ PXN E . -26.91 11.91 -0.61
OAK PXN E . -27.80 10.86 -0.89
CAL PXN E . -28.16 10.63 -2.23
CAM PXN E . -29.62 10.77 -2.61
CAN PXN E . -30.23 11.92 -1.85
OAO PXN E . -29.87 13.18 -2.30
CAP PXN E . -30.72 14.27 -2.00
CAQ PXN E . -30.05 15.47 -1.38
OAR PXN E . -30.96 16.29 -0.76
OAS PXN E . -29.54 9.19 -7.69
CAT PXN E . -29.69 10.22 -6.78
CAU PXN E . -28.41 10.59 -6.08
OAV PXN E . -28.52 11.21 -4.82
CAW PXN E . -29.72 11.04 -4.10
CAX PXN E . -29.05 16.16 -2.30
CAY PXN E . -30.47 11.39 -7.32
CAA PXN F . 28.31 -2.53 17.23
CAB PXN F . 20.85 -1.70 21.83
CAC PXN F . 25.20 -2.18 19.06
OAD PXN F . 25.65 -1.90 17.74
CAE PXN F . 26.48 -0.80 17.48
CAF PXN F . 27.95 -1.07 17.38
OAG PXN F . 28.60 -0.25 16.48
OAH PXN F . 19.07 -3.29 21.50
CAI PXN F . 20.06 -2.54 20.87
CAJ PXN F . 20.91 -3.33 19.90
OAK PXN F . 22.20 -2.80 19.63
CAL PXN F . 23.11 -3.53 18.84
CAM PXN F . 24.55 -3.55 19.30
CAN PXN F . 24.60 -3.89 20.79
OAO PXN F . 23.95 -5.06 21.18
CAP PXN F . 24.35 -5.74 22.35
CAQ PXN F . 23.35 -5.87 23.47
OAR PXN F . 23.96 -5.85 24.70
OAS PXN F . 27.36 -5.88 15.22
CAT PXN F . 26.82 -5.98 16.49
CAU PXN F . 25.31 -5.98 16.55
OAV PXN F . 24.68 -5.55 17.73
CAW PXN F . 25.35 -4.60 18.53
CAX PXN F . 22.34 -7.00 23.29
CAY PXN F . 27.47 -7.04 17.33
#